data_6WRC
# 
_entry.id   6WRC 
# 
_audit_conform.dict_name       mmcif_pdbx.dic 
_audit_conform.dict_version    5.380 
_audit_conform.dict_location   http://mmcif.pdb.org/dictionaries/ascii/mmcif_pdbx.dic 
# 
loop_
_database_2.database_id 
_database_2.database_code 
_database_2.pdbx_database_accession 
_database_2.pdbx_DOI 
PDB   6WRC         pdb_00006wrc 10.2210/pdb6wrc/pdb 
WWPDB D_1000248860 ?            ?                   
# 
_pdbx_database_status.status_code                     REL 
_pdbx_database_status.status_code_sf                  REL 
_pdbx_database_status.status_code_mr                  ? 
_pdbx_database_status.entry_id                        6WRC 
_pdbx_database_status.recvd_initial_deposition_date   2020-04-29 
_pdbx_database_status.SG_entry                        N 
_pdbx_database_status.deposit_site                    RCSB 
_pdbx_database_status.process_site                    RCSB 
_pdbx_database_status.status_code_cs                  ? 
_pdbx_database_status.status_code_nmr_data            ? 
_pdbx_database_status.methods_development_category    ? 
_pdbx_database_status.pdb_format_compatible           Y 
# 
loop_
_audit_author.name 
_audit_author.pdbx_ordinal 
_audit_author.identifier_ORCID 
'Simmons, C.R.'      1 0000-0002-2290-6132 
'MacCulloch, T.'     2 0000-0001-5875-3361 
'Stephanopoulos, N.' 3 0000-0001-7859-410X 
'Yan, H.'            4 0000-0001-7397-9852 
# 
_citation.abstract                  ? 
_citation.abstract_id_CAS           ? 
_citation.book_id_ISBN              ? 
_citation.book_publisher            ? 
_citation.book_publisher_city       ? 
_citation.book_title                ? 
_citation.coordinate_linkage        ? 
_citation.country                   UK 
_citation.database_id_Medline       ? 
_citation.details                   ? 
_citation.id                        primary 
_citation.journal_abbrev            'Nat Commun' 
_citation.journal_id_ASTM           ? 
_citation.journal_id_CSD            ? 
_citation.journal_id_ISSN           2041-1723 
_citation.journal_full              ? 
_citation.journal_issue             ? 
_citation.journal_volume            13 
_citation.language                  ? 
_citation.page_first                3112 
_citation.page_last                 3112 
_citation.title                     'The influence of Holliday junction sequence and dynamics on DNA crystal self-assembly.' 
_citation.year                      2022 
_citation.database_id_CSD           ? 
_citation.pdbx_database_id_DOI      10.1038/s41467-022-30779-6 
_citation.pdbx_database_id_PubMed   35662248 
_citation.unpublished_flag          ? 
# 
loop_
_citation_author.citation_id 
_citation_author.name 
_citation_author.ordinal 
_citation_author.identifier_ORCID 
primary 'Simmons, C.R.'      1  ?                   
primary 'MacCulloch, T.'     2  ?                   
primary 'Krepl, M.'          3  0000-0002-9833-4281 
primary 'Matthies, M.'       4  ?                   
primary 'Buchberger, A.'     5  ?                   
primary 'Crawford, I.'       6  ?                   
primary 'Sponer, J.'         7  0000-0001-6558-6186 
primary 'Sulc, P.'           8  0000-0003-1565-6769 
primary 'Stephanopoulos, N.' 9  0000-0001-7859-410X 
primary 'Yan, H.'            10 0000-0001-7397-9852 
# 
_cell.angle_alpha                  90.000 
_cell.angle_alpha_esd              ? 
_cell.angle_beta                   90.000 
_cell.angle_beta_esd               ? 
_cell.angle_gamma                  120.000 
_cell.angle_gamma_esd              ? 
_cell.entry_id                     6WRC 
_cell.details                      ? 
_cell.formula_units_Z              ? 
_cell.length_a                     68.888 
_cell.length_a_esd                 ? 
_cell.length_b                     68.888 
_cell.length_b_esd                 ? 
_cell.length_c                     58.969 
_cell.length_c_esd                 ? 
_cell.volume                       ? 
_cell.volume_esd                   ? 
_cell.Z_PDB                        3 
_cell.reciprocal_angle_alpha       ? 
_cell.reciprocal_angle_beta        ? 
_cell.reciprocal_angle_gamma       ? 
_cell.reciprocal_angle_alpha_esd   ? 
_cell.reciprocal_angle_beta_esd    ? 
_cell.reciprocal_angle_gamma_esd   ? 
_cell.reciprocal_length_a          ? 
_cell.reciprocal_length_b          ? 
_cell.reciprocal_length_c          ? 
_cell.reciprocal_length_a_esd      ? 
_cell.reciprocal_length_b_esd      ? 
_cell.reciprocal_length_c_esd      ? 
_cell.pdbx_unique_axis             ? 
# 
_symmetry.entry_id                         6WRC 
_symmetry.cell_setting                     ? 
_symmetry.Int_Tables_number                145 
_symmetry.space_group_name_Hall            ? 
_symmetry.space_group_name_H-M             'P 32' 
_symmetry.pdbx_full_space_group_name_H-M   ? 
# 
loop_
_entity.id 
_entity.type 
_entity.src_method 
_entity.pdbx_description 
_entity.formula_weight 
_entity.pdbx_number_of_molecules 
_entity.pdbx_ec 
_entity.pdbx_mutation 
_entity.pdbx_fragment 
_entity.details 
1 polymer syn 
;DNA (5'-D(*GP*AP*GP*CP*AP*GP*AP*CP*CP*AP*GP*AP*CP*GP*CP*CP*AP*CP*TP*CP*A)-3')
;
6411.166 1 ? ? ? ? 
2 polymer syn 
;DNA (5'-D(P*CP*GP*TP*CP*T)-3')
;
1470.998 1 ? ? ? ? 
3 polymer syn 
;DNA (5'-D(*TP*CP*TP*GP*AP*GP*TP*GP*G)-3')
;
2786.833 1 ? ? ? ? 
4 polymer syn 
;DNA (5'-D(P*GP*GP*TP*CP*TP*GP*C)-3')
;
2129.409 1 ? ? ? ? 
# 
loop_
_entity_poly.entity_id 
_entity_poly.type 
_entity_poly.nstd_linkage 
_entity_poly.nstd_monomer 
_entity_poly.pdbx_seq_one_letter_code 
_entity_poly.pdbx_seq_one_letter_code_can 
_entity_poly.pdbx_strand_id 
_entity_poly.pdbx_target_identifier 
1 polydeoxyribonucleotide no no 
;(DG)(DA)(DG)(DC)(DA)(DG)(DA)(DC)(DC)(DA)(DG)(DA)(DC)(DG)(DC)(DC)(DA)(DC)(DT)(DC)
(DA)
;
GAGCAGACCAGACGCCACTCA A ? 
2 polydeoxyribonucleotide no no '(DC)(DG)(DT)(DC)(DT)'                                                                  CGTCT B ? 
3 polydeoxyribonucleotide no no '(DT)(DC)(DT)(DG)(DA)(DG)(DT)(DG)(DG)'                                                  TCTGAGTGG 
C ? 
4 polydeoxyribonucleotide no no '(DG)(DG)(DT)(DC)(DT)(DG)(DC)'                                                          GGTCTGC D 
? 
# 
loop_
_entity_poly_seq.entity_id 
_entity_poly_seq.num 
_entity_poly_seq.mon_id 
_entity_poly_seq.hetero 
1 1  DG n 
1 2  DA n 
1 3  DG n 
1 4  DC n 
1 5  DA n 
1 6  DG n 
1 7  DA n 
1 8  DC n 
1 9  DC n 
1 10 DA n 
1 11 DG n 
1 12 DA n 
1 13 DC n 
1 14 DG n 
1 15 DC n 
1 16 DC n 
1 17 DA n 
1 18 DC n 
1 19 DT n 
1 20 DC n 
1 21 DA n 
2 1  DC n 
2 2  DG n 
2 3  DT n 
2 4  DC n 
2 5  DT n 
3 1  DT n 
3 2  DC n 
3 3  DT n 
3 4  DG n 
3 5  DA n 
3 6  DG n 
3 7  DT n 
3 8  DG n 
3 9  DG n 
4 1  DG n 
4 2  DG n 
4 3  DT n 
4 4  DC n 
4 5  DT n 
4 6  DG n 
4 7  DC n 
# 
loop_
_pdbx_entity_src_syn.entity_id 
_pdbx_entity_src_syn.pdbx_src_id 
_pdbx_entity_src_syn.pdbx_alt_source_flag 
_pdbx_entity_src_syn.pdbx_beg_seq_num 
_pdbx_entity_src_syn.pdbx_end_seq_num 
_pdbx_entity_src_syn.organism_scientific 
_pdbx_entity_src_syn.organism_common_name 
_pdbx_entity_src_syn.ncbi_taxonomy_id 
_pdbx_entity_src_syn.details 
1 1 sample 1 21 'synthetic construct' ? 32630 ? 
2 1 sample 1 5  'synthetic construct' ? 32630 ? 
3 1 sample 1 9  'synthetic construct' ? 32630 ? 
4 1 sample 1 7  'synthetic construct' ? 32630 ? 
# 
loop_
_struct_ref.id 
_struct_ref.db_name 
_struct_ref.db_code 
_struct_ref.pdbx_db_accession 
_struct_ref.pdbx_db_isoform 
_struct_ref.entity_id 
_struct_ref.pdbx_seq_one_letter_code 
_struct_ref.pdbx_align_begin 
1 PDB 6WRC 6WRC ? 1 ? 1 
2 PDB 6WRC 6WRC ? 2 ? 1 
3 PDB 6WRC 6WRC ? 3 ? 1 
4 PDB 6WRC 6WRC ? 4 ? 1 
# 
loop_
_struct_ref_seq.align_id 
_struct_ref_seq.ref_id 
_struct_ref_seq.pdbx_PDB_id_code 
_struct_ref_seq.pdbx_strand_id 
_struct_ref_seq.seq_align_beg 
_struct_ref_seq.pdbx_seq_align_beg_ins_code 
_struct_ref_seq.seq_align_end 
_struct_ref_seq.pdbx_seq_align_end_ins_code 
_struct_ref_seq.pdbx_db_accession 
_struct_ref_seq.db_align_beg 
_struct_ref_seq.pdbx_db_align_beg_ins_code 
_struct_ref_seq.db_align_end 
_struct_ref_seq.pdbx_db_align_end_ins_code 
_struct_ref_seq.pdbx_auth_seq_align_beg 
_struct_ref_seq.pdbx_auth_seq_align_end 
1 1 6WRC A 1 ? 21 ? 6WRC 1  ? 21 ? 1  21 
2 2 6WRC B 1 ? 5  ? 6WRC 1  ? 5  ? 1  5  
3 3 6WRC C 1 ? 9  ? 6WRC 1  ? 9  ? 1  9  
4 4 6WRC D 1 ? 7  ? 6WRC 10 ? 16 ? 10 16 
# 
loop_
_chem_comp.id 
_chem_comp.type 
_chem_comp.mon_nstd_flag 
_chem_comp.name 
_chem_comp.pdbx_synonyms 
_chem_comp.formula 
_chem_comp.formula_weight 
DA 'DNA linking' y "2'-DEOXYADENOSINE-5'-MONOPHOSPHATE" ? 'C10 H14 N5 O6 P' 331.222 
DC 'DNA linking' y "2'-DEOXYCYTIDINE-5'-MONOPHOSPHATE"  ? 'C9 H14 N3 O7 P'  307.197 
DG 'DNA linking' y "2'-DEOXYGUANOSINE-5'-MONOPHOSPHATE" ? 'C10 H14 N5 O7 P' 347.221 
DT 'DNA linking' y "THYMIDINE-5'-MONOPHOSPHATE"         ? 'C10 H15 N2 O8 P' 322.208 
# 
_exptl.absorpt_coefficient_mu     ? 
_exptl.absorpt_correction_T_max   ? 
_exptl.absorpt_correction_T_min   ? 
_exptl.absorpt_correction_type    ? 
_exptl.absorpt_process_details    ? 
_exptl.entry_id                   6WRC 
_exptl.crystals_number            1 
_exptl.details                    ? 
_exptl.method                     'X-RAY DIFFRACTION' 
_exptl.method_details             ? 
# 
_exptl_crystal.colour                      ? 
_exptl_crystal.density_diffrn              ? 
_exptl_crystal.density_Matthews            6.31 
_exptl_crystal.density_method              ? 
_exptl_crystal.density_percent_sol         80.51 
_exptl_crystal.description                 ? 
_exptl_crystal.F_000                       ? 
_exptl_crystal.id                          1 
_exptl_crystal.preparation                 ? 
_exptl_crystal.size_max                    ? 
_exptl_crystal.size_mid                    ? 
_exptl_crystal.size_min                    ? 
_exptl_crystal.size_rad                    ? 
_exptl_crystal.colour_lustre               ? 
_exptl_crystal.colour_modifier             ? 
_exptl_crystal.colour_primary              ? 
_exptl_crystal.density_meas                ? 
_exptl_crystal.density_meas_esd            ? 
_exptl_crystal.density_meas_gt             ? 
_exptl_crystal.density_meas_lt             ? 
_exptl_crystal.density_meas_temp           ? 
_exptl_crystal.density_meas_temp_esd       ? 
_exptl_crystal.density_meas_temp_gt        ? 
_exptl_crystal.density_meas_temp_lt        ? 
_exptl_crystal.pdbx_crystal_image_url      ? 
_exptl_crystal.pdbx_crystal_image_format   ? 
_exptl_crystal.pdbx_mosaicity              ? 
_exptl_crystal.pdbx_mosaicity_esd          ? 
# 
_exptl_crystal_grow.apparatus       ? 
_exptl_crystal_grow.atmosphere      ? 
_exptl_crystal_grow.crystal_id      1 
_exptl_crystal_grow.details         ? 
_exptl_crystal_grow.method          'VAPOR DIFFUSION, SITTING DROP' 
_exptl_crystal_grow.method_ref      ? 
_exptl_crystal_grow.pH              ? 
_exptl_crystal_grow.pressure        ? 
_exptl_crystal_grow.pressure_esd    ? 
_exptl_crystal_grow.seeding         ? 
_exptl_crystal_grow.seeding_ref     ? 
_exptl_crystal_grow.temp            298 
_exptl_crystal_grow.temp_details    'temperature gradient generated from 60 to 25 C at 0.3 degrees per hour' 
_exptl_crystal_grow.temp_esd        ? 
_exptl_crystal_grow.time            ? 
_exptl_crystal_grow.pdbx_details    
;0.5 mL of 0.05 M Cacodylate pH 6.5 with 36 mM MgCl2, 2.25 mM spermine, and 5% PEG 400 was added to the reservoir with 2 uL added to the drop containing 4 uL of DNA stock
;
_exptl_crystal_grow.pdbx_pH_range   ? 
# 
_diffrn.ambient_environment              ? 
_diffrn.ambient_temp                     100 
_diffrn.ambient_temp_details             ? 
_diffrn.ambient_temp_esd                 ? 
_diffrn.crystal_id                       1 
_diffrn.crystal_support                  ? 
_diffrn.crystal_treatment                ? 
_diffrn.details                          ? 
_diffrn.id                               1 
_diffrn.ambient_pressure                 ? 
_diffrn.ambient_pressure_esd             ? 
_diffrn.ambient_pressure_gt              ? 
_diffrn.ambient_pressure_lt              ? 
_diffrn.ambient_temp_gt                  ? 
_diffrn.ambient_temp_lt                  ? 
_diffrn.pdbx_serial_crystal_experiment   N 
# 
_diffrn_detector.details                      ? 
_diffrn_detector.detector                     PIXEL 
_diffrn_detector.diffrn_id                    1 
_diffrn_detector.type                         'DECTRIS PILATUS3 6M' 
_diffrn_detector.area_resol_mean              ? 
_diffrn_detector.dtime                        ? 
_diffrn_detector.pdbx_frames_total            ? 
_diffrn_detector.pdbx_collection_time_total   ? 
_diffrn_detector.pdbx_collection_date         2018-05-15 
_diffrn_detector.pdbx_frequency               ? 
# 
_diffrn_radiation.collimation                      ? 
_diffrn_radiation.diffrn_id                        1 
_diffrn_radiation.filter_edge                      ? 
_diffrn_radiation.inhomogeneity                    ? 
_diffrn_radiation.monochromator                    ? 
_diffrn_radiation.polarisn_norm                    ? 
_diffrn_radiation.polarisn_ratio                   ? 
_diffrn_radiation.probe                            ? 
_diffrn_radiation.type                             ? 
_diffrn_radiation.xray_symbol                      ? 
_diffrn_radiation.wavelength_id                    1 
_diffrn_radiation.pdbx_monochromatic_or_laue_m_l   M 
_diffrn_radiation.pdbx_wavelength_list             ? 
_diffrn_radiation.pdbx_wavelength                  ? 
_diffrn_radiation.pdbx_diffrn_protocol             'SINGLE WAVELENGTH' 
_diffrn_radiation.pdbx_analyzer                    ? 
_diffrn_radiation.pdbx_scattering_type             x-ray 
# 
_diffrn_radiation_wavelength.id           1 
_diffrn_radiation_wavelength.wavelength   1 
_diffrn_radiation_wavelength.wt           1.0 
# 
_diffrn_source.current                     ? 
_diffrn_source.details                     ? 
_diffrn_source.diffrn_id                   1 
_diffrn_source.power                       ? 
_diffrn_source.size                        ? 
_diffrn_source.source                      SYNCHROTRON 
_diffrn_source.target                      ? 
_diffrn_source.type                        'ALS BEAMLINE 5.0.2' 
_diffrn_source.voltage                     ? 
_diffrn_source.take-off_angle              ? 
_diffrn_source.pdbx_wavelength_list        1 
_diffrn_source.pdbx_wavelength             ? 
_diffrn_source.pdbx_synchrotron_beamline   5.0.2 
_diffrn_source.pdbx_synchrotron_site       ALS 
# 
_reflns.B_iso_Wilson_estimate            95.340 
_reflns.entry_id                         6WRC 
_reflns.data_reduction_details           ? 
_reflns.data_reduction_method            ? 
_reflns.d_resolution_high                3.150 
_reflns.d_resolution_low                 50.000 
_reflns.details                          ? 
_reflns.limit_h_max                      ? 
_reflns.limit_h_min                      ? 
_reflns.limit_k_max                      ? 
_reflns.limit_k_min                      ? 
_reflns.limit_l_max                      ? 
_reflns.limit_l_min                      ? 
_reflns.number_all                       ? 
_reflns.number_obs                       4650 
_reflns.observed_criterion               ? 
_reflns.observed_criterion_F_max         ? 
_reflns.observed_criterion_F_min         ? 
_reflns.observed_criterion_I_max         ? 
_reflns.observed_criterion_I_min         ? 
_reflns.observed_criterion_sigma_F       ? 
_reflns.observed_criterion_sigma_I       ? 
_reflns.percent_possible_obs             88.300 
_reflns.R_free_details                   ? 
_reflns.Rmerge_F_all                     ? 
_reflns.Rmerge_F_obs                     ? 
_reflns.Friedel_coverage                 ? 
_reflns.number_gt                        ? 
_reflns.threshold_expression             ? 
_reflns.pdbx_redundancy                  9.000 
_reflns.pdbx_Rmerge_I_obs                0.108 
_reflns.pdbx_Rmerge_I_all                ? 
_reflns.pdbx_Rsym_value                  ? 
_reflns.pdbx_netI_over_av_sigmaI         ? 
_reflns.pdbx_netI_over_sigmaI            6.600 
_reflns.pdbx_res_netI_over_av_sigmaI_2   ? 
_reflns.pdbx_res_netI_over_sigmaI_2      ? 
_reflns.pdbx_chi_squared                 2.111 
_reflns.pdbx_scaling_rejects             ? 
_reflns.pdbx_d_res_high_opt              ? 
_reflns.pdbx_d_res_low_opt               ? 
_reflns.pdbx_d_res_opt_method            ? 
_reflns.phase_calculation_details        ? 
_reflns.pdbx_Rrim_I_all                  0.115 
_reflns.pdbx_Rpim_I_all                  0.038 
_reflns.pdbx_d_opt                       ? 
_reflns.pdbx_number_measured_all         ? 
_reflns.pdbx_diffrn_id                   1 
_reflns.pdbx_ordinal                     1 
_reflns.pdbx_CC_half                     0.981 
_reflns.pdbx_CC_star                     ? 
_reflns.pdbx_R_split                     ? 
# 
loop_
_reflns_shell.d_res_high 
_reflns_shell.d_res_low 
_reflns_shell.meanI_over_sigI_all 
_reflns_shell.meanI_over_sigI_obs 
_reflns_shell.number_measured_all 
_reflns_shell.number_measured_obs 
_reflns_shell.number_possible 
_reflns_shell.number_unique_all 
_reflns_shell.number_unique_obs 
_reflns_shell.percent_possible_all 
_reflns_shell.percent_possible_obs 
_reflns_shell.Rmerge_F_all 
_reflns_shell.Rmerge_F_obs 
_reflns_shell.Rmerge_I_all 
_reflns_shell.Rmerge_I_obs 
_reflns_shell.meanI_over_sigI_gt 
_reflns_shell.meanI_over_uI_all 
_reflns_shell.meanI_over_uI_gt 
_reflns_shell.number_measured_gt 
_reflns_shell.number_unique_gt 
_reflns_shell.percent_possible_gt 
_reflns_shell.Rmerge_F_gt 
_reflns_shell.Rmerge_I_gt 
_reflns_shell.pdbx_redundancy 
_reflns_shell.pdbx_Rsym_value 
_reflns_shell.pdbx_chi_squared 
_reflns_shell.pdbx_netI_over_sigmaI_all 
_reflns_shell.pdbx_netI_over_sigmaI_obs 
_reflns_shell.pdbx_Rrim_I_all 
_reflns_shell.pdbx_Rpim_I_all 
_reflns_shell.pdbx_rejects 
_reflns_shell.pdbx_ordinal 
_reflns_shell.pdbx_diffrn_id 
_reflns_shell.pdbx_CC_half 
_reflns_shell.pdbx_CC_star 
_reflns_shell.pdbx_R_split 
3.150 3.200  ? ? ? ? ? ? 183 62.200  ? ? ? ? 0.429 ? ? ? ? ? ? ? ? 5.600  ? 1.007 ? ? 0.463 0.166 ? 1  1 0.947 ? ? 
3.200 3.260  ? ? ? ? ? ? 163 66.000  ? ? ? ? 0.269 ? ? ? ? ? ? ? ? 6.700  ? 2.776 ? ? 0.287 0.096 ? 2  1 0.976 ? ? 
3.260 3.330  ? ? ? ? ? ? 176 68.000  ? ? ? ? 0.421 ? ? ? ? ? ? ? ? 6.900  ? 1.109 ? ? 0.448 0.147 ? 3  1 0.963 ? ? 
3.330 3.390  ? ? ? ? ? ? 196 73.100  ? ? ? ? 0.321 ? ? ? ? ? ? ? ? 7.200  ? 1.811 ? ? 0.342 0.114 ? 4  1 0.961 ? ? 
3.390 3.470  ? ? ? ? ? ? 208 75.400  ? ? ? ? 0.451 ? ? ? ? ? ? ? ? 7.200  ? 1.558 ? ? 0.481 0.163 ? 5  1 0.970 ? ? 
3.470 3.550  ? ? ? ? ? ? 192 79.700  ? ? ? ? 0.563 ? ? ? ? ? ? ? ? 7.700  ? 0.851 ? ? 0.601 0.203 ? 6  1 0.914 ? ? 
3.550 3.640  ? ? ? ? ? ? 228 81.700  ? ? ? ? 0.580 ? ? ? ? ? ? ? ? 7.700  ? 0.798 ? ? 0.619 0.211 ? 7  1 0.941 ? ? 
3.640 3.730  ? ? ? ? ? ? 215 85.000  ? ? ? ? 0.714 ? ? ? ? ? ? ? ? 8.300  ? 0.666 ? ? 0.761 0.257 ? 8  1 0.847 ? ? 
3.730 3.840  ? ? ? ? ? ? 242 89.300  ? ? ? ? 0.559 ? ? ? ? ? ? ? ? 8.500  ? 1.347 ? ? 0.595 0.198 ? 9  1 0.930 ? ? 
3.840 3.970  ? ? ? ? ? ? 246 96.900  ? ? ? ? 0.467 ? ? ? ? ? ? ? ? 8.800  ? 0.862 ? ? 0.494 0.162 ? 10 1 0.960 ? ? 
3.970 4.110  ? ? ? ? ? ? 253 99.600  ? ? ? ? 0.378 ? ? ? ? ? ? ? ? 10.000 ? 0.929 ? ? 0.398 0.125 ? 11 1 0.968 ? ? 
4.110 4.270  ? ? ? ? ? ? 274 99.600  ? ? ? ? 0.399 ? ? ? ? ? ? ? ? 10.300 ? 0.960 ? ? 0.420 0.130 ? 12 1 0.967 ? ? 
4.270 4.470  ? ? ? ? ? ? 259 100.000 ? ? ? ? 0.344 ? ? ? ? ? ? ? ? 10.600 ? 1.056 ? ? 0.362 0.111 ? 13 1 0.980 ? ? 
4.470 4.700  ? ? ? ? ? ? 253 100.000 ? ? ? ? 0.271 ? ? ? ? ? ? ? ? 10.600 ? 1.281 ? ? 0.285 0.088 ? 14 1 0.978 ? ? 
4.700 5.000  ? ? ? ? ? ? 271 100.000 ? ? ? ? 0.209 ? ? ? ? ? ? ? ? 9.800  ? 1.786 ? ? 0.221 0.070 ? 15 1 0.985 ? ? 
5.000 5.380  ? ? ? ? ? ? 258 100.000 ? ? ? ? 0.157 ? ? ? ? ? ? ? ? 10.300 ? 3.015 ? ? 0.165 0.051 ? 16 1 0.993 ? ? 
5.380 5.930  ? ? ? ? ? ? 271 100.000 ? ? ? ? 0.136 ? ? ? ? ? ? ? ? 10.900 ? 3.971 ? ? 0.143 0.044 ? 17 1 0.992 ? ? 
5.930 6.780  ? ? ? ? ? ? 256 100.000 ? ? ? ? 0.118 ? ? ? ? ? ? ? ? 10.600 ? 3.144 ? ? 0.124 0.038 ? 18 1 0.993 ? ? 
6.780 8.540  ? ? ? ? ? ? 260 99.600  ? ? ? ? 0.085 ? ? ? ? ? ? ? ? 9.700  ? 4.680 ? ? 0.090 0.030 ? 19 1 0.996 ? ? 
8.540 50.000 ? ? ? ? ? ? 246 92.500  ? ? ? ? 0.079 ? ? ? ? ? ? ? ? 9.400  ? 5.809 ? ? 0.085 0.030 ? 20 1 0.995 ? ? 
# 
_refine.aniso_B[1][1]                            ? 
_refine.aniso_B[1][2]                            ? 
_refine.aniso_B[1][3]                            ? 
_refine.aniso_B[2][2]                            ? 
_refine.aniso_B[2][3]                            ? 
_refine.aniso_B[3][3]                            ? 
_refine.B_iso_max                                208.100 
_refine.B_iso_mean                               147.3733 
_refine.B_iso_min                                92.370 
_refine.correlation_coeff_Fo_to_Fc               ? 
_refine.correlation_coeff_Fo_to_Fc_free          ? 
_refine.details                                  ? 
_refine.diff_density_max                         ? 
_refine.diff_density_max_esd                     ? 
_refine.diff_density_min                         ? 
_refine.diff_density_min_esd                     ? 
_refine.diff_density_rms                         ? 
_refine.diff_density_rms_esd                     ? 
_refine.entry_id                                 6WRC 
_refine.pdbx_refine_id                           'X-RAY DIFFRACTION' 
_refine.ls_abs_structure_details                 ? 
_refine.ls_abs_structure_Flack                   ? 
_refine.ls_abs_structure_Flack_esd               ? 
_refine.ls_abs_structure_Rogers                  ? 
_refine.ls_abs_structure_Rogers_esd              ? 
_refine.ls_d_res_high                            3.1780 
_refine.ls_d_res_low                             34.4440 
_refine.ls_extinction_coef                       ? 
_refine.ls_extinction_coef_esd                   ? 
_refine.ls_extinction_expression                 ? 
_refine.ls_extinction_method                     ? 
_refine.ls_goodness_of_fit_all                   ? 
_refine.ls_goodness_of_fit_all_esd               ? 
_refine.ls_goodness_of_fit_obs                   ? 
_refine.ls_goodness_of_fit_obs_esd               ? 
_refine.ls_hydrogen_treatment                    ? 
_refine.ls_matrix_type                           ? 
_refine.ls_number_constraints                    ? 
_refine.ls_number_parameters                     ? 
_refine.ls_number_reflns_all                     ? 
_refine.ls_number_reflns_obs                     4602 
_refine.ls_number_reflns_R_free                  224 
_refine.ls_number_reflns_R_work                  ? 
_refine.ls_number_restraints                     ? 
_refine.ls_percent_reflns_obs                    87.2700 
_refine.ls_percent_reflns_R_free                 4.8700 
_refine.ls_R_factor_all                          ? 
_refine.ls_R_factor_obs                          0.2490 
_refine.ls_R_factor_R_free                       0.2672 
_refine.ls_R_factor_R_free_error                 ? 
_refine.ls_R_factor_R_free_error_details         ? 
_refine.ls_R_factor_R_work                       0.2482 
_refine.ls_R_Fsqd_factor_obs                     ? 
_refine.ls_R_I_factor_obs                        ? 
_refine.ls_redundancy_reflns_all                 ? 
_refine.ls_redundancy_reflns_obs                 ? 
_refine.ls_restrained_S_all                      ? 
_refine.ls_restrained_S_obs                      ? 
_refine.ls_shift_over_esd_max                    ? 
_refine.ls_shift_over_esd_mean                   ? 
_refine.ls_structure_factor_coef                 ? 
_refine.ls_weighting_details                     ? 
_refine.ls_weighting_scheme                      ? 
_refine.ls_wR_factor_all                         ? 
_refine.ls_wR_factor_obs                         ? 
_refine.ls_wR_factor_R_free                      ? 
_refine.ls_wR_factor_R_work                      ? 
_refine.occupancy_max                            ? 
_refine.occupancy_min                            ? 
_refine.solvent_model_details                    ? 
_refine.solvent_model_param_bsol                 ? 
_refine.solvent_model_param_ksol                 ? 
_refine.pdbx_R_complete                          ? 
_refine.ls_R_factor_gt                           ? 
_refine.ls_goodness_of_fit_gt                    ? 
_refine.ls_goodness_of_fit_ref                   ? 
_refine.ls_shift_over_su_max                     ? 
_refine.ls_shift_over_su_max_lt                  ? 
_refine.ls_shift_over_su_mean                    ? 
_refine.ls_shift_over_su_mean_lt                 ? 
_refine.pdbx_ls_sigma_I                          ? 
_refine.pdbx_ls_sigma_F                          1.970 
_refine.pdbx_ls_sigma_Fsqd                       ? 
_refine.pdbx_data_cutoff_high_absF               ? 
_refine.pdbx_data_cutoff_high_rms_absF           ? 
_refine.pdbx_data_cutoff_low_absF                ? 
_refine.pdbx_isotropic_thermal_model             ? 
_refine.pdbx_ls_cross_valid_method               THROUGHOUT 
_refine.pdbx_method_to_determine_struct          'MOLECULAR REPLACEMENT' 
_refine.pdbx_starting_model                      5KEK 
_refine.pdbx_stereochemistry_target_values       ? 
_refine.pdbx_R_Free_selection_details            ? 
_refine.pdbx_stereochem_target_val_spec_case     ? 
_refine.pdbx_overall_ESU_R                       ? 
_refine.pdbx_overall_ESU_R_Free                  ? 
_refine.pdbx_solvent_vdw_probe_radii             1.1100 
_refine.pdbx_solvent_ion_probe_radii             ? 
_refine.pdbx_solvent_shrinkage_radii             0.9000 
_refine.pdbx_real_space_R                        ? 
_refine.pdbx_density_correlation                 ? 
_refine.pdbx_pd_number_of_powder_patterns        ? 
_refine.pdbx_pd_number_of_points                 ? 
_refine.pdbx_pd_meas_number_of_points            ? 
_refine.pdbx_pd_proc_ls_prof_R_factor            ? 
_refine.pdbx_pd_proc_ls_prof_wR_factor           ? 
_refine.pdbx_pd_Marquardt_correlation_coeff      ? 
_refine.pdbx_pd_Fsqrd_R_factor                   ? 
_refine.pdbx_pd_ls_matrix_band_width             ? 
_refine.pdbx_overall_phase_error                 38.7700 
_refine.pdbx_overall_SU_R_free_Cruickshank_DPI   ? 
_refine.pdbx_overall_SU_R_free_Blow_DPI          ? 
_refine.pdbx_overall_SU_R_Blow_DPI               ? 
_refine.pdbx_TLS_residual_ADP_flag               ? 
_refine.pdbx_diffrn_id                           1 
_refine.overall_SU_B                             ? 
_refine.overall_SU_ML                            0.2600 
_refine.overall_SU_R_Cruickshank_DPI             ? 
_refine.overall_SU_R_free                        ? 
_refine.overall_FOM_free_R_set                   ? 
_refine.overall_FOM_work_R_set                   ? 
_refine.pdbx_average_fsc_overall                 ? 
_refine.pdbx_average_fsc_work                    ? 
_refine.pdbx_average_fsc_free                    ? 
# 
_refine_hist.pdbx_refine_id                   'X-RAY DIFFRACTION' 
_refine_hist.cycle_id                         final 
_refine_hist.details                          ? 
_refine_hist.d_res_high                       3.1780 
_refine_hist.d_res_low                        34.4440 
_refine_hist.number_atoms_solvent             0 
_refine_hist.number_atoms_total               855 
_refine_hist.number_reflns_all                ? 
_refine_hist.number_reflns_obs                ? 
_refine_hist.number_reflns_R_free             ? 
_refine_hist.number_reflns_R_work             ? 
_refine_hist.R_factor_all                     ? 
_refine_hist.R_factor_obs                     ? 
_refine_hist.R_factor_R_free                  ? 
_refine_hist.R_factor_R_work                  ? 
_refine_hist.pdbx_number_residues_total       42 
_refine_hist.pdbx_B_iso_mean_ligand           ? 
_refine_hist.pdbx_B_iso_mean_solvent          ? 
_refine_hist.pdbx_number_atoms_protein        0 
_refine_hist.pdbx_number_atoms_nucleic_acid   855 
_refine_hist.pdbx_number_atoms_ligand         0 
_refine_hist.pdbx_number_atoms_lipid          ? 
_refine_hist.pdbx_number_atoms_carb           ? 
_refine_hist.pdbx_pseudo_atom_details         ? 
# 
loop_
_refine_ls_restr.pdbx_refine_id 
_refine_ls_restr.criterion 
_refine_ls_restr.dev_ideal 
_refine_ls_restr.dev_ideal_target 
_refine_ls_restr.number 
_refine_ls_restr.rejects 
_refine_ls_restr.type 
_refine_ls_restr.weight 
_refine_ls_restr.pdbx_restraint_function 
'X-RAY DIFFRACTION' ? 0.006  ? 956  ? f_bond_d           ? ? 
'X-RAY DIFFRACTION' ? 0.740  ? 1467 ? f_angle_d          ? ? 
'X-RAY DIFFRACTION' ? 0.041  ? 166  ? f_chiral_restr     ? ? 
'X-RAY DIFFRACTION' ? 0.005  ? 42   ? f_plane_restr      ? ? 
'X-RAY DIFFRACTION' ? 34.987 ? 406  ? f_dihedral_angle_d ? ? 
# 
loop_
_refine_ls_shell.pdbx_refine_id 
_refine_ls_shell.d_res_high 
_refine_ls_shell.d_res_low 
_refine_ls_shell.number_reflns_all 
_refine_ls_shell.number_reflns_obs 
_refine_ls_shell.number_reflns_R_free 
_refine_ls_shell.number_reflns_R_work 
_refine_ls_shell.percent_reflns_obs 
_refine_ls_shell.percent_reflns_R_free 
_refine_ls_shell.R_factor_all 
_refine_ls_shell.R_factor_obs 
_refine_ls_shell.R_factor_R_free 
_refine_ls_shell.R_factor_R_free_error 
_refine_ls_shell.R_factor_R_work 
_refine_ls_shell.redundancy_reflns_all 
_refine_ls_shell.redundancy_reflns_obs 
_refine_ls_shell.wR_factor_all 
_refine_ls_shell.wR_factor_obs 
_refine_ls_shell.wR_factor_R_free 
_refine_ls_shell.wR_factor_R_work 
_refine_ls_shell.pdbx_R_complete 
_refine_ls_shell.pdbx_total_number_of_bins_used 
_refine_ls_shell.pdbx_phase_error 
_refine_ls_shell.pdbx_fsc_work 
_refine_ls_shell.pdbx_fsc_free 
'X-RAY DIFFRACTION' 3.1781 4.0031 . . 99  1881 75.0000 . . . 0.3759 0.0000 0.3772 . . . . . . . . . . . 
'X-RAY DIFFRACTION' 4.0031 34.444 . . 125 2497 99.0000 . . . 0.2403 0.0000 0.2230 . . . . . . . . . . . 
# 
_struct.entry_id                     6WRC 
_struct.title                        
'Self-assembly of a 3D DNA crystal lattice (4x5 duplex version) containing the J31 immobile Holliday junction' 
_struct.pdbx_model_details           ? 
_struct.pdbx_formula_weight          ? 
_struct.pdbx_formula_weight_method   ? 
_struct.pdbx_model_type_details      ? 
_struct.pdbx_CASP_flag               N 
# 
_struct_keywords.entry_id        6WRC 
_struct_keywords.text            
'Structural DNA nanotechnology, immobile Holliday junctions, 3D DNA self-assembly, designer DNA crystals, DNA' 
_struct_keywords.pdbx_keywords   DNA 
# 
loop_
_struct_asym.id 
_struct_asym.pdbx_blank_PDB_chainid_flag 
_struct_asym.pdbx_modified 
_struct_asym.entity_id 
_struct_asym.details 
A N N 1 ? 
B N N 2 ? 
C N N 3 ? 
D N N 4 ? 
# 
loop_
_struct_conn.id 
_struct_conn.conn_type_id 
_struct_conn.pdbx_leaving_atom_flag 
_struct_conn.pdbx_PDB_id 
_struct_conn.ptnr1_label_asym_id 
_struct_conn.ptnr1_label_comp_id 
_struct_conn.ptnr1_label_seq_id 
_struct_conn.ptnr1_label_atom_id 
_struct_conn.pdbx_ptnr1_label_alt_id 
_struct_conn.pdbx_ptnr1_PDB_ins_code 
_struct_conn.pdbx_ptnr1_standard_comp_id 
_struct_conn.ptnr1_symmetry 
_struct_conn.ptnr2_label_asym_id 
_struct_conn.ptnr2_label_comp_id 
_struct_conn.ptnr2_label_seq_id 
_struct_conn.ptnr2_label_atom_id 
_struct_conn.pdbx_ptnr2_label_alt_id 
_struct_conn.pdbx_ptnr2_PDB_ins_code 
_struct_conn.ptnr1_auth_asym_id 
_struct_conn.ptnr1_auth_comp_id 
_struct_conn.ptnr1_auth_seq_id 
_struct_conn.ptnr2_auth_asym_id 
_struct_conn.ptnr2_auth_comp_id 
_struct_conn.ptnr2_auth_seq_id 
_struct_conn.ptnr2_symmetry 
_struct_conn.pdbx_ptnr3_label_atom_id 
_struct_conn.pdbx_ptnr3_label_seq_id 
_struct_conn.pdbx_ptnr3_label_comp_id 
_struct_conn.pdbx_ptnr3_label_asym_id 
_struct_conn.pdbx_ptnr3_label_alt_id 
_struct_conn.pdbx_ptnr3_PDB_ins_code 
_struct_conn.details 
_struct_conn.pdbx_dist_value 
_struct_conn.pdbx_value_order 
_struct_conn.pdbx_role 
hydrog1  hydrog ? ? A DG 3  N1 ? ? ? 1_555 D DC 7 N3 ? ? A DG 3  D DC 16 1_555 ? ? ? ? ? ? WATSON-CRICK ? ? ? 
hydrog2  hydrog ? ? A DG 3  N2 ? ? ? 1_555 D DC 7 O2 ? ? A DG 3  D DC 16 1_555 ? ? ? ? ? ? WATSON-CRICK ? ? ? 
hydrog3  hydrog ? ? A DG 3  O6 ? ? ? 1_555 D DC 7 N4 ? ? A DG 3  D DC 16 1_555 ? ? ? ? ? ? WATSON-CRICK ? ? ? 
hydrog4  hydrog ? ? A DC 4  N3 ? ? ? 1_555 D DG 6 N1 ? ? A DC 4  D DG 15 1_555 ? ? ? ? ? ? WATSON-CRICK ? ? ? 
hydrog5  hydrog ? ? A DC 4  N4 ? ? ? 1_555 D DG 6 O6 ? ? A DC 4  D DG 15 1_555 ? ? ? ? ? ? WATSON-CRICK ? ? ? 
hydrog6  hydrog ? ? A DC 4  O2 ? ? ? 1_555 D DG 6 N2 ? ? A DC 4  D DG 15 1_555 ? ? ? ? ? ? WATSON-CRICK ? ? ? 
hydrog7  hydrog ? ? A DG 6  N1 ? ? ? 1_555 D DC 4 N3 ? ? A DG 6  D DC 13 1_555 ? ? ? ? ? ? WATSON-CRICK ? ? ? 
hydrog8  hydrog ? ? A DG 6  N2 ? ? ? 1_555 D DC 4 O2 ? ? A DG 6  D DC 13 1_555 ? ? ? ? ? ? WATSON-CRICK ? ? ? 
hydrog9  hydrog ? ? A DG 6  O6 ? ? ? 1_555 D DC 4 N4 ? ? A DG 6  D DC 13 1_555 ? ? ? ? ? ? WATSON-CRICK ? ? ? 
hydrog10 hydrog ? ? A DA 7  N1 ? ? ? 1_555 D DT 3 N3 ? ? A DA 7  D DT 12 1_555 ? ? ? ? ? ? WATSON-CRICK ? ? ? 
hydrog11 hydrog ? ? A DA 7  N6 ? ? ? 1_555 D DT 3 O4 ? ? A DA 7  D DT 12 1_555 ? ? ? ? ? ? WATSON-CRICK ? ? ? 
hydrog12 hydrog ? ? A DC 8  N3 ? ? ? 1_555 D DG 2 N1 ? ? A DC 8  D DG 11 1_555 ? ? ? ? ? ? WATSON-CRICK ? ? ? 
hydrog13 hydrog ? ? A DC 8  N4 ? ? ? 1_555 D DG 2 O6 ? ? A DC 8  D DG 11 1_555 ? ? ? ? ? ? WATSON-CRICK ? ? ? 
hydrog14 hydrog ? ? A DC 8  O2 ? ? ? 1_555 D DG 2 N2 ? ? A DC 8  D DG 11 1_555 ? ? ? ? ? ? WATSON-CRICK ? ? ? 
hydrog15 hydrog ? ? A DC 9  N3 ? ? ? 1_555 D DG 1 N1 ? ? A DC 9  D DG 10 1_555 ? ? ? ? ? ? WATSON-CRICK ? ? ? 
hydrog16 hydrog ? ? A DC 9  N4 ? ? ? 1_555 D DG 1 O6 ? ? A DC 9  D DG 10 1_555 ? ? ? ? ? ? WATSON-CRICK ? ? ? 
hydrog17 hydrog ? ? A DC 9  O2 ? ? ? 1_555 D DG 1 N2 ? ? A DC 9  D DG 10 1_555 ? ? ? ? ? ? WATSON-CRICK ? ? ? 
hydrog18 hydrog ? ? A DA 10 N1 ? ? ? 1_555 B DT 5 N3 ? ? A DA 10 B DT 5  1_555 ? ? ? ? ? ? WATSON-CRICK ? ? ? 
hydrog19 hydrog ? ? A DA 10 N6 ? ? ? 1_555 B DT 5 O4 ? ? A DA 10 B DT 5  1_555 ? ? ? ? ? ? WATSON-CRICK ? ? ? 
hydrog20 hydrog ? ? A DG 11 N1 ? ? ? 1_555 B DC 4 N3 ? ? A DG 11 B DC 4  1_555 ? ? ? ? ? ? WATSON-CRICK ? ? ? 
hydrog21 hydrog ? ? A DG 11 N2 ? ? ? 1_555 B DC 4 O2 ? ? A DG 11 B DC 4  1_555 ? ? ? ? ? ? WATSON-CRICK ? ? ? 
hydrog22 hydrog ? ? A DG 11 O6 ? ? ? 1_555 B DC 4 N4 ? ? A DG 11 B DC 4  1_555 ? ? ? ? ? ? WATSON-CRICK ? ? ? 
hydrog23 hydrog ? ? A DA 12 N1 ? ? ? 1_555 B DT 3 N3 ? ? A DA 12 B DT 3  1_555 ? ? ? ? ? ? WATSON-CRICK ? ? ? 
hydrog24 hydrog ? ? A DA 12 N6 ? ? ? 1_555 B DT 3 O4 ? ? A DA 12 B DT 3  1_555 ? ? ? ? ? ? WATSON-CRICK ? ? ? 
hydrog25 hydrog ? ? A DC 13 N3 ? ? ? 1_555 B DG 2 N1 ? ? A DC 13 B DG 2  1_555 ? ? ? ? ? ? WATSON-CRICK ? ? ? 
hydrog26 hydrog ? ? A DC 13 N4 ? ? ? 1_555 B DG 2 O6 ? ? A DC 13 B DG 2  1_555 ? ? ? ? ? ? WATSON-CRICK ? ? ? 
hydrog27 hydrog ? ? A DC 13 O2 ? ? ? 1_555 B DG 2 N2 ? ? A DC 13 B DG 2  1_555 ? ? ? ? ? ? WATSON-CRICK ? ? ? 
hydrog28 hydrog ? ? A DG 14 N1 ? ? ? 1_555 B DC 1 N3 ? ? A DG 14 B DC 1  1_555 ? ? ? ? ? ? WATSON-CRICK ? ? ? 
hydrog29 hydrog ? ? A DG 14 N2 ? ? ? 1_555 B DC 1 O2 ? ? A DG 14 B DC 1  1_555 ? ? ? ? ? ? WATSON-CRICK ? ? ? 
hydrog30 hydrog ? ? A DG 14 O6 ? ? ? 1_555 B DC 1 N4 ? ? A DG 14 B DC 1  1_555 ? ? ? ? ? ? WATSON-CRICK ? ? ? 
hydrog31 hydrog ? ? A DC 15 N3 ? ? ? 1_555 C DG 9 N1 ? ? A DC 15 C DG 9  1_555 ? ? ? ? ? ? WATSON-CRICK ? ? ? 
hydrog32 hydrog ? ? A DC 15 N4 ? ? ? 1_555 C DG 9 O6 ? ? A DC 15 C DG 9  1_555 ? ? ? ? ? ? WATSON-CRICK ? ? ? 
hydrog33 hydrog ? ? A DC 15 O2 ? ? ? 1_555 C DG 9 N2 ? ? A DC 15 C DG 9  1_555 ? ? ? ? ? ? WATSON-CRICK ? ? ? 
hydrog34 hydrog ? ? A DC 16 N3 ? ? ? 1_555 C DG 8 N1 ? ? A DC 16 C DG 8  1_555 ? ? ? ? ? ? WATSON-CRICK ? ? ? 
hydrog35 hydrog ? ? A DC 16 N4 ? ? ? 1_555 C DG 8 O6 ? ? A DC 16 C DG 8  1_555 ? ? ? ? ? ? WATSON-CRICK ? ? ? 
hydrog36 hydrog ? ? A DC 16 O2 ? ? ? 1_555 C DG 8 N2 ? ? A DC 16 C DG 8  1_555 ? ? ? ? ? ? WATSON-CRICK ? ? ? 
hydrog37 hydrog ? ? A DA 17 N1 ? ? ? 1_555 C DT 7 N3 ? ? A DA 17 C DT 7  1_555 ? ? ? ? ? ? WATSON-CRICK ? ? ? 
hydrog38 hydrog ? ? A DA 17 N6 ? ? ? 1_555 C DT 7 O4 ? ? A DA 17 C DT 7  1_555 ? ? ? ? ? ? WATSON-CRICK ? ? ? 
hydrog39 hydrog ? ? A DC 18 N3 ? ? ? 1_555 C DG 6 N1 ? ? A DC 18 C DG 6  1_555 ? ? ? ? ? ? WATSON-CRICK ? ? ? 
hydrog40 hydrog ? ? A DC 18 N4 ? ? ? 1_555 C DG 6 O6 ? ? A DC 18 C DG 6  1_555 ? ? ? ? ? ? WATSON-CRICK ? ? ? 
hydrog41 hydrog ? ? A DC 18 O2 ? ? ? 1_555 C DG 6 N2 ? ? A DC 18 C DG 6  1_555 ? ? ? ? ? ? WATSON-CRICK ? ? ? 
hydrog42 hydrog ? ? A DT 19 N3 ? ? ? 1_555 C DA 5 N1 ? ? A DT 19 C DA 5  1_555 ? ? ? ? ? ? WATSON-CRICK ? ? ? 
hydrog43 hydrog ? ? A DT 19 O4 ? ? ? 1_555 C DA 5 N6 ? ? A DT 19 C DA 5  1_555 ? ? ? ? ? ? WATSON-CRICK ? ? ? 
hydrog44 hydrog ? ? A DC 20 N3 ? ? ? 1_555 C DG 4 N1 ? ? A DC 20 C DG 4  1_555 ? ? ? ? ? ? WATSON-CRICK ? ? ? 
hydrog45 hydrog ? ? A DC 20 N4 ? ? ? 1_555 C DG 4 O6 ? ? A DC 20 C DG 4  1_555 ? ? ? ? ? ? WATSON-CRICK ? ? ? 
hydrog46 hydrog ? ? A DC 20 O2 ? ? ? 1_555 C DG 4 N2 ? ? A DC 20 C DG 4  1_555 ? ? ? ? ? ? WATSON-CRICK ? ? ? 
hydrog47 hydrog ? ? A DA 21 N1 ? ? ? 1_555 C DT 3 N3 ? ? A DA 21 C DT 3  1_555 ? ? ? ? ? ? WATSON-CRICK ? ? ? 
hydrog48 hydrog ? ? A DA 21 N6 ? ? ? 1_555 C DT 3 O4 ? ? A DA 21 C DT 3  1_555 ? ? ? ? ? ? WATSON-CRICK ? ? ? 
# 
_struct_conn_type.id          hydrog 
_struct_conn_type.criteria    ? 
_struct_conn_type.reference   ? 
# 
_atom_sites.entry_id                    6WRC 
_atom_sites.Cartn_transf_matrix[1][1]   ? 
_atom_sites.Cartn_transf_matrix[1][2]   ? 
_atom_sites.Cartn_transf_matrix[1][3]   ? 
_atom_sites.Cartn_transf_matrix[2][1]   ? 
_atom_sites.Cartn_transf_matrix[2][2]   ? 
_atom_sites.Cartn_transf_matrix[2][3]   ? 
_atom_sites.Cartn_transf_matrix[3][1]   ? 
_atom_sites.Cartn_transf_matrix[3][2]   ? 
_atom_sites.Cartn_transf_matrix[3][3]   ? 
_atom_sites.Cartn_transf_vector[1]      ? 
_atom_sites.Cartn_transf_vector[2]      ? 
_atom_sites.Cartn_transf_vector[3]      ? 
_atom_sites.fract_transf_matrix[1][1]   -0.00350064 
_atom_sites.fract_transf_matrix[1][2]   -0.01355813 
_atom_sites.fract_transf_matrix[1][3]   0.00921293 
_atom_sites.fract_transf_matrix[2][1]   -0.00511999 
_atom_sites.fract_transf_matrix[2][2]   -0.01410956 
_atom_sites.fract_transf_matrix[2][3]   -0.00746127 
_atom_sites.fract_transf_matrix[3][1]   0.01611010 
_atom_sites.fract_transf_matrix[3][2]   -0.00510790 
_atom_sites.fract_transf_matrix[3][3]   -0.00139564 
_atom_sites.fract_transf_vector[1]      -0.032687 
_atom_sites.fract_transf_vector[2]      0.047244 
_atom_sites.fract_transf_vector[3]      0.147081 
_atom_sites.solution_primary            ? 
_atom_sites.solution_secondary          ? 
_atom_sites.solution_hydrogens          ? 
_atom_sites.special_details             ? 
# 
loop_
_atom_type.symbol 
C 
N 
O 
P 
# 
loop_
_atom_site.group_PDB 
_atom_site.id 
_atom_site.type_symbol 
_atom_site.label_atom_id 
_atom_site.label_alt_id 
_atom_site.label_comp_id 
_atom_site.label_asym_id 
_atom_site.label_entity_id 
_atom_site.label_seq_id 
_atom_site.pdbx_PDB_ins_code 
_atom_site.Cartn_x 
_atom_site.Cartn_y 
_atom_site.Cartn_z 
_atom_site.occupancy 
_atom_site.B_iso_or_equiv 
_atom_site.pdbx_formal_charge 
_atom_site.auth_seq_id 
_atom_site.auth_comp_id 
_atom_site.auth_asym_id 
_atom_site.auth_atom_id 
_atom_site.pdbx_PDB_model_num 
ATOM 1   O "O5'" . DG A 1 1  ? -9.605  -37.654 8.158   1.00 187.02 ? 1  DG A "O5'" 1 
ATOM 2   C "C5'" . DG A 1 1  ? -8.620  -37.318 7.193   1.00 182.54 ? 1  DG A "C5'" 1 
ATOM 3   C "C4'" . DG A 1 1  ? -8.609  -35.823 6.918   1.00 186.54 ? 1  DG A "C4'" 1 
ATOM 4   O "O4'" . DG A 1 1  ? -9.763  -35.448 6.117   1.00 183.13 ? 1  DG A "O4'" 1 
ATOM 5   C "C3'" . DG A 1 1  ? -8.647  -34.907 8.163   1.00 190.51 ? 1  DG A "C3'" 1 
ATOM 6   O "O3'" . DG A 1 1  ? -7.560  -33.975 8.106   1.00 192.10 ? 1  DG A "O3'" 1 
ATOM 7   C "C2'" . DG A 1 1  ? -9.995  -34.193 8.025   1.00 183.98 ? 1  DG A "C2'" 1 
ATOM 8   C "C1'" . DG A 1 1  ? -10.124 -34.156 6.518   1.00 185.41 ? 1  DG A "C1'" 1 
ATOM 9   N N9    . DG A 1 1  ? -11.461 -33.816 6.041   1.00 182.32 ? 1  DG A N9    1 
ATOM 10  C C8    . DG A 1 1  ? -12.537 -33.445 6.810   1.00 175.05 ? 1  DG A C8    1 
ATOM 11  N N7    . DG A 1 1  ? -13.601 -33.163 6.115   1.00 176.41 ? 1  DG A N7    1 
ATOM 12  C C5    . DG A 1 1  ? -13.203 -33.343 4.796   1.00 199.62 ? 1  DG A C5    1 
ATOM 13  C C6    . DG A 1 1  ? -13.933 -33.181 3.593   1.00 179.85 ? 1  DG A C6    1 
ATOM 14  O O6    . DG A 1 1  ? -15.117 -32.840 3.453   1.00 186.10 ? 1  DG A O6    1 
ATOM 15  N N1    . DG A 1 1  ? -13.153 -33.466 2.474   1.00 180.05 ? 1  DG A N1    1 
ATOM 16  C C2    . DG A 1 1  ? -11.834 -33.856 2.510   1.00 178.77 ? 1  DG A C2    1 
ATOM 17  N N2    . DG A 1 1  ? -11.249 -34.086 1.324   1.00 180.69 ? 1  DG A N2    1 
ATOM 18  N N3    . DG A 1 1  ? -11.136 -34.011 3.633   1.00 179.83 ? 1  DG A N3    1 
ATOM 19  C C4    . DG A 1 1  ? -11.884 -33.737 4.732   1.00 181.86 ? 1  DG A C4    1 
ATOM 20  P P     . DA A 1 2  ? -7.297  -32.909 9.288   1.00 189.84 ? 2  DA A P     1 
ATOM 21  O OP1   . DA A 1 2  ? -6.803  -33.662 10.462  1.00 193.25 ? 2  DA A OP1   1 
ATOM 22  O OP2   . DA A 1 2  ? -8.464  -32.008 9.417   1.00 180.50 ? 2  DA A OP2   1 
ATOM 23  O "O5'" . DA A 1 2  ? -6.100  -32.008 8.720   1.00 183.06 ? 2  DA A "O5'" 1 
ATOM 24  C "C5'" . DA A 1 2  ? -4.773  -32.539 8.642   1.00 182.20 ? 2  DA A "C5'" 1 
ATOM 25  C "C4'" . DA A 1 2  ? -4.420  -32.939 7.218   1.00 173.63 ? 2  DA A "C4'" 1 
ATOM 26  O "O4'" . DA A 1 2  ? -5.634  -33.141 6.452   1.00 172.36 ? 2  DA A "O4'" 1 
ATOM 27  C "C3'" . DA A 1 2  ? -3.613  -31.915 6.430   1.00 171.22 ? 2  DA A "C3'" 1 
ATOM 28  O "O3'" . DA A 1 2  ? -2.791  -32.598 5.476   1.00 173.82 ? 2  DA A "O3'" 1 
ATOM 29  C "C2'" . DA A 1 2  ? -4.709  -31.099 5.757   1.00 173.44 ? 2  DA A "C2'" 1 
ATOM 30  C "C1'" . DA A 1 2  ? -5.711  -32.190 5.412   1.00 172.26 ? 2  DA A "C1'" 1 
ATOM 31  N N9    . DA A 1 2  ? -7.084  -31.718 5.332   1.00 173.50 ? 2  DA A N9    1 
ATOM 32  C C8    . DA A 1 2  ? -7.872  -31.287 6.361   1.00 176.86 ? 2  DA A C8    1 
ATOM 33  N N7    . DA A 1 2  ? -9.076  -30.923 5.988   1.00 180.34 ? 2  DA A N7    1 
ATOM 34  C C5    . DA A 1 2  ? -9.076  -31.132 4.619   1.00 179.47 ? 2  DA A C5    1 
ATOM 35  C C6    . DA A 1 2  ? -10.059 -30.940 3.626   1.00 180.92 ? 2  DA A C6    1 
ATOM 36  N N6    . DA A 1 2  ? -11.285 -30.470 3.886   1.00 182.20 ? 2  DA A N6    1 
ATOM 37  N N1    . DA A 1 2  ? -9.731  -31.251 2.351   1.00 178.36 ? 2  DA A N1    1 
ATOM 38  C C2    . DA A 1 2  ? -8.502  -31.721 2.098   1.00 176.04 ? 2  DA A C2    1 
ATOM 39  N N3    . DA A 1 2  ? -7.497  -31.938 2.947   1.00 176.48 ? 2  DA A N3    1 
ATOM 40  C C4    . DA A 1 2  ? -7.852  -31.623 4.200   1.00 175.56 ? 2  DA A C4    1 
ATOM 41  P P     . DG A 1 3  ? -2.030  -31.798 4.306   1.00 181.31 ? 3  DG A P     1 
ATOM 42  O OP1   . DG A 1 3  ? -1.006  -32.704 3.739   1.00 177.57 ? 3  DG A OP1   1 
ATOM 43  O OP2   . DG A 1 3  ? -1.643  -30.462 4.814   1.00 189.77 ? 3  DG A OP2   1 
ATOM 44  O "O5'" . DG A 1 3  ? -3.154  -31.580 3.198   1.00 164.22 ? 3  DG A "O5'" 1 
ATOM 45  C "C5'" . DG A 1 3  ? -3.228  -30.352 2.531   1.00 160.56 ? 3  DG A "C5'" 1 
ATOM 46  C "C4'" . DG A 1 3  ? -3.166  -30.560 1.040   1.00 163.81 ? 3  DG A "C4'" 1 
ATOM 47  O "O4'" . DG A 1 3  ? -4.511  -30.658 0.526   1.00 163.19 ? 3  DG A "O4'" 1 
ATOM 48  C "C3'" . DG A 1 3  ? -2.566  -29.404 0.279   1.00 171.86 ? 3  DG A "C3'" 1 
ATOM 49  O "O3'" . DG A 1 3  ? -2.209  -29.826 -1.022  1.00 174.74 ? 3  DG A "O3'" 1 
ATOM 50  C "C2'" . DG A 1 3  ? -3.739  -28.436 0.245   1.00 170.02 ? 3  DG A "C2'" 1 
ATOM 51  C "C1'" . DG A 1 3  ? -4.906  -29.396 0.008   1.00 165.90 ? 3  DG A "C1'" 1 
ATOM 52  N N9    . DG A 1 3  ? -6.141  -29.002 0.674   1.00 165.37 ? 3  DG A N9    1 
ATOM 53  C C8    . DG A 1 3  ? -6.420  -29.095 2.014   1.00 165.82 ? 3  DG A C8    1 
ATOM 54  N N7    . DG A 1 3  ? -7.614  -28.676 2.326   1.00 165.93 ? 3  DG A N7    1 
ATOM 55  C C5    . DG A 1 3  ? -8.165  -28.286 1.114   1.00 164.53 ? 3  DG A C5    1 
ATOM 56  C C6    . DG A 1 3  ? -9.441  -27.747 0.824   1.00 164.38 ? 3  DG A C6    1 
ATOM 57  O O6    . DG A 1 3  ? -10.363 -27.505 1.612   1.00 166.97 ? 3  DG A O6    1 
ATOM 58  N N1    . DG A 1 3  ? -9.599  -27.488 -0.533  1.00 166.83 ? 3  DG A N1    1 
ATOM 59  C C2    . DG A 1 3  ? -8.645  -27.718 -1.498  1.00 165.65 ? 3  DG A C2    1 
ATOM 60  N N2    . DG A 1 3  ? -8.978  -27.402 -2.761  1.00 159.19 ? 3  DG A N2    1 
ATOM 61  N N3    . DG A 1 3  ? -7.439  -28.222 -1.239  1.00 164.25 ? 3  DG A N3    1 
ATOM 62  C C4    . DG A 1 3  ? -7.272  -28.481 0.082   1.00 163.88 ? 3  DG A C4    1 
ATOM 63  P P     . DC A 1 4  ? -1.150  -28.974 -1.875  1.00 183.59 ? 4  DC A P     1 
ATOM 64  O OP1   . DC A 1 4  ? -0.685  -29.828 -2.991  1.00 174.87 ? 4  DC A OP1   1 
ATOM 65  O OP2   . DC A 1 4  ? -0.177  -28.412 -0.912  1.00 174.40 ? 4  DC A OP2   1 
ATOM 66  O "O5'" . DC A 1 4  ? -2.009  -27.747 -2.448  1.00 180.01 ? 4  DC A "O5'" 1 
ATOM 67  C "C5'" . DC A 1 4  ? -3.184  -27.980 -3.228  1.00 175.12 ? 4  DC A "C5'" 1 
ATOM 68  C "C4'" . DC A 1 4  ? -3.811  -26.658 -3.650  1.00 172.18 ? 4  DC A "C4'" 1 
ATOM 69  O "O4'" . DC A 1 4  ? -5.031  -26.419 -2.892  1.00 166.66 ? 4  DC A "O4'" 1 
ATOM 70  C "C3'" . DC A 1 4  ? -2.924  -25.425 -3.432  1.00 165.93 ? 4  DC A "C3'" 1 
ATOM 71  O "O3'" . DC A 1 4  ? -2.992  -24.558 -4.569  1.00 168.25 ? 4  DC A "O3'" 1 
ATOM 72  C "C2'" . DC A 1 4  ? -3.552  -24.773 -2.198  1.00 161.10 ? 4  DC A "C2'" 1 
ATOM 73  C "C1'" . DC A 1 4  ? -5.022  -25.093 -2.420  1.00 157.92 ? 4  DC A "C1'" 1 
ATOM 74  N N1    . DC A 1 4  ? -5.863  -25.018 -1.178  1.00 157.24 ? 4  DC A N1    1 
ATOM 75  C C2    . DC A 1 4  ? -7.210  -24.614 -1.262  1.00 158.23 ? 4  DC A C2    1 
ATOM 76  O O2    . DC A 1 4  ? -7.691  -24.325 -2.370  1.00 148.01 ? 4  DC A O2    1 
ATOM 77  N N3    . DC A 1 4  ? -7.949  -24.555 -0.122  1.00 161.63 ? 4  DC A N3    1 
ATOM 78  C C4    . DC A 1 4  ? -7.395  -24.877 1.053   1.00 157.69 ? 4  DC A C4    1 
ATOM 79  N N4    . DC A 1 4  ? -8.159  -24.804 2.149   1.00 156.73 ? 4  DC A N4    1 
ATOM 80  C C5    . DC A 1 4  ? -6.029  -25.287 1.157   1.00 153.69 ? 4  DC A C5    1 
ATOM 81  C C6    . DC A 1 4  ? -5.310  -25.343 0.030   1.00 156.98 ? 4  DC A C6    1 
ATOM 82  P P     . DA A 1 5  ? -2.383  -25.000 -5.993  1.00 183.13 ? 5  DA A P     1 
ATOM 83  O OP1   . DA A 1 5  ? -3.402  -25.801 -6.709  1.00 176.71 ? 5  DA A OP1   1 
ATOM 84  O OP2   . DA A 1 5  ? -1.026  -25.540 -5.753  1.00 183.38 ? 5  DA A OP2   1 
ATOM 85  O "O5'" . DA A 1 5  ? -2.218  -23.620 -6.788  1.00 174.06 ? 5  DA A "O5'" 1 
ATOM 86  C "C5'" . DA A 1 5  ? -2.544  -23.549 -8.179  1.00 167.08 ? 5  DA A "C5'" 1 
ATOM 87  C "C4'" . DA A 1 5  ? -3.898  -22.886 -8.389  1.00 172.68 ? 5  DA A "C4'" 1 
ATOM 88  O "O4'" . DA A 1 5  ? -4.683  -22.977 -7.168  1.00 164.65 ? 5  DA A "O4'" 1 
ATOM 89  C "C3'" . DA A 1 5  ? -3.851  -21.397 -8.741  1.00 174.16 ? 5  DA A "C3'" 1 
ATOM 90  O "O3'" . DA A 1 5  ? -4.919  -21.078 -9.641  1.00 181.50 ? 5  DA A "O3'" 1 
ATOM 91  C "C2'" . DA A 1 5  ? -4.043  -20.735 -7.382  1.00 168.52 ? 5  DA A "C2'" 1 
ATOM 92  C "C1'" . DA A 1 5  ? -5.049  -21.679 -6.743  1.00 166.00 ? 5  DA A "C1'" 1 
ATOM 93  N N9    . DA A 1 5  ? -5.030  -21.650 -5.286  1.00 160.24 ? 5  DA A N9    1 
ATOM 94  C C8    . DA A 1 5  ? -3.959  -21.876 -4.469  1.00 159.91 ? 5  DA A C8    1 
ATOM 95  N N7    . DA A 1 5  ? -4.240  -21.783 -3.190  1.00 154.70 ? 5  DA A N7    1 
ATOM 96  C C5    . DA A 1 5  ? -5.588  -21.468 -3.168  1.00 153.17 ? 5  DA A C5    1 
ATOM 97  C C6    . DA A 1 5  ? -6.496  -21.230 -2.113  1.00 148.73 ? 5  DA A C6    1 
ATOM 98  N N6    . DA A 1 5  ? -6.149  -21.281 -0.817  1.00 134.71 ? 5  DA A N6    1 
ATOM 99  N N1    . DA A 1 5  ? -7.774  -20.937 -2.444  1.00 150.11 ? 5  DA A N1    1 
ATOM 100 C C2    . DA A 1 5  ? -8.112  -20.888 -3.743  1.00 151.10 ? 5  DA A C2    1 
ATOM 101 N N3    . DA A 1 5  ? -7.347  -21.092 -4.816  1.00 152.73 ? 5  DA A N3    1 
ATOM 102 C C4    . DA A 1 5  ? -6.089  -21.379 -4.457  1.00 154.84 ? 5  DA A C4    1 
ATOM 103 P P     . DG A 1 6  ? -5.317  -19.547 -9.943  1.00 191.03 ? 6  DG A P     1 
ATOM 104 O OP1   . DG A 1 6  ? -6.157  -19.561 -11.164 1.00 180.13 ? 6  DG A OP1   1 
ATOM 105 O OP2   . DG A 1 6  ? -4.080  -18.735 -9.914  1.00 184.43 ? 6  DG A OP2   1 
ATOM 106 O "O5'" . DG A 1 6  ? -6.237  -19.124 -8.695  1.00 169.66 ? 6  DG A "O5'" 1 
ATOM 107 C "C5'" . DG A 1 6  ? -6.395  -17.747 -8.343  1.00 159.33 ? 6  DG A "C5'" 1 
ATOM 108 C "C4'" . DG A 1 6  ? -7.659  -17.545 -7.522  1.00 158.33 ? 6  DG A "C4'" 1 
ATOM 109 O "O4'" . DG A 1 6  ? -7.500  -18.158 -6.216  1.00 157.67 ? 6  DG A "O4'" 1 
ATOM 110 C "C3'" . DG A 1 6  ? -8.048  -16.088 -7.258  1.00 161.98 ? 6  DG A "C3'" 1 
ATOM 111 O "O3'" . DG A 1 6  ? -9.444  -15.919 -7.486  1.00 166.38 ? 6  DG A "O3'" 1 
ATOM 112 C "C2'" . DG A 1 6  ? -7.686  -15.883 -5.783  1.00 161.83 ? 6  DG A "C2'" 1 
ATOM 113 C "C1'" . DG A 1 6  ? -7.962  -17.264 -5.226  1.00 157.03 ? 6  DG A "C1'" 1 
ATOM 114 N N9    . DG A 1 6  ? -7.260  -17.572 -3.981  1.00 152.54 ? 6  DG A N9    1 
ATOM 115 C C8    . DG A 1 6  ? -5.978  -18.047 -3.866  1.00 150.98 ? 6  DG A C8    1 
ATOM 116 N N7    . DG A 1 6  ? -5.610  -18.261 -2.638  1.00 147.45 ? 6  DG A N7    1 
ATOM 117 C C5    . DG A 1 6  ? -6.722  -17.921 -1.881  1.00 148.94 ? 6  DG A C5    1 
ATOM 118 C C6    . DG A 1 6  ? -6.907  -17.954 -0.479  1.00 151.34 ? 6  DG A C6    1 
ATOM 119 O O6    . DG A 1 6  ? -6.094  -18.301 0.388   1.00 150.95 ? 6  DG A O6    1 
ATOM 120 N N1    . DG A 1 6  ? -8.182  -17.529 -0.113  1.00 152.50 ? 6  DG A N1    1 
ATOM 121 C C2    . DG A 1 6  ? -9.159  -17.120 -0.994  1.00 152.53 ? 6  DG A C2    1 
ATOM 122 N N2    . DG A 1 6  ? -10.330 -16.746 -0.452  1.00 151.47 ? 6  DG A N2    1 
ATOM 123 N N3    . DG A 1 6  ? -8.998  -17.084 -2.321  1.00 148.81 ? 6  DG A N3    1 
ATOM 124 C C4    . DG A 1 6  ? -7.755  -17.498 -2.690  1.00 149.70 ? 6  DG A C4    1 
ATOM 125 P P     . DA A 1 7  ? -10.077 -14.445 -7.612  1.00 191.40 ? 7  DA A P     1 
ATOM 126 O OP1   . DA A 1 7  ? -11.467 -14.615 -8.097  1.00 182.31 ? 7  DA A OP1   1 
ATOM 127 O OP2   . DA A 1 7  ? -9.127  -13.591 -8.368  1.00 177.53 ? 7  DA A OP2   1 
ATOM 128 O "O5'" . DA A 1 7  ? -10.124 -13.914 -6.101  1.00 170.68 ? 7  DA A "O5'" 1 
ATOM 129 C "C5'" . DA A 1 7  ? -10.699 -12.647 -5.798  1.00 164.69 ? 7  DA A "C5'" 1 
ATOM 130 C "C4'" . DA A 1 7  ? -11.047 -12.568 -4.323  1.00 167.38 ? 7  DA A "C4'" 1 
ATOM 131 O "O4'" . DA A 1 7  ? -10.253 -13.529 -3.599  1.00 161.43 ? 7  DA A "O4'" 1 
ATOM 132 C "C3'" . DA A 1 7  ? -10.783 -11.210 -3.667  1.00 173.69 ? 7  DA A "C3'" 1 
ATOM 133 O "O3'" . DA A 1 7  ? -11.999 -10.619 -3.241  1.00 181.56 ? 7  DA A "O3'" 1 
ATOM 134 C "C2'" . DA A 1 7  ? -9.863  -11.512 -2.477  1.00 166.96 ? 7  DA A "C2'" 1 
ATOM 135 C "C1'" . DA A 1 7  ? -9.950  -13.024 -2.326  1.00 160.27 ? 7  DA A "C1'" 1 
ATOM 136 N N9    . DA A 1 7  ? -8.693  -13.624 -1.900  1.00 155.78 ? 7  DA A N9    1 
ATOM 137 C C8    . DA A 1 7  ? -7.687  -14.068 -2.711  1.00 152.77 ? 7  DA A C8    1 
ATOM 138 N N7    . DA A 1 7  ? -6.663  -14.563 -2.062  1.00 151.94 ? 7  DA A N7    1 
ATOM 139 C C5    . DA A 1 7  ? -7.018  -14.436 -0.728  1.00 153.84 ? 7  DA A C5    1 
ATOM 140 C C6    . DA A 1 7  ? -6.353  -14.783 0.468   1.00 150.76 ? 7  DA A C6    1 
ATOM 141 N N6    . DA A 1 7  ? -5.141  -15.352 0.490   1.00 146.62 ? 7  DA A N6    1 
ATOM 142 N N1    . DA A 1 7  ? -6.984  -14.528 1.639   1.00 149.04 ? 7  DA A N1    1 
ATOM 143 C C2    . DA A 1 7  ? -8.202  -13.959 1.604   1.00 150.12 ? 7  DA A C2    1 
ATOM 144 N N3    . DA A 1 7  ? -8.925  -13.588 0.538   1.00 153.58 ? 7  DA A N3    1 
ATOM 145 C C4    . DA A 1 7  ? -8.269  -13.858 -0.607  1.00 155.16 ? 7  DA A C4    1 
ATOM 146 P P     . DC A 1 8  ? -12.046 -9.047  -2.908  1.00 195.33 ? 8  DC A P     1 
ATOM 147 O OP1   . DC A 1 8  ? -13.469 -8.650  -2.811  1.00 195.83 ? 8  DC A OP1   1 
ATOM 148 O OP2   . DC A 1 8  ? -11.154 -8.373  -3.877  1.00 191.13 ? 8  DC A OP2   1 
ATOM 149 O "O5'" . DC A 1 8  ? -11.377 -8.929  -1.456  1.00 169.59 ? 8  DC A "O5'" 1 
ATOM 150 C "C5'" . DC A 1 8  ? -12.049 -9.460  -0.323  1.00 169.88 ? 8  DC A "C5'" 1 
ATOM 151 C "C4'" . DC A 1 8  ? -11.155 -9.428  0.903   1.00 166.90 ? 8  DC A "C4'" 1 
ATOM 152 O "O4'" . DC A 1 8  ? -10.005 -10.273 0.696   1.00 167.32 ? 8  DC A "O4'" 1 
ATOM 153 C "C3'" . DC A 1 8  ? -10.598 -8.050  1.277   1.00 161.06 ? 8  DC A "C3'" 1 
ATOM 154 O "O3'" . DC A 1 8  ? -11.126 -7.655  2.538   1.00 162.04 ? 8  DC A "O3'" 1 
ATOM 155 C "C2'" . DC A 1 8  ? -9.069  -8.253  1.329   1.00 156.96 ? 8  DC A "C2'" 1 
ATOM 156 C "C1'" . DC A 1 8  ? -8.948  -9.760  1.460   1.00 159.01 ? 8  DC A "C1'" 1 
ATOM 157 N N1    . DC A 1 8  ? -7.667  -10.325 0.934   1.00 158.57 ? 8  DC A N1    1 
ATOM 158 C C2    . DC A 1 8  ? -6.656  -10.710 1.828   1.00 150.12 ? 8  DC A C2    1 
ATOM 159 O O2    . DC A 1 8  ? -6.834  -10.555 3.042   1.00 145.79 ? 8  DC A O2    1 
ATOM 160 N N3    . DC A 1 8  ? -5.503  -11.229 1.331   1.00 148.96 ? 8  DC A N3    1 
ATOM 161 C C4    . DC A 1 8  ? -5.352  -11.373 0.008   1.00 150.18 ? 8  DC A C4    1 
ATOM 162 N N4    . DC A 1 8  ? -4.198  -11.887 -0.438  1.00 145.57 ? 8  DC A N4    1 
ATOM 163 C C5    . DC A 1 8  ? -6.375  -10.993 -0.915  1.00 148.49 ? 8  DC A C5    1 
ATOM 164 C C6    . DC A 1 8  ? -7.501  -10.479 -0.412  1.00 155.19 ? 8  DC A C6    1 
ATOM 165 P P     . DC A 1 9  ? -10.563 -6.353  3.292   1.00 182.20 ? 9  DC A P     1 
ATOM 166 O OP1   . DC A 1 9  ? -11.562 -5.936  4.302   1.00 170.00 ? 9  DC A OP1   1 
ATOM 167 O OP2   . DC A 1 9  ? -10.081 -5.393  2.270   1.00 177.15 ? 9  DC A OP2   1 
ATOM 168 O "O5'" . DC A 1 9  ? -9.302  -6.906  4.087   1.00 167.98 ? 9  DC A "O5'" 1 
ATOM 169 C "C5'" . DC A 1 9  ? -9.462  -8.000  4.965   1.00 164.38 ? 9  DC A "C5'" 1 
ATOM 170 C "C4'" . DC A 1 9  ? -8.722  -7.757  6.264   1.00 168.01 ? 9  DC A "C4'" 1 
ATOM 171 O "O4'" . DC A 1 9  ? -7.386  -8.296  6.173   1.00 163.83 ? 9  DC A "O4'" 1 
ATOM 172 C "C3'" . DC A 1 9  ? -8.543  -6.301  6.654   1.00 164.87 ? 9  DC A "C3'" 1 
ATOM 173 O "O3'" . DC A 1 9  ? -8.466  -6.209  8.070   1.00 179.20 ? 9  DC A "O3'" 1 
ATOM 174 C "C2'" . DC A 1 9  ? -7.216  -5.927  5.983   1.00 162.68 ? 9  DC A "C2'" 1 
ATOM 175 C "C1'" . DC A 1 9  ? -6.445  -7.251  6.004   1.00 161.91 ? 9  DC A "C1'" 1 
ATOM 176 N N1    . DC A 1 9  ? -5.668  -7.535  4.759   1.00 159.44 ? 9  DC A N1    1 
ATOM 177 C C2    . DC A 1 9  ? -4.341  -7.954  4.868   1.00 150.98 ? 9  DC A C2    1 
ATOM 178 O O2    . DC A 1 9  ? -3.839  -8.048  5.993   1.00 151.55 ? 9  DC A O2    1 
ATOM 179 N N3    . DC A 1 9  ? -3.640  -8.226  3.738   1.00 145.91 ? 9  DC A N3    1 
ATOM 180 C C4    . DC A 1 9  ? -4.227  -8.104  2.542   1.00 146.35 ? 9  DC A C4    1 
ATOM 181 N N4    . DC A 1 9  ? -3.497  -8.388  1.455   1.00 136.59 ? 9  DC A N4    1 
ATOM 182 C C5    . DC A 1 9  ? -5.589  -7.685  2.410   1.00 154.10 ? 9  DC A C5    1 
ATOM 183 C C6    . DC A 1 9  ? -6.266  -7.419  3.535   1.00 160.08 ? 9  DC A C6    1 
ATOM 184 P P     . DA A 1 10 ? -8.173  -4.806  8.791   1.00 195.98 ? 10 DA A P     1 
ATOM 185 O OP1   . DA A 1 10 ? -8.688  -4.892  10.177  1.00 192.23 ? 10 DA A OP1   1 
ATOM 186 O OP2   . DA A 1 10 ? -8.635  -3.725  7.888   1.00 186.15 ? 10 DA A OP2   1 
ATOM 187 O "O5'" . DA A 1 10 ? -6.580  -4.741  8.864   1.00 181.40 ? 10 DA A "O5'" 1 
ATOM 188 C "C5'" . DA A 1 10 ? -5.830  -5.880  9.282   1.00 174.15 ? 10 DA A "C5'" 1 
ATOM 189 C "C4'" . DA A 1 10 ? -4.366  -5.517  9.356   1.00 167.88 ? 10 DA A "C4'" 1 
ATOM 190 O "O4'" . DA A 1 10 ? -3.674  -5.985  8.168   1.00 160.61 ? 10 DA A "O4'" 1 
ATOM 191 C "C3'" . DA A 1 10 ? -4.112  -4.009  9.423   1.00 169.34 ? 10 DA A "C3'" 1 
ATOM 192 O "O3'" . DA A 1 10 ? -3.202  -3.727  10.457  1.00 167.72 ? 10 DA A "O3'" 1 
ATOM 193 C "C2'" . DA A 1 10 ? -3.521  -3.684  8.052   1.00 163.64 ? 10 DA A "C2'" 1 
ATOM 194 C "C1'" . DA A 1 10 ? -2.793  -4.973  7.746   1.00 156.76 ? 10 DA A "C1'" 1 
ATOM 195 N N9    . DA A 1 10 ? -2.493  -5.166  6.333   1.00 150.68 ? 10 DA A N9    1 
ATOM 196 C C8    . DA A 1 10 ? -3.341  -4.996  5.275   1.00 153.00 ? 10 DA A C8    1 
ATOM 197 N N7    . DA A 1 10 ? -2.789  -5.247  4.107   1.00 147.67 ? 10 DA A N7    1 
ATOM 198 C C5    . DA A 1 10 ? -1.485  -5.602  4.429   1.00 145.60 ? 10 DA A C5    1 
ATOM 199 C C6    . DA A 1 10 ? -0.380  -5.983  3.638   1.00 138.80 ? 10 DA A C6    1 
ATOM 200 N N6    . DA A 1 10 ? -0.424  -6.074  2.303   1.00 135.19 ? 10 DA A N6    1 
ATOM 201 N N1    . DA A 1 10 ? 0.777   -6.275  4.284   1.00 138.84 ? 10 DA A N1    1 
ATOM 202 C C2    . DA A 1 10 ? 0.812   -6.180  5.623   1.00 139.53 ? 10 DA A C2    1 
ATOM 203 N N3    . DA A 1 10 ? -0.160  -5.832  6.464   1.00 142.27 ? 10 DA A N3    1 
ATOM 204 C C4    . DA A 1 10 ? -1.292  -5.554  5.797   1.00 146.51 ? 10 DA A C4    1 
ATOM 205 P P     . DG A 1 11 ? -3.037  -2.222  10.988  1.00 178.85 ? 11 DG A P     1 
ATOM 206 O OP1   . DG A 1 11 ? -4.345  -1.816  11.543  1.00 177.38 ? 11 DG A OP1   1 
ATOM 207 O OP2   . DG A 1 11 ? -2.430  -1.409  9.907   1.00 170.33 ? 11 DG A OP2   1 
ATOM 208 O "O5'" . DG A 1 11 ? -1.976  -2.359  12.178  1.00 172.96 ? 11 DG A "O5'" 1 
ATOM 209 C "C5'" . DG A 1 11 ? -0.990  -3.389  12.137  1.00 166.06 ? 11 DG A "C5'" 1 
ATOM 210 C "C4'" . DG A 1 11 ? 0.237   -2.960  11.341  1.00 167.77 ? 11 DG A "C4'" 1 
ATOM 211 O "O4'" . DG A 1 11 ? 0.074   -3.278  9.949   1.00 165.03 ? 11 DG A "O4'" 1 
ATOM 212 C "C3'" . DG A 1 11 ? 0.568   -1.468  11.378  1.00 165.21 ? 11 DG A "C3'" 1 
ATOM 213 O "O3'" . DG A 1 11 ? 1.672   -1.257  12.239  1.00 164.17 ? 11 DG A "O3'" 1 
ATOM 214 C "C2'" . DG A 1 11 ? 0.909   -1.112  9.911   1.00 155.87 ? 11 DG A "C2'" 1 
ATOM 215 C "C1'" . DG A 1 11 ? 0.968   -2.474  9.232   1.00 153.92 ? 11 DG A "C1'" 1 
ATOM 216 N N9    . DG A 1 11 ? 0.565   -2.471  7.827   1.00 146.48 ? 11 DG A N9    1 
ATOM 217 C C8    . DG A 1 11 ? -0.668  -2.143  7.320   1.00 147.88 ? 11 DG A C8    1 
ATOM 218 N N7    . DG A 1 11 ? -0.742  -2.247  6.020   1.00 143.41 ? 11 DG A N7    1 
ATOM 219 C C5    . DG A 1 11 ? 0.524   -2.674  5.642   1.00 143.45 ? 11 DG A C5    1 
ATOM 220 C C6    . DG A 1 11 ? 1.042   -2.962  4.354   1.00 141.65 ? 11 DG A C6    1 
ATOM 221 O O6    . DG A 1 11 ? 0.468   -2.890  3.261   1.00 140.05 ? 11 DG A O6    1 
ATOM 222 N N1    . DG A 1 11 ? 2.375   -3.366  4.412   1.00 143.59 ? 11 DG A N1    1 
ATOM 223 C C2    . DG A 1 11 ? 3.113   -3.479  5.570   1.00 144.48 ? 11 DG A C2    1 
ATOM 224 N N2    . DG A 1 11 ? 4.385   -3.883  5.434   1.00 141.38 ? 11 DG A N2    1 
ATOM 225 N N3    . DG A 1 11 ? 2.637   -3.211  6.783   1.00 141.93 ? 11 DG A N3    1 
ATOM 226 C C4    . DG A 1 11 ? 1.341   -2.817  6.742   1.00 144.01 ? 11 DG A C4    1 
ATOM 227 P P     . DA A 1 12 ? 2.356   0.191   12.348  1.00 171.63 ? 12 DA A P     1 
ATOM 228 O OP1   . DA A 1 12 ? 2.938   0.292   13.705  1.00 170.44 ? 12 DA A OP1   1 
ATOM 229 O OP2   . DA A 1 12 ? 1.382   1.205   11.885  1.00 166.17 ? 12 DA A OP2   1 
ATOM 230 O "O5'" . DA A 1 12 ? 3.540   0.132   11.275  1.00 159.55 ? 12 DA A "O5'" 1 
ATOM 231 C "C5'" . DA A 1 12 ? 4.328   -1.043  11.153  1.00 157.88 ? 12 DA A "C5'" 1 
ATOM 232 C "C4'" . DA A 1 12 ? 5.309   -0.908  10.007  1.00 152.56 ? 12 DA A "C4'" 1 
ATOM 233 O "O4'" . DA A 1 12 ? 4.632   -1.169  8.750   1.00 153.22 ? 12 DA A "O4'" 1 
ATOM 234 C "C3'" . DA A 1 12 ? 5.938   0.477   9.867   1.00 149.34 ? 12 DA A "C3'" 1 
ATOM 235 O "O3'" . DA A 1 12 ? 7.325   0.355   9.601   1.00 156.85 ? 12 DA A "O3'" 1 
ATOM 236 C "C2'" . DA A 1 12 ? 5.198   1.076   8.676   1.00 146.87 ? 12 DA A "C2'" 1 
ATOM 237 C "C1'" . DA A 1 12 ? 4.966   -0.159  7.830   1.00 146.67 ? 12 DA A "C1'" 1 
ATOM 238 N N9    . DA A 1 12 ? 3.868   -0.003  6.886   1.00 146.34 ? 12 DA A N9    1 
ATOM 239 C C8    . DA A 1 12 ? 2.614   0.462   7.161   1.00 146.42 ? 12 DA A C8    1 
ATOM 240 N N7    . DA A 1 12 ? 1.825   0.512   6.117   1.00 139.29 ? 12 DA A N7    1 
ATOM 241 C C5    . DA A 1 12 ? 2.618   0.049   5.082   1.00 140.00 ? 12 DA A C5    1 
ATOM 242 C C6    . DA A 1 12 ? 2.362   -0.137  3.714   1.00 142.86 ? 12 DA A C6    1 
ATOM 243 N N6    . DA A 1 12 ? 1.180   0.132   3.151   1.00 142.76 ? 12 DA A N6    1 
ATOM 244 N N1    . DA A 1 12 ? 3.371   -0.618  2.946   1.00 142.95 ? 12 DA A N1    1 
ATOM 245 C C2    . DA A 1 12 ? 4.552   -0.890  3.526   1.00 141.57 ? 12 DA A C2    1 
ATOM 246 N N3    . DA A 1 12 ? 4.909   -0.747  4.806   1.00 139.01 ? 12 DA A N3    1 
ATOM 247 C C4    . DA A 1 12 ? 3.883   -0.274  5.537   1.00 140.29 ? 12 DA A C4    1 
ATOM 248 P P     . DC A 1 13 ? 8.224   1.677   9.419   1.00 163.03 ? 13 DC A P     1 
ATOM 249 O OP1   . DC A 1 13 ? 9.652   1.299   9.540   1.00 157.83 ? 13 DC A OP1   1 
ATOM 250 O OP2   . DC A 1 13 ? 7.640   2.726   10.286  1.00 155.61 ? 13 DC A OP2   1 
ATOM 251 O "O5'" . DC A 1 13 ? 7.965   2.120   7.911   1.00 141.23 ? 13 DC A "O5'" 1 
ATOM 252 C "C5'" . DC A 1 13 ? 9.052   2.488   7.096   1.00 139.81 ? 13 DC A "C5'" 1 
ATOM 253 C "C4'" . DC A 1 13 ? 8.873   1.911   5.713   1.00 145.53 ? 13 DC A "C4'" 1 
ATOM 254 O "O4'" . DC A 1 13 ? 7.503   1.520   5.546   1.00 146.17 ? 13 DC A "O4'" 1 
ATOM 255 C "C3'" . DC A 1 13 ? 9.139   2.877   4.579   1.00 142.50 ? 13 DC A "C3'" 1 
ATOM 256 O "O3'" . DC A 1 13 ? 10.515  2.838   4.243   1.00 148.11 ? 13 DC A "O3'" 1 
ATOM 257 C "C2'" . DC A 1 13 ? 8.275   2.321   3.447   1.00 140.20 ? 13 DC A "C2'" 1 
ATOM 258 C "C1'" . DC A 1 13 ? 7.173   1.545   4.176   1.00 144.72 ? 13 DC A "C1'" 1 
ATOM 259 N N1    . DC A 1 13 ? 5.801   2.118   4.044   1.00 139.54 ? 13 DC A N1    1 
ATOM 260 C C2    . DC A 1 13 ? 5.142   2.123   2.795   1.00 135.87 ? 13 DC A C2    1 
ATOM 261 O O2    . DC A 1 13 ? 5.719   1.676   1.788   1.00 129.83 ? 13 DC A O2    1 
ATOM 262 N N3    . DC A 1 13 ? 3.885   2.625   2.728   1.00 132.77 ? 13 DC A N3    1 
ATOM 263 C C4    . DC A 1 13 ? 3.292   3.095   3.829   1.00 133.69 ? 13 DC A C4    1 
ATOM 264 N N4    . DC A 1 13 ? 2.054   3.582   3.707   1.00 134.77 ? 13 DC A N4    1 
ATOM 265 C C5    . DC A 1 13 ? 3.939   3.089   5.100   1.00 128.17 ? 13 DC A C5    1 
ATOM 266 C C6    . DC A 1 13 ? 5.177   2.595   5.161   1.00 130.18 ? 13 DC A C6    1 
ATOM 267 P P     . DG A 1 14 ? 11.230  4.137   3.628   1.00 167.53 ? 14 DG A P     1 
ATOM 268 O OP1   . DG A 1 14 ? 12.691  3.940   3.760   1.00 164.26 ? 14 DG A OP1   1 
ATOM 269 O OP2   . DG A 1 14 ? 10.588  5.327   4.233   1.00 157.39 ? 14 DG A OP2   1 
ATOM 270 O "O5'" . DG A 1 14 ? 10.834  4.088   2.079   1.00 149.20 ? 14 DG A "O5'" 1 
ATOM 271 C "C5'" . DG A 1 14 ? 11.055  2.899   1.330   1.00 142.89 ? 14 DG A "C5'" 1 
ATOM 272 C "C4'" . DG A 1 14 ? 10.482  3.027   -0.069  1.00 148.16 ? 14 DG A "C4'" 1 
ATOM 273 O "O4'" . DG A 1 14 ? 9.038   2.931   -0.018  1.00 138.75 ? 14 DG A "O4'" 1 
ATOM 274 C "C3'" . DG A 1 14 ? 10.801  4.336   -0.780  1.00 151.54 ? 14 DG A "C3'" 1 
ATOM 275 O "O3'" . DG A 1 14 ? 11.111  4.081   -2.135  1.00 151.92 ? 14 DG A "O3'" 1 
ATOM 276 C "C2'" . DG A 1 14 ? 9.516   5.151   -0.641  1.00 146.18 ? 14 DG A "C2'" 1 
ATOM 277 C "C1'" . DG A 1 14 ? 8.443   4.071   -0.603  1.00 136.47 ? 14 DG A "C1'" 1 
ATOM 278 N N9    . DG A 1 14 ? 7.307   4.433   0.226   1.00 127.89 ? 14 DG A N9    1 
ATOM 279 C C8    . DG A 1 14 ? 7.319   4.592   1.582   1.00 126.62 ? 14 DG A C8    1 
ATOM 280 N N7    . DG A 1 14 ? 6.165   4.905   2.084   1.00 123.54 ? 14 DG A N7    1 
ATOM 281 C C5    . DG A 1 14 ? 5.328   4.971   0.986   1.00 118.19 ? 14 DG A C5    1 
ATOM 282 C C6    . DG A 1 14 ? 3.953   5.282   0.921   1.00 111.03 ? 14 DG A C6    1 
ATOM 283 O O6    . DG A 1 14 ? 3.194   5.566   1.853   1.00 112.04 ? 14 DG A O6    1 
ATOM 284 N N1    . DG A 1 14 ? 3.478   5.245   -0.381  1.00 105.46 ? 14 DG A N1    1 
ATOM 285 C C2    . DG A 1 14 ? 4.238   4.944   -1.483  1.00 110.15 ? 14 DG A C2    1 
ATOM 286 N N2    . DG A 1 14 ? 3.600   4.947   -2.660  1.00 113.26 ? 14 DG A N2    1 
ATOM 287 N N3    . DG A 1 14 ? 5.538   4.649   -1.438  1.00 113.46 ? 14 DG A N3    1 
ATOM 288 C C4    . DG A 1 14 ? 6.011   4.683   -0.170  1.00 117.96 ? 14 DG A C4    1 
ATOM 289 P P     . DC A 1 15 ? 11.682  5.258   -3.061  1.00 157.37 ? 15 DC A P     1 
ATOM 290 O OP1   . DC A 1 15 ? 12.478  4.632   -4.141  1.00 168.76 ? 15 DC A OP1   1 
ATOM 291 O OP2   . DC A 1 15 ? 12.293  6.265   -2.163  1.00 164.30 ? 15 DC A OP2   1 
ATOM 292 O "O5'" . DC A 1 15 ? 10.372  5.898   -3.706  1.00 142.13 ? 15 DC A "O5'" 1 
ATOM 293 C "C5'" . DC A 1 15 ? 9.363   5.050   -4.209  1.00 144.22 ? 15 DC A "C5'" 1 
ATOM 294 C "C4'" . DC A 1 15 ? 8.699   5.668   -5.420  1.00 139.33 ? 15 DC A "C4'" 1 
ATOM 295 O "O4'" . DC A 1 15 ? 7.334   6.009   -5.101  1.00 133.03 ? 15 DC A "O4'" 1 
ATOM 296 C "C3'" . DC A 1 15 ? 9.337   6.949   -5.921  1.00 142.75 ? 15 DC A "C3'" 1 
ATOM 297 O "O3'" . DC A 1 15 ? 9.170   7.052   -7.323  1.00 150.61 ? 15 DC A "O3'" 1 
ATOM 298 C "C2'" . DC A 1 15 ? 8.570   8.043   -5.178  1.00 139.14 ? 15 DC A "C2'" 1 
ATOM 299 C "C1'" . DC A 1 15 ? 7.202   7.405   -4.921  1.00 130.08 ? 15 DC A "C1'" 1 
ATOM 300 N N1    . DC A 1 15 ? 6.683   7.649   -3.539  1.00 126.90 ? 15 DC A N1    1 
ATOM 301 C C2    . DC A 1 15 ? 5.353   8.050   -3.362  1.00 114.25 ? 15 DC A C2    1 
ATOM 302 O O2    . DC A 1 15 ? 4.633   8.185   -4.361  1.00 112.91 ? 15 DC A O2    1 
ATOM 303 N N3    . DC A 1 15 ? 4.896   8.271   -2.102  1.00 111.37 ? 15 DC A N3    1 
ATOM 304 C C4    . DC A 1 15 ? 5.714   8.109   -1.057  1.00 118.53 ? 15 DC A C4    1 
ATOM 305 N N4    . DC A 1 15 ? 5.219   8.339   0.163   1.00 120.45 ? 15 DC A N4    1 
ATOM 306 C C5    . DC A 1 15 ? 7.075   7.705   -1.218  1.00 121.61 ? 15 DC A C5    1 
ATOM 307 C C6    . DC A 1 15 ? 7.513   7.488   -2.464  1.00 125.18 ? 15 DC A C6    1 
ATOM 308 P P     . DC A 1 16 ? 9.818   8.285   -8.122  1.00 156.52 ? 16 DC A P     1 
ATOM 309 O OP1   . DC A 1 16 ? 10.055  7.845   -9.517  1.00 150.34 ? 16 DC A OP1   1 
ATOM 310 O OP2   . DC A 1 16 ? 10.928  8.818   -7.297  1.00 136.20 ? 16 DC A OP2   1 
ATOM 311 O "O5'" . DC A 1 16 ? 8.654   9.376   -8.133  1.00 146.88 ? 16 DC A "O5'" 1 
ATOM 312 C "C5'" . DC A 1 16 ? 7.335   9.009   -8.529  1.00 142.65 ? 16 DC A "C5'" 1 
ATOM 313 C "C4'" . DC A 1 16 ? 6.440   10.231  -8.566  1.00 136.64 ? 16 DC A "C4'" 1 
ATOM 314 O "O4'" . DC A 1 16 ? 5.825   10.433  -7.265  1.00 128.81 ? 16 DC A "O4'" 1 
ATOM 315 C "C3'" . DC A 1 16 ? 7.163   11.540  -8.875  1.00 134.70 ? 16 DC A "C3'" 1 
ATOM 316 O "O3'" . DC A 1 16 ? 6.315   12.373  -9.639  1.00 135.58 ? 16 DC A "O3'" 1 
ATOM 317 C "C2'" . DC A 1 16 ? 7.383   12.125  -7.488  1.00 122.83 ? 16 DC A "C2'" 1 
ATOM 318 C "C1'" . DC A 1 16 ? 6.060   11.759  -6.854  1.00 115.39 ? 16 DC A "C1'" 1 
ATOM 319 N N1    . DC A 1 16 ? 6.069   11.796  -5.388  1.00 112.24 ? 16 DC A N1    1 
ATOM 320 C C2    . DC A 1 16 ? 4.924   12.218  -4.702  1.00 108.35 ? 16 DC A C2    1 
ATOM 321 O O2    . DC A 1 16 ? 3.922   12.564  -5.350  1.00 111.86 ? 16 DC A O2    1 
ATOM 322 N N3    . DC A 1 16 ? 4.944   12.240  -3.345  1.00 106.12 ? 16 DC A N3    1 
ATOM 323 C C4    . DC A 1 16 ? 6.047   11.862  -2.690  1.00 108.69 ? 16 DC A C4    1 
ATOM 324 N N4    . DC A 1 16 ? 6.022   11.901  -1.359  1.00 110.74 ? 16 DC A N4    1 
ATOM 325 C C5    . DC A 1 16 ? 7.222   11.426  -3.372  1.00 116.33 ? 16 DC A C5    1 
ATOM 326 C C6    . DC A 1 16 ? 7.188   11.406  -4.710  1.00 117.22 ? 16 DC A C6    1 
ATOM 327 P P     . DA A 1 17 ? 6.944   13.460  -10.636 1.00 137.07 ? 17 DA A P     1 
ATOM 328 O OP1   . DA A 1 17 ? 7.280   12.744  -11.894 1.00 126.63 ? 17 DA A OP1   1 
ATOM 329 O OP2   . DA A 1 17 ? 7.967   14.201  -9.863  1.00 125.42 ? 17 DA A OP2   1 
ATOM 330 O "O5'" . DA A 1 17 ? 5.745   14.485  -10.907 1.00 125.12 ? 17 DA A "O5'" 1 
ATOM 331 C "C5'" . DA A 1 17 ? 4.529   14.022  -11.480 1.00 117.96 ? 17 DA A "C5'" 1 
ATOM 332 C "C4'" . DA A 1 17 ? 3.331   14.559  -10.714 1.00 121.16 ? 17 DA A "C4'" 1 
ATOM 333 O "O4'" . DA A 1 17 ? 3.526   14.354  -9.292  1.00 122.51 ? 17 DA A "O4'" 1 
ATOM 334 C "C3'" . DA A 1 17 ? 3.064   16.047  -10.873 1.00 131.67 ? 17 DA A "C3'" 1 
ATOM 335 O "O3'" . DA A 1 17 ? 1.658   16.281  -10.810 1.00 143.60 ? 17 DA A "O3'" 1 
ATOM 336 C "C2'" . DA A 1 17 ? 3.799   16.651  -9.672  1.00 120.04 ? 17 DA A "C2'" 1 
ATOM 337 C "C1'" . DA A 1 17 ? 3.553   15.595  -8.611  1.00 112.26 ? 17 DA A "C1'" 1 
ATOM 338 N N9    . DA A 1 17 ? 4.594   15.500  -7.593  1.00 113.42 ? 17 DA A N9    1 
ATOM 339 C C8    . DA A 1 17 ? 5.918   15.217  -7.796  1.00 114.83 ? 17 DA A C8    1 
ATOM 340 N N7    . DA A 1 17 ? 6.623   15.152  -6.689  1.00 110.91 ? 17 DA A N7    1 
ATOM 341 C C5    . DA A 1 17 ? 5.693   15.388  -5.687  1.00 111.38 ? 17 DA A C5    1 
ATOM 342 C C6    . DA A 1 17 ? 5.805   15.450  -4.281  1.00 110.96 ? 17 DA A C6    1 
ATOM 343 N N6    . DA A 1 17 ? 6.960   15.266  -3.632  1.00 109.84 ? 17 DA A N6    1 
ATOM 344 N N1    . DA A 1 17 ? 4.678   15.707  -3.568  1.00 104.57 ? 17 DA A N1    1 
ATOM 345 C C2    . DA A 1 17 ? 3.523   15.889  -4.230  1.00 106.14 ? 17 DA A C2    1 
ATOM 346 N N3    . DA A 1 17 ? 3.298   15.860  -5.551  1.00 109.51 ? 17 DA A N3    1 
ATOM 347 C C4    . DA A 1 17 ? 4.434   15.598  -6.227  1.00 112.07 ? 17 DA A C4    1 
ATOM 348 P P     . DC A 1 18 ? 1.024   17.626  -11.427 1.00 152.97 ? 18 DC A P     1 
ATOM 349 O OP1   . DC A 1 18 ? -0.447  17.529  -11.293 1.00 148.39 ? 18 DC A OP1   1 
ATOM 350 O OP2   . DC A 1 18 ? 1.627   17.852  -12.759 1.00 138.00 ? 18 DC A OP2   1 
ATOM 351 O "O5'" . DC A 1 18 ? 1.550   18.779  -10.450 1.00 134.33 ? 18 DC A "O5'" 1 
ATOM 352 C "C5'" . DC A 1 18 ? 0.627   19.690  -9.867  1.00 130.21 ? 18 DC A "C5'" 1 
ATOM 353 C "C4'" . DC A 1 18 ? 0.586   19.531  -8.358  1.00 132.90 ? 18 DC A "C4'" 1 
ATOM 354 O "O4'" . DC A 1 18 ? 1.800   18.929  -7.903  1.00 127.75 ? 18 DC A "O4'" 1 
ATOM 355 C "C3'" . DC A 1 18 ? 0.498   20.840  -7.581  1.00 139.07 ? 18 DC A "C3'" 1 
ATOM 356 O "O3'" . DC A 1 18 ? -0.860  21.156  -7.304  1.00 148.26 ? 18 DC A "O3'" 1 
ATOM 357 C "C2'" . DC A 1 18 ? 1.309   20.583  -6.293  1.00 119.17 ? 18 DC A "C2'" 1 
ATOM 358 C "C1'" . DC A 1 18 ? 1.920   19.206  -6.528  1.00 119.70 ? 18 DC A "C1'" 1 
ATOM 359 N N1    . DC A 1 18 ? 3.360   19.039  -6.138  1.00 113.35 ? 18 DC A N1    1 
ATOM 360 C C2    . DC A 1 18 ? 3.741   19.036  -4.782  1.00 112.01 ? 18 DC A C2    1 
ATOM 361 O O2    . DC A 1 18 ? 2.897   19.241  -3.905  1.00 111.56 ? 18 DC A O2    1 
ATOM 362 N N3    . DC A 1 18 ? 5.046   18.816  -4.474  1.00 103.91 ? 18 DC A N3    1 
ATOM 363 C C4    . DC A 1 18 ? 5.937   18.599  -5.443  1.00 110.06 ? 18 DC A C4    1 
ATOM 364 N N4    . DC A 1 18 ? 7.211   18.396  -5.091  1.00 112.79 ? 18 DC A N4    1 
ATOM 365 C C5    . DC A 1 18 ? 5.564   18.585  -6.818  1.00 110.26 ? 18 DC A C5    1 
ATOM 366 C C6    . DC A 1 18 ? 4.279   18.796  -7.115  1.00 113.35 ? 18 DC A C6    1 
ATOM 367 P P     . DT A 1 19 ? -1.366  22.675  -7.438  1.00 164.15 ? 19 DT A P     1 
ATOM 368 O OP1   . DT A 1 19 ? -2.799  22.629  -7.804  1.00 151.39 ? 19 DT A OP1   1 
ATOM 369 O OP2   . DT A 1 19 ? -0.416  23.387  -8.324  1.00 156.40 ? 19 DT A OP2   1 
ATOM 370 O "O5'" . DT A 1 19 ? -1.199  23.251  -5.953  1.00 142.34 ? 19 DT A "O5'" 1 
ATOM 371 C "C5'" . DT A 1 19 ? -1.744  22.522  -4.867  1.00 138.70 ? 19 DT A "C5'" 1 
ATOM 372 C "C4'" . DT A 1 19 ? -1.003  22.803  -3.569  1.00 145.15 ? 19 DT A "C4'" 1 
ATOM 373 O "O4'" . DT A 1 19 ? 0.359   22.339  -3.650  1.00 139.13 ? 19 DT A "O4'" 1 
ATOM 374 C "C3'" . DT A 1 19 ? -0.929  24.270  -3.150  1.00 149.61 ? 19 DT A "C3'" 1 
ATOM 375 O "O3'" . DT A 1 19 ? -1.547  24.399  -1.884  1.00 152.46 ? 19 DT A "O3'" 1 
ATOM 376 C "C2'" . DT A 1 19 ? 0.588   24.574  -3.087  1.00 146.08 ? 19 DT A "C2'" 1 
ATOM 377 C "C1'" . DT A 1 19 ? 1.172   23.189  -2.876  1.00 136.51 ? 19 DT A "C1'" 1 
ATOM 378 N N1    . DT A 1 19 ? 2.577   22.979  -3.350  1.00 129.56 ? 19 DT A N1    1 
ATOM 379 C C2    . DT A 1 19 ? 3.585   22.732  -2.441  1.00 119.50 ? 19 DT A C2    1 
ATOM 380 O O2    . DT A 1 19 ? 3.415   22.752  -1.239  1.00 123.77 ? 19 DT A O2    1 
ATOM 381 N N3    . DT A 1 19 ? 4.816   22.486  -3.004  1.00 113.65 ? 19 DT A N3    1 
ATOM 382 C C4    . DT A 1 19 ? 5.120   22.441  -4.354  1.00 113.27 ? 19 DT A C4    1 
ATOM 383 O O4    . DT A 1 19 ? 6.249   22.213  -4.773  1.00 109.07 ? 19 DT A O4    1 
ATOM 384 C C5    . DT A 1 19 ? 4.013   22.681  -5.241  1.00 116.83 ? 19 DT A C5    1 
ATOM 385 C C7    . DT A 1 19 ? 4.221   22.659  -6.725  1.00 118.93 ? 19 DT A C7    1 
ATOM 386 C C6    . DT A 1 19 ? 2.814   22.928  -4.705  1.00 123.65 ? 19 DT A C6    1 
ATOM 387 P P     . DC A 1 20 ? -2.319  25.744  -1.474  1.00 160.26 ? 20 DC A P     1 
ATOM 388 O OP1   . DC A 1 20 ? -3.612  25.351  -0.871  1.00 167.97 ? 20 DC A OP1   1 
ATOM 389 O OP2   . DC A 1 20 ? -2.317  26.665  -2.633  1.00 147.62 ? 20 DC A OP2   1 
ATOM 390 O "O5'" . DC A 1 20 ? -1.384  26.338  -0.332  1.00 153.70 ? 20 DC A "O5'" 1 
ATOM 391 C "C5'" . DC A 1 20 ? -0.394  25.497  0.256   1.00 154.01 ? 20 DC A "C5'" 1 
ATOM 392 C "C4'" . DC A 1 20 ? 0.808   26.311  0.684   1.00 155.18 ? 20 DC A "C4'" 1 
ATOM 393 O "O4'" . DC A 1 20 ? 1.969   25.963  -0.125  1.00 154.15 ? 20 DC A "O4'" 1 
ATOM 394 C "C3'" . DC A 1 20 ? 0.635   27.821  0.537   1.00 158.24 ? 20 DC A "C3'" 1 
ATOM 395 O "O3'" . DC A 1 20 ? 1.183   28.469  1.675   1.00 161.59 ? 20 DC A "O3'" 1 
ATOM 396 C "C2'" . DC A 1 20 ? 1.440   28.127  -0.726  1.00 154.95 ? 20 DC A "C2'" 1 
ATOM 397 C "C1'" . DC A 1 20 ? 2.590   27.154  -0.550  1.00 149.82 ? 20 DC A "C1'" 1 
ATOM 398 N N1    . DC A 1 20 ? 3.371   26.880  -1.800  1.00 137.73 ? 20 DC A N1    1 
ATOM 399 C C2    . DC A 1 20 ? 4.679   26.370  -1.712  1.00 137.67 ? 20 DC A C2    1 
ATOM 400 O O2    . DC A 1 20 ? 5.175   26.154  -0.596  1.00 139.57 ? 20 DC A O2    1 
ATOM 401 N N3    . DC A 1 20 ? 5.364   26.127  -2.857  1.00 133.09 ? 20 DC A N3    1 
ATOM 402 C C4    . DC A 1 20 ? 4.798   26.370  -4.040  1.00 134.33 ? 20 DC A C4    1 
ATOM 403 N N4    . DC A 1 20 ? 5.516   26.108  -5.136  1.00 139.29 ? 20 DC A N4    1 
ATOM 404 C C5    . DC A 1 20 ? 3.474   26.891  -4.151  1.00 137.40 ? 20 DC A C5    1 
ATOM 405 C C6    . DC A 1 20 ? 2.805   27.132  -3.017  1.00 136.40 ? 20 DC A C6    1 
ATOM 406 P P     . DA A 1 21 ? 0.257   29.379  2.622   1.00 171.20 ? 21 DA A P     1 
ATOM 407 O OP1   . DA A 1 21 ? -0.740  28.496  3.271   1.00 164.40 ? 21 DA A OP1   1 
ATOM 408 O OP2   . DA A 1 21 ? -0.172  30.553  1.828   1.00 169.82 ? 21 DA A OP2   1 
ATOM 409 O "O5'" . DA A 1 21 ? 1.258   29.895  3.755   1.00 161.83 ? 21 DA A "O5'" 1 
ATOM 410 C "C5'" . DA A 1 21 ? 1.777   28.971  4.705   1.00 157.06 ? 21 DA A "C5'" 1 
ATOM 411 C "C4'" . DA A 1 21 ? 3.295   28.846  4.600   1.00 158.64 ? 21 DA A "C4'" 1 
ATOM 412 O "O4'" . DA A 1 21 ? 3.690   28.588  3.230   1.00 161.62 ? 21 DA A "O4'" 1 
ATOM 413 C "C3'" . DA A 1 21 ? 4.095   30.071  5.038   1.00 162.94 ? 21 DA A "C3'" 1 
ATOM 414 O "O3'" . DA A 1 21 ? 5.234   29.641  5.776   1.00 157.13 ? 21 DA A "O3'" 1 
ATOM 415 C "C2'" . DA A 1 21 ? 4.501   30.713  3.708   1.00 167.47 ? 21 DA A "C2'" 1 
ATOM 416 C "C1'" . DA A 1 21 ? 4.727   29.475  2.865   1.00 161.16 ? 21 DA A "C1'" 1 
ATOM 417 N N9    . DA A 1 21 ? 4.632   29.692  1.429   1.00 162.40 ? 21 DA A N9    1 
ATOM 418 C C8    . DA A 1 21 ? 3.567   30.204  0.745   1.00 161.49 ? 21 DA A C8    1 
ATOM 419 N N7    . DA A 1 21 ? 3.746   30.255  -0.555  1.00 159.83 ? 21 DA A N7    1 
ATOM 420 C C5    . DA A 1 21 ? 5.011   29.719  -0.736  1.00 160.93 ? 21 DA A C5    1 
ATOM 421 C C6    . DA A 1 21 ? 5.792   29.495  -1.889  1.00 159.00 ? 21 DA A C6    1 
ATOM 422 N N6    . DA A 1 21 ? 5.374   29.793  -3.127  1.00 155.45 ? 21 DA A N6    1 
ATOM 423 N N1    . DA A 1 21 ? 7.021   28.952  -1.719  1.00 157.77 ? 21 DA A N1    1 
ATOM 424 C C2    . DA A 1 21 ? 7.431   28.659  -0.475  1.00 161.04 ? 21 DA A C2    1 
ATOM 425 N N3    . DA A 1 21 ? 6.785   28.827  0.682   1.00 161.17 ? 21 DA A N3    1 
ATOM 426 C C4    . DA A 1 21 ? 5.572   29.366  0.479   1.00 161.68 ? 21 DA A C4    1 
ATOM 427 P P     . DC B 2 1  ? -6.472  4.656   -2.580  1.00 125.19 ? 1  DC B P     1 
ATOM 428 O OP1   . DC B 2 1  ? -7.611  5.407   -3.152  1.00 111.54 ? 1  DC B OP1   1 
ATOM 429 O OP2   . DC B 2 1  ? -6.358  4.420   -1.122  1.00 110.13 ? 1  DC B OP2   1 
ATOM 430 O "O5'" . DC B 2 1  ? -5.108  5.366   -3.015  1.00 111.50 ? 1  DC B "O5'" 1 
ATOM 431 C "C5'" . DC B 2 1  ? -5.054  6.175   -4.183  1.00 108.16 ? 1  DC B "C5'" 1 
ATOM 432 C "C4'" . DC B 2 1  ? -3.617  6.384   -4.603  1.00 106.46 ? 1  DC B "C4'" 1 
ATOM 433 O "O4'" . DC B 2 1  ? -2.924  7.065   -3.553  1.00 103.73 ? 1  DC B "O4'" 1 
ATOM 434 C "C3'" . DC B 2 1  ? -2.824  5.106   -4.783  1.00 112.11 ? 1  DC B "C3'" 1 
ATOM 435 O "O3'" . DC B 2 1  ? -3.009  4.594   -6.089  1.00 121.72 ? 1  DC B "O3'" 1 
ATOM 436 C "C2'" . DC B 2 1  ? -1.385  5.562   -4.560  1.00 99.26  ? 1  DC B "C2'" 1 
ATOM 437 C "C1'" . DC B 2 1  ? -1.545  6.783   -3.651  1.00 98.68  ? 1  DC B "C1'" 1 
ATOM 438 N N1    . DC B 2 1  ? -1.010  6.622   -2.266  1.00 100.01 ? 1  DC B N1    1 
ATOM 439 C C2    . DC B 2 1  ? 0.342   6.287   -2.045  1.00 101.48 ? 1  DC B C2    1 
ATOM 440 O O2    . DC B 2 1  ? 1.094   6.095   -3.010  1.00 101.58 ? 1  DC B O2    1 
ATOM 441 N N3    . DC B 2 1  ? 0.788   6.181   -0.768  1.00 102.00 ? 1  DC B N3    1 
ATOM 442 C C4    . DC B 2 1  ? -0.047  6.398   0.250   1.00 105.64 ? 1  DC B C4    1 
ATOM 443 N N4    . DC B 2 1  ? 0.431   6.278   1.489   1.00 110.43 ? 1  DC B N4    1 
ATOM 444 C C5    . DC B 2 1  ? -1.413  6.746   0.045   1.00 109.80 ? 1  DC B C5    1 
ATOM 445 C C6    . DC B 2 1  ? -1.845  6.850   -1.213  1.00 108.71 ? 1  DC B C6    1 
ATOM 446 P P     . DG B 2 2  ? -3.681  3.149   -6.273  1.00 133.30 ? 2  DG B P     1 
ATOM 447 O OP1   . DG B 2 2  ? -4.390  3.143   -7.576  1.00 121.79 ? 2  DG B OP1   1 
ATOM 448 O OP2   . DG B 2 2  ? -4.374  2.864   -4.993  1.00 103.24 ? 2  DG B OP2   1 
ATOM 449 O "O5'" . DG B 2 2  ? -2.445  2.143   -6.364  1.00 113.25 ? 2  DG B "O5'" 1 
ATOM 450 C "C5'" . DG B 2 2  ? -1.421  2.355   -7.323  1.00 108.67 ? 2  DG B "C5'" 1 
ATOM 451 C "C4'" . DG B 2 2  ? -0.069  2.274   -6.655  1.00 107.52 ? 2  DG B "C4'" 1 
ATOM 452 O "O4'" . DG B 2 2  ? -0.182  2.825   -5.343  1.00 103.24 ? 2  DG B "O4'" 1 
ATOM 453 C "C3'" . DG B 2 2  ? 0.453   0.860   -6.434  1.00 126.40 ? 2  DG B "C3'" 1 
ATOM 454 O "O3'" . DG B 2 2  ? 1.412   0.538   -7.433  1.00 138.77 ? 2  DG B "O3'" 1 
ATOM 455 C "C2'" . DG B 2 2  ? 1.086   0.893   -5.023  1.00 116.97 ? 2  DG B "C2'" 1 
ATOM 456 C "C1'" . DG B 2 2  ? 0.868   2.331   -4.571  1.00 107.53 ? 2  DG B "C1'" 1 
ATOM 457 N N9    . DG B 2 2  ? 0.499   2.471   -3.168  1.00 112.01 ? 2  DG B N9    1 
ATOM 458 C C8    . DG B 2 2  ? -0.740  2.807   -2.673  1.00 114.08 ? 2  DG B C8    1 
ATOM 459 N N7    . DG B 2 2  ? -0.781  2.877   -1.370  1.00 108.98 ? 2  DG B N7    1 
ATOM 460 C C5    . DG B 2 2  ? 0.515   2.580   -0.974  1.00 109.75 ? 2  DG B C5    1 
ATOM 461 C C6    . DG B 2 2  ? 1.073   2.501   0.325   1.00 111.13 ? 2  DG B C6    1 
ATOM 462 O O6    . DG B 2 2  ? 0.519   2.688   1.412   1.00 108.36 ? 2  DG B O6    1 
ATOM 463 N N1    . DG B 2 2  ? 2.423   2.170   0.286   1.00 114.54 ? 2  DG B N1    1 
ATOM 464 C C2    . DG B 2 2  ? 3.144   1.941   -0.864  1.00 120.32 ? 2  DG B C2    1 
ATOM 465 N N2    . DG B 2 2  ? 4.438   1.633   -0.701  1.00 125.42 ? 2  DG B N2    1 
ATOM 466 N N3    . DG B 2 2  ? 2.634   2.006   -2.094  1.00 108.22 ? 2  DG B N3    1 
ATOM 467 C C4    . DG B 2 2  ? 1.318   2.331   -2.070  1.00 110.49 ? 2  DG B C4    1 
ATOM 468 P P     . DT B 2 3  ? 2.026   -0.946  -7.511  1.00 152.14 ? 3  DT B P     1 
ATOM 469 O OP1   . DT B 2 3  ? 2.676   -1.084  -8.834  1.00 145.01 ? 3  DT B OP1   1 
ATOM 470 O OP2   . DT B 2 3  ? 0.981   -1.911  -7.092  1.00 134.09 ? 3  DT B OP2   1 
ATOM 471 O "O5'" . DT B 2 3  ? 3.148   -0.956  -6.375  1.00 130.39 ? 3  DT B "O5'" 1 
ATOM 472 C "C5'" . DT B 2 3  ? 3.632   -2.181  -5.883  1.00 124.79 ? 3  DT B "C5'" 1 
ATOM 473 C "C4'" . DT B 2 3  ? 4.966   -1.986  -5.205  1.00 126.40 ? 3  DT B "C4'" 1 
ATOM 474 O "O4'" . DT B 2 3  ? 4.777   -1.188  -4.010  1.00 120.25 ? 3  DT B "O4'" 1 
ATOM 475 C "C3'" . DT B 2 3  ? 5.619   -3.270  -4.730  1.00 137.08 ? 3  DT B "C3'" 1 
ATOM 476 O "O3'" . DT B 2 3  ? 7.033   -3.116  -4.665  1.00 143.72 ? 3  DT B "O3'" 1 
ATOM 477 C "C2'" . DT B 2 3  ? 5.009   -3.438  -3.348  1.00 133.51 ? 3  DT B "C2'" 1 
ATOM 478 C "C1'" . DT B 2 3  ? 4.952   -1.993  -2.860  1.00 123.53 ? 3  DT B "C1'" 1 
ATOM 479 N N1    . DT B 2 3  ? 3.819   -1.728  -1.929  1.00 128.72 ? 3  DT B N1    1 
ATOM 480 C C2    . DT B 2 3  ? 4.062   -1.601  -0.577  1.00 132.50 ? 3  DT B C2    1 
ATOM 481 O O2    . DT B 2 3  ? 5.174   -1.692  -0.086  1.00 134.85 ? 3  DT B O2    1 
ATOM 482 N N3    . DT B 2 3  ? 2.947   -1.358  0.186   1.00 129.17 ? 3  DT B N3    1 
ATOM 483 C C4    . DT B 2 3  ? 1.642   -1.234  -0.262  1.00 121.91 ? 3  DT B C4    1 
ATOM 484 O O4    . DT B 2 3  ? 0.705   -1.017  0.499   1.00 116.26 ? 3  DT B O4    1 
ATOM 485 C C5    . DT B 2 3  ? 1.460   -1.377  -1.684  1.00 119.71 ? 3  DT B C5    1 
ATOM 486 C C7    . DT B 2 3  ? 0.089   -1.265  -2.280  1.00 111.57 ? 3  DT B C7    1 
ATOM 487 C C6    . DT B 2 3  ? 2.544   -1.613  -2.439  1.00 122.99 ? 3  DT B C6    1 
ATOM 488 P P     . DC B 2 4  ? 7.983   -4.411  -4.560  1.00 150.60 ? 4  DC B P     1 
ATOM 489 O OP1   . DC B 2 4  ? 9.363   -3.974  -4.856  1.00 151.48 ? 4  DC B OP1   1 
ATOM 490 O OP2   . DC B 2 4  ? 7.378   -5.503  -5.355  1.00 136.23 ? 4  DC B OP2   1 
ATOM 491 O "O5'" . DC B 2 4  ? 7.927   -4.801  -3.009  1.00 136.00 ? 4  DC B "O5'" 1 
ATOM 492 C "C5'" . DC B 2 4  ? 8.168   -3.800  -2.039  1.00 134.30 ? 4  DC B "C5'" 1 
ATOM 493 C "C4'" . DC B 2 4  ? 8.582   -4.406  -0.715  1.00 133.80 ? 4  DC B "C4'" 1 
ATOM 494 O "O4'" . DC B 2 4  ? 7.578   -4.139  0.291   1.00 141.56 ? 4  DC B "O4'" 1 
ATOM 495 C "C3'" . DC B 2 4  ? 8.784   -5.905  -0.704  1.00 119.62 ? 4  DC B "C3'" 1 
ATOM 496 O "O3'" . DC B 2 4  ? 9.807   -6.201  0.231   1.00 118.17 ? 4  DC B "O3'" 1 
ATOM 497 C "C2'" . DC B 2 4  ? 7.417   -6.427  -0.250  1.00 120.80 ? 4  DC B "C2'" 1 
ATOM 498 C "C1'" . DC B 2 4  ? 6.970   -5.339  0.723   1.00 123.54 ? 4  DC B "C1'" 1 
ATOM 499 N N1    . DC B 2 4  ? 5.495   -5.086  0.746   1.00 125.23 ? 4  DC B N1    1 
ATOM 500 C C2    . DC B 2 4  ? 4.848   -4.806  1.962   1.00 128.89 ? 4  DC B C2    1 
ATOM 501 O O2    . DC B 2 4  ? 5.503   -4.811  3.011   1.00 144.72 ? 4  DC B O2    1 
ATOM 502 N N3    . DC B 2 4  ? 3.516   -4.546  1.955   1.00 130.67 ? 4  DC B N3    1 
ATOM 503 C C4    . DC B 2 4  ? 2.842   -4.550  0.801   1.00 130.85 ? 4  DC B C4    1 
ATOM 504 N N4    . DC B 2 4  ? 1.528   -4.294  0.848   1.00 133.60 ? 4  DC B N4    1 
ATOM 505 C C5    . DC B 2 4  ? 3.484   -4.821  -0.448  1.00 124.84 ? 4  DC B C5    1 
ATOM 506 C C6    . DC B 2 4  ? 4.799   -5.072  -0.428  1.00 122.69 ? 4  DC B C6    1 
ATOM 507 P P     . DT B 2 5  ? 10.388  -7.687  0.367   1.00 127.59 ? 5  DT B P     1 
ATOM 508 O OP1   . DT B 2 5  ? 11.797  -7.589  0.804   1.00 113.66 ? 5  DT B OP1   1 
ATOM 509 O OP2   . DT B 2 5  ? 10.018  -8.435  -0.857  1.00 127.14 ? 5  DT B OP2   1 
ATOM 510 O "O5'" . DT B 2 5  ? 9.549   -8.284  1.573   1.00 119.86 ? 5  DT B "O5'" 1 
ATOM 511 C "C5'" . DT B 2 5  ? 9.252   -7.472  2.685   1.00 123.46 ? 5  DT B "C5'" 1 
ATOM 512 C "C4'" . DT B 2 5  ? 8.477   -8.275  3.695   1.00 119.81 ? 5  DT B "C4'" 1 
ATOM 513 O "O4'" . DT B 2 5  ? 7.211   -7.650  3.950   1.00 132.42 ? 5  DT B "O4'" 1 
ATOM 514 C "C3'" . DT B 2 5  ? 8.123   -9.659  3.222   1.00 114.80 ? 5  DT B "C3'" 1 
ATOM 515 O "O3'" . DT B 2 5  ? 9.192   -10.525 3.463   1.00 117.86 ? 5  DT B "O3'" 1 
ATOM 516 C "C2'" . DT B 2 5  ? 6.933   -9.996  4.096   1.00 113.38 ? 5  DT B "C2'" 1 
ATOM 517 C "C1'" . DT B 2 5  ? 6.264   -8.640  4.289   1.00 120.01 ? 5  DT B "C1'" 1 
ATOM 518 N N1    . DT B 2 5  ? 5.059   -8.441  3.445   1.00 116.96 ? 5  DT B N1    1 
ATOM 519 C C2    . DT B 2 5  ? 3.897   -8.044  4.046   1.00 127.46 ? 5  DT B C2    1 
ATOM 520 O O2    . DT B 2 5  ? 3.803   -7.850  5.247   1.00 133.84 ? 5  DT B O2    1 
ATOM 521 N N3    . DT B 2 5  ? 2.841   -7.870  3.201   1.00 122.03 ? 5  DT B N3    1 
ATOM 522 C C4    . DT B 2 5  ? 2.833   -8.056  1.834   1.00 122.01 ? 5  DT B C4    1 
ATOM 523 O O4    . DT B 2 5  ? 1.826   -7.872  1.158   1.00 124.38 ? 5  DT B O4    1 
ATOM 524 C C5    . DT B 2 5  ? 4.091   -8.474  1.263   1.00 115.05 ? 5  DT B C5    1 
ATOM 525 C C7    . DT B 2 5  ? 4.206   -8.705  -0.216  1.00 111.04 ? 5  DT B C7    1 
ATOM 526 C C6    . DT B 2 5  ? 5.132   -8.641  2.084   1.00 108.77 ? 5  DT B C6    1 
ATOM 527 O "O5'" . DT C 3 1  ? 7.373   36.542  -11.608 1.00 166.33 ? 1  DT C "O5'" 1 
ATOM 528 C "C5'" . DT C 3 1  ? 7.815   35.589  -12.570 1.00 170.55 ? 1  DT C "C5'" 1 
ATOM 529 C "C4'" . DT C 3 1  ? 9.277   35.256  -12.354 1.00 173.05 ? 1  DT C "C4'" 1 
ATOM 530 O "O4'" . DT C 3 1  ? 9.705   35.793  -11.074 1.00 169.06 ? 1  DT C "O4'" 1 
ATOM 531 C "C3'" . DT C 3 1  ? 9.591   33.768  -12.295 1.00 179.90 ? 1  DT C "C3'" 1 
ATOM 532 O "O3'" . DT C 3 1  ? 10.916  33.537  -12.742 1.00 194.29 ? 1  DT C "O3'" 1 
ATOM 533 C "C2'" . DT C 3 1  ? 9.446   33.473  -10.808 1.00 178.61 ? 1  DT C "C2'" 1 
ATOM 534 C "C1'" . DT C 3 1  ? 10.047  34.735  -10.203 1.00 176.40 ? 1  DT C "C1'" 1 
ATOM 535 N N1    . DT C 3 1  ? 9.534   35.057  -8.842  1.00 172.63 ? 1  DT C N1    1 
ATOM 536 C C2    . DT C 3 1  ? 10.376  34.926  -7.770  1.00 181.95 ? 1  DT C C2    1 
ATOM 537 O O2    . DT C 3 1  ? 11.527  34.552  -7.875  1.00 175.71 ? 1  DT C O2    1 
ATOM 538 N N3    . DT C 3 1  ? 9.821   35.246  -6.560  1.00 172.25 ? 1  DT C N3    1 
ATOM 539 C C4    . DT C 3 1  ? 8.532   35.677  -6.320  1.00 174.81 ? 1  DT C C4    1 
ATOM 540 O O4    . DT C 3 1  ? 8.127   35.941  -5.191  1.00 161.14 ? 1  DT C O4    1 
ATOM 541 C C5    . DT C 3 1  ? 7.697   35.797  -7.490  1.00 169.86 ? 1  DT C C5    1 
ATOM 542 C C7    . DT C 3 1  ? 6.276   36.256  -7.356  1.00 167.46 ? 1  DT C C7    1 
ATOM 543 C C6    . DT C 3 1  ? 8.232   35.485  -8.682  1.00 172.94 ? 1  DT C C6    1 
ATOM 544 P P     . DC C 3 2  ? 11.477  32.036  -12.881 1.00 191.18 ? 2  DC C P     1 
ATOM 545 O OP1   . DC C 3 2  ? 12.630  32.087  -13.808 1.00 186.77 ? 2  DC C OP1   1 
ATOM 546 O OP2   . DC C 3 2  ? 10.333  31.140  -13.168 1.00 186.12 ? 2  DC C OP2   1 
ATOM 547 O "O5'" . DC C 3 2  ? 12.038  31.697  -11.421 1.00 180.33 ? 2  DC C "O5'" 1 
ATOM 548 C "C5'" . DC C 3 2  ? 12.987  32.568  -10.821 1.00 179.51 ? 2  DC C "C5'" 1 
ATOM 549 C "C4'" . DC C 3 2  ? 13.694  31.899  -9.655  1.00 175.58 ? 2  DC C "C4'" 1 
ATOM 550 O "O4'" . DC C 3 2  ? 13.059  32.278  -8.410  1.00 169.79 ? 2  DC C "O4'" 1 
ATOM 551 C "C3'" . DC C 3 2  ? 13.710  30.376  -9.668  1.00 171.65 ? 2  DC C "C3'" 1 
ATOM 552 O "O3'" . DC C 3 2  ? 14.940  29.925  -9.100  1.00 173.44 ? 2  DC C "O3'" 1 
ATOM 553 C "C2'" . DC C 3 2  ? 12.514  30.025  -8.785  1.00 167.16 ? 2  DC C "C2'" 1 
ATOM 554 C "C1'" . DC C 3 2  ? 12.580  31.131  -7.740  1.00 165.26 ? 2  DC C "C1'" 1 
ATOM 555 N N1    . DC C 3 2  ? 11.268  31.476  -7.153  1.00 162.24 ? 2  DC C N1    1 
ATOM 556 C C2    . DC C 3 2  ? 11.154  31.646  -5.770  1.00 161.97 ? 2  DC C C2    1 
ATOM 557 O O2    . DC C 3 2  ? 12.150  31.483  -5.055  1.00 163.72 ? 2  DC C O2    1 
ATOM 558 N N3    . DC C 3 2  ? 9.947   31.980  -5.253  1.00 163.20 ? 2  DC C N3    1 
ATOM 559 C C4    . DC C 3 2  ? 8.895   32.146  -6.060  1.00 163.93 ? 2  DC C C4    1 
ATOM 560 N N4    . DC C 3 2  ? 7.728   32.474  -5.499  1.00 162.00 ? 2  DC C N4    1 
ATOM 561 C C5    . DC C 3 2  ? 8.995   31.981  -7.474  1.00 161.91 ? 2  DC C C5    1 
ATOM 562 C C6    . DC C 3 2  ? 10.191  31.654  -7.971  1.00 161.70 ? 2  DC C C6    1 
ATOM 563 P P     . DT C 3 3  ? 15.193  28.367  -8.808  1.00 193.91 ? 3  DT C P     1 
ATOM 564 O OP1   . DT C 3 3  ? 16.651  28.169  -8.640  1.00 186.99 ? 3  DT C OP1   1 
ATOM 565 O OP2   . DT C 3 3  ? 14.445  27.587  -9.823  1.00 189.96 ? 3  DT C OP2   1 
ATOM 566 O "O5'" . DT C 3 3  ? 14.512  28.130  -7.384  1.00 179.27 ? 3  DT C "O5'" 1 
ATOM 567 C "C5'" . DT C 3 3  ? 14.915  28.899  -6.258  1.00 171.83 ? 3  DT C "C5'" 1 
ATOM 568 C "C4'" . DT C 3 3  ? 14.540  28.182  -4.977  1.00 177.29 ? 3  DT C "C4'" 1 
ATOM 569 O "O4'" . DT C 3 3  ? 13.244  28.646  -4.503  1.00 180.40 ? 3  DT C "O4'" 1 
ATOM 570 C "C3'" . DT C 3 3  ? 14.417  26.668  -5.118  1.00 172.22 ? 3  DT C "C3'" 1 
ATOM 571 O "O3'" . DT C 3 3  ? 14.945  26.046  -3.973  1.00 169.73 ? 3  DT C "O3'" 1 
ATOM 572 C "C2'" . DT C 3 3  ? 12.911  26.456  -5.216  1.00 161.90 ? 3  DT C "C2'" 1 
ATOM 573 C "C1'" . DT C 3 3  ? 12.406  27.531  -4.271  1.00 163.96 ? 3  DT C "C1'" 1 
ATOM 574 N N1    . DT C 3 3  ? 10.995  27.937  -4.532  1.00 159.70 ? 3  DT C N1    1 
ATOM 575 C C2    . DT C 3 3  ? 10.184  28.293  -3.477  1.00 153.73 ? 3  DT C C2    1 
ATOM 576 O O2    . DT C 3 3  ? 10.558  28.296  -2.317  1.00 148.47 ? 3  DT C O2    1 
ATOM 577 N N3    . DT C 3 3  ? 8.909   28.652  -3.834  1.00 152.75 ? 3  DT C N3    1 
ATOM 578 C C4    . DT C 3 3  ? 8.379   28.689  -5.115  1.00 148.73 ? 3  DT C C4    1 
ATOM 579 O O4    . DT C 3 3  ? 7.221   29.025  -5.338  1.00 149.81 ? 3  DT C O4    1 
ATOM 580 C C5    . DT C 3 3  ? 9.287   28.303  -6.170  1.00 150.56 ? 3  DT C C5    1 
ATOM 581 C C7    . DT C 3 3  ? 8.828   28.301  -7.598  1.00 151.18 ? 3  DT C C7    1 
ATOM 582 C C6    . DT C 3 3  ? 10.534  27.951  -5.832  1.00 150.76 ? 3  DT C C6    1 
ATOM 583 P P     . DG C 3 4  ? 16.329  25.238  -4.060  1.00 184.51 ? 4  DG C P     1 
ATOM 584 O OP1   . DG C 3 4  ? 17.426  26.232  -4.041  1.00 179.43 ? 4  DG C OP1   1 
ATOM 585 O OP2   . DG C 3 4  ? 16.225  24.288  -5.192  1.00 180.55 ? 4  DG C OP2   1 
ATOM 586 O "O5'" . DG C 3 4  ? 16.347  24.403  -2.694  1.00 177.32 ? 4  DG C "O5'" 1 
ATOM 587 C "C5'" . DG C 3 4  ? 16.069  25.068  -1.459  1.00 168.10 ? 4  DG C "C5'" 1 
ATOM 588 C "C4'" . DG C 3 4  ? 14.919  24.407  -0.701  1.00 165.31 ? 4  DG C "C4'" 1 
ATOM 589 O "O4'" . DG C 3 4  ? 13.640  24.773  -1.286  1.00 165.69 ? 4  DG C "O4'" 1 
ATOM 590 C "C3'" . DG C 3 4  ? 14.936  22.876  -0.647  1.00 161.66 ? 4  DG C "C3'" 1 
ATOM 591 O "O3'" . DG C 3 4  ? 14.655  22.464  0.675   1.00 160.84 ? 4  DG C "O3'" 1 
ATOM 592 C "C2'" . DG C 3 4  ? 13.798  22.479  -1.593  1.00 157.57 ? 4  DG C "C2'" 1 
ATOM 593 C "C1'" . DG C 3 4  ? 12.826  23.621  -1.362  1.00 155.74 ? 4  DG C "C1'" 1 
ATOM 594 N N9    . DG C 3 4  ? 11.855  23.812  -2.443  1.00 151.40 ? 4  DG C N9    1 
ATOM 595 C C8    . DG C 3 4  ? 12.048  23.571  -3.783  1.00 145.53 ? 4  DG C C8    1 
ATOM 596 N N7    . DG C 3 4  ? 11.004  23.847  -4.518  1.00 140.81 ? 4  DG C N7    1 
ATOM 597 C C5    . DG C 3 4  ? 10.059  24.303  -3.611  1.00 139.06 ? 4  DG C C5    1 
ATOM 598 C C6    . DG C 3 4  ? 8.731   24.748  -3.824  1.00 137.47 ? 4  DG C C6    1 
ATOM 599 O O6    . DG C 3 4  ? 8.115   24.827  -4.893  1.00 135.13 ? 4  DG C O6    1 
ATOM 600 N N1    . DG C 3 4  ? 8.111   25.122  -2.636  1.00 137.93 ? 4  DG C N1    1 
ATOM 601 C C2    . DG C 3 4  ? 8.698   25.073  -1.391  1.00 137.88 ? 4  DG C C2    1 
ATOM 602 N N2    . DG C 3 4  ? 7.942   25.476  -0.355  1.00 138.97 ? 4  DG C N2    1 
ATOM 603 N N3    . DG C 3 4  ? 9.947   24.656  -1.175  1.00 138.90 ? 4  DG C N3    1 
ATOM 604 C C4    . DG C 3 4  ? 10.563  24.289  -2.326  1.00 142.34 ? 4  DG C C4    1 
ATOM 605 P P     . DA C 3 5  ? 15.298  21.119  1.270   1.00 179.50 ? 5  DA C P     1 
ATOM 606 O OP1   . DA C 3 5  ? 16.567  21.502  1.937   1.00 170.60 ? 5  DA C OP1   1 
ATOM 607 O OP2   . DA C 3 5  ? 15.283  20.099  0.197   1.00 173.02 ? 5  DA C OP2   1 
ATOM 608 O "O5'" . DA C 3 5  ? 14.253  20.668  2.394   1.00 166.33 ? 5  DA C "O5'" 1 
ATOM 609 C "C5'" . DA C 3 5  ? 13.971  21.544  3.479   1.00 156.92 ? 5  DA C "C5'" 1 
ATOM 610 C "C4'" . DA C 3 5  ? 12.478  21.613  3.769   1.00 151.19 ? 5  DA C "C4'" 1 
ATOM 611 O "O4'" . DA C 3 5  ? 11.749  22.002  2.575   1.00 152.20 ? 5  DA C "O4'" 1 
ATOM 612 C "C3'" . DA C 3 5  ? 11.842  20.305  4.242   1.00 147.13 ? 5  DA C "C3'" 1 
ATOM 613 O "O3'" . DA C 3 5  ? 10.981  20.565  5.350   1.00 149.68 ? 5  DA C "O3'" 1 
ATOM 614 C "C2'" . DA C 3 5  ? 11.053  19.834  3.018   1.00 146.29 ? 5  DA C "C2'" 1 
ATOM 615 C "C1'" . DA C 3 5  ? 10.631  21.159  2.414   1.00 141.72 ? 5  DA C "C1'" 1 
ATOM 616 N N9    . DA C 3 5  ? 10.332  21.081  0.992   1.00 138.41 ? 5  DA C N9    1 
ATOM 617 C C8    . DA C 3 5  ? 11.175  20.656  0.005   1.00 145.70 ? 5  DA C C8    1 
ATOM 618 N N7    . DA C 3 5  ? 10.651  20.698  -1.197  1.00 145.44 ? 5  DA C N7    1 
ATOM 619 C C5    . DA C 3 5  ? 9.371   21.192  -0.986  1.00 138.21 ? 5  DA C C5    1 
ATOM 620 C C6    . DA C 3 5  ? 8.309   21.474  -1.870  1.00 129.47 ? 5  DA C C6    1 
ATOM 621 N N6    . DA C 3 5  ? 8.392   21.282  -3.186  1.00 129.83 ? 5  DA C N6    1 
ATOM 622 N N1    . DA C 3 5  ? 7.160   21.960  -1.338  1.00 127.19 ? 5  DA C N1    1 
ATOM 623 C C2    . DA C 3 5  ? 7.094   22.146  -0.007  1.00 126.12 ? 5  DA C C2    1 
ATOM 624 N N3    . DA C 3 5  ? 8.033   21.916  0.922   1.00 131.86 ? 5  DA C N3    1 
ATOM 625 C C4    . DA C 3 5  ? 9.157   21.435  0.360   1.00 136.06 ? 5  DA C C4    1 
ATOM 626 P P     . DG C 3 6  ? 10.901  19.529  6.578   1.00 165.16 ? 6  DG C P     1 
ATOM 627 O OP1   . DG C 3 6  ? 11.100  20.293  7.832   1.00 157.97 ? 6  DG C OP1   1 
ATOM 628 O OP2   . DG C 3 6  ? 11.776  18.379  6.252   1.00 162.06 ? 6  DG C OP2   1 
ATOM 629 O "O5'" . DG C 3 6  ? 9.388   19.015  6.560   1.00 152.82 ? 6  DG C "O5'" 1 
ATOM 630 C "C5'" . DG C 3 6  ? 8.758   18.711  5.334   1.00 143.05 ? 6  DG C "C5'" 1 
ATOM 631 C "C4'" . DG C 3 6  ? 7.305   19.129  5.377   1.00 141.54 ? 6  DG C "C4'" 1 
ATOM 632 O "O4'" . DG C 3 6  ? 6.937   19.720  4.113   1.00 137.20 ? 6  DG C "O4'" 1 
ATOM 633 C "C3'" . DG C 3 6  ? 6.327   17.992  5.615   1.00 133.85 ? 6  DG C "C3'" 1 
ATOM 634 O "O3'" . DG C 3 6  ? 5.228   18.425  6.393   1.00 139.38 ? 6  DG C "O3'" 1 
ATOM 635 C "C2'" . DG C 3 6  ? 5.897   17.581  4.214   1.00 134.41 ? 6  DG C "C2'" 1 
ATOM 636 C "C1'" . DG C 3 6  ? 6.125   18.837  3.369   1.00 128.34 ? 6  DG C "C1'" 1 
ATOM 637 N N9    . DG C 3 6  ? 6.795   18.543  2.107   1.00 119.35 ? 6  DG C N9    1 
ATOM 638 C C8    . DG C 3 6  ? 8.070   18.056  1.947   1.00 122.62 ? 6  DG C C8    1 
ATOM 639 N N7    . DG C 3 6  ? 8.404   17.867  0.702   1.00 117.76 ? 6  DG C N7    1 
ATOM 640 C C5    . DG C 3 6  ? 7.276   18.248  -0.011  1.00 115.46 ? 6  DG C C5    1 
ATOM 641 C C6    . DG C 3 6  ? 7.047   18.265  -1.409  1.00 111.69 ? 6  DG C C6    1 
ATOM 642 O O6    . DG C 3 6  ? 7.817   17.934  -2.318  1.00 104.99 ? 6  DG C O6    1 
ATOM 643 N N1    . DG C 3 6  ? 5.767   18.721  -1.716  1.00 112.76 ? 6  DG C N1    1 
ATOM 644 C C2    . DG C 3 6  ? 4.826   19.113  -0.789  1.00 116.03 ? 6  DG C C2    1 
ATOM 645 N N2    . DG C 3 6  ? 3.646   19.528  -1.275  1.00 119.45 ? 6  DG C N2    1 
ATOM 646 N N3    . DG C 3 6  ? 5.028   19.102  0.529   1.00 114.19 ? 6  DG C N3    1 
ATOM 647 C C4    . DG C 3 6  ? 6.272   18.660  0.842   1.00 115.48 ? 6  DG C C4    1 
ATOM 648 P P     . DT C 3 7  ? 4.242   17.333  7.039   1.00 147.62 ? 7  DT C P     1 
ATOM 649 O OP1   . DT C 3 7  ? 3.541   17.973  8.175   1.00 132.91 ? 7  DT C OP1   1 
ATOM 650 O OP2   . DT C 3 7  ? 5.049   16.114  7.271   1.00 135.01 ? 7  DT C OP2   1 
ATOM 651 O "O5'" . DT C 3 7  ? 3.200   17.016  5.863   1.00 140.69 ? 7  DT C "O5'" 1 
ATOM 652 C "C5'" . DT C 3 7  ? 2.546   18.091  5.190   1.00 133.89 ? 7  DT C "C5'" 1 
ATOM 653 C "C4'" . DT C 3 7  ? 1.817   17.609  3.944   1.00 134.55 ? 7  DT C "C4'" 1 
ATOM 654 O "O4'" . DT C 3 7  ? 2.748   17.424  2.847   1.00 136.87 ? 7  DT C "O4'" 1 
ATOM 655 C "C3'" . DT C 3 7  ? 1.057   16.285  4.084   1.00 126.82 ? 7  DT C "C3'" 1 
ATOM 656 O "O3'" . DT C 3 7  ? -0.282  16.470  3.632   1.00 131.01 ? 7  DT C "O3'" 1 
ATOM 657 C "C2'" . DT C 3 7  ? 1.833   15.330  3.165   1.00 123.19 ? 7  DT C "C2'" 1 
ATOM 658 C "C1'" . DT C 3 7  ? 2.346   16.297  2.113   1.00 119.56 ? 7  DT C "C1'" 1 
ATOM 659 N N1    . DT C 3 7  ? 3.517   15.806  1.316   1.00 108.35 ? 7  DT C N1    1 
ATOM 660 C C2    . DT C 3 7  ? 3.440   15.805  -0.059  1.00 109.68 ? 7  DT C C2    1 
ATOM 661 O O2    . DT C 3 7  ? 2.454   16.169  -0.674  1.00 110.03 ? 7  DT C O2    1 
ATOM 662 N N3    . DT C 3 7  ? 4.568   15.355  -0.696  1.00 109.67 ? 7  DT C N3    1 
ATOM 663 C C4    . DT C 3 7  ? 5.741   14.920  -0.107  1.00 112.42 ? 7  DT C C4    1 
ATOM 664 O O4    . DT C 3 7  ? 6.702   14.531  -0.767  1.00 112.96 ? 7  DT C O4    1 
ATOM 665 C C5    . DT C 3 7  ? 5.754   14.952  1.334   1.00 114.17 ? 7  DT C C5    1 
ATOM 666 C C7    . DT C 3 7  ? 6.969   14.501  2.085   1.00 124.41 ? 7  DT C C7    1 
ATOM 667 C C6    . DT C 3 7  ? 4.655   15.391  1.966   1.00 111.17 ? 7  DT C C6    1 
ATOM 668 P P     . DG C 3 8  ? -1.468  15.528  4.169   1.00 148.04 ? 8  DG C P     1 
ATOM 669 O OP1   . DG C 3 8  ? -2.354  16.363  5.027   1.00 135.52 ? 8  DG C OP1   1 
ATOM 670 O OP2   . DG C 3 8  ? -0.836  14.321  4.746   1.00 142.49 ? 8  DG C OP2   1 
ATOM 671 O "O5'" . DG C 3 8  ? -2.248  15.097  2.829   1.00 121.77 ? 8  DG C "O5'" 1 
ATOM 672 C "C5'" . DG C 3 8  ? -3.261  15.947  2.295   1.00 115.73 ? 8  DG C "C5'" 1 
ATOM 673 C "C4'" . DG C 3 8  ? -3.446  15.739  0.795   1.00 109.59 ? 8  DG C "C4'" 1 
ATOM 674 O "O4'" . DG C 3 8  ? -2.173  15.486  0.157   1.00 114.90 ? 8  DG C "O4'" 1 
ATOM 675 C "C3'" . DG C 3 8  ? -4.330  14.576  0.388   1.00 110.84 ? 8  DG C "C3'" 1 
ATOM 676 O "O3'" . DG C 3 8  ? -4.961  14.892  -0.824  1.00 108.82 ? 8  DG C "O3'" 1 
ATOM 677 C "C2'" . DG C 3 8  ? -3.328  13.434  0.208   1.00 113.13 ? 8  DG C "C2'" 1 
ATOM 678 C "C1'" . DG C 3 8  ? -2.140  14.174  -0.386  1.00 107.69 ? 8  DG C "C1'" 1 
ATOM 679 N N9    . DG C 3 8  ? -0.841  13.624  -0.028  1.00 108.70 ? 8  DG C N9    1 
ATOM 680 C C8    . DG C 3 8  ? -0.349  13.452  1.243   1.00 109.04 ? 8  DG C C8    1 
ATOM 681 N N7    . DG C 3 8  ? 0.865   12.984  1.271   1.00 104.75 ? 8  DG C N7    1 
ATOM 682 C C5    . DG C 3 8  ? 1.213   12.861  -0.064  1.00 100.65 ? 8  DG C C5    1 
ATOM 683 C C6    . DG C 3 8  ? 2.419   12.412  -0.651  1.00 97.41  ? 8  DG C C6    1 
ATOM 684 O O6    . DG C 3 8  ? 3.441   12.012  -0.077  1.00 98.58  ? 8  DG C O6    1 
ATOM 685 N N1    . DG C 3 8  ? 2.364   12.441  -2.037  1.00 92.49  ? 8  DG C N1    1 
ATOM 686 C C2    . DG C 3 8  ? 1.279   12.860  -2.771  1.00 99.20  ? 8  DG C C2    1 
ATOM 687 N N2    . DG C 3 8  ? 1.415   12.821  -4.106  1.00 92.37  ? 8  DG C N2    1 
ATOM 688 N N3    . DG C 3 8  ? 0.135   13.287  -2.233  1.00 96.57  ? 8  DG C N3    1 
ATOM 689 C C4    . DG C 3 8  ? 0.178   13.262  -0.883  1.00 99.57  ? 8  DG C C4    1 
ATOM 690 P P     . DG C 3 9  ? -6.298  14.119  -1.249  1.00 135.95 ? 9  DG C P     1 
ATOM 691 O OP1   . DG C 3 9  ? -7.023  14.961  -2.230  1.00 135.01 ? 9  DG C OP1   1 
ATOM 692 O OP2   . DG C 3 9  ? -6.947  13.718  0.021   1.00 125.54 ? 9  DG C OP2   1 
ATOM 693 O "O5'" . DG C 3 9  ? -5.761  12.810  -2.006  1.00 130.15 ? 9  DG C "O5'" 1 
ATOM 694 C "C5'" . DG C 3 9  ? -4.756  12.939  -3.017  1.00 131.11 ? 9  DG C "C5'" 1 
ATOM 695 C "C4'" . DG C 3 9  ? -4.211  11.581  -3.431  1.00 117.17 ? 9  DG C "C4'" 1 
ATOM 696 O "O4'" . DG C 3 9  ? -2.878  11.389  -2.892  1.00 124.80 ? 9  DG C "O4'" 1 
ATOM 697 C "C3'" . DG C 3 9  ? -5.028  10.382  -2.954  1.00 110.95 ? 9  DG C "C3'" 1 
ATOM 698 O "O3'" . DG C 3 9  ? -5.222  9.496   -4.033  1.00 109.94 ? 9  DG C "O3'" 1 
ATOM 699 C "C2'" . DG C 3 9  ? -4.139  9.760   -1.878  1.00 107.23 ? 9  DG C "C2'" 1 
ATOM 700 C "C1'" . DG C 3 9  ? -2.779  10.064  -2.454  1.00 105.52 ? 9  DG C "C1'" 1 
ATOM 701 N N9    . DG C 3 9  ? -1.682  9.936   -1.508  1.00 101.85 ? 9  DG C N9    1 
ATOM 702 C C8    . DG C 3 9  ? -1.747  10.014  -0.138  1.00 103.18 ? 9  DG C C8    1 
ATOM 703 N N7    . DG C 3 9  ? -0.595  9.834   0.450   1.00 101.05 ? 9  DG C N7    1 
ATOM 704 C C5    . DG C 3 9  ? 0.292   9.621   -0.603  1.00 103.04 ? 9  DG C C5    1 
ATOM 705 C C6    . DG C 3 9  ? 1.683   9.371   -0.583  1.00 101.84 ? 9  DG C C6    1 
ATOM 706 O O6    . DG C 3 9  ? 2.441   9.290   0.389   1.00 103.82 ? 9  DG C O6    1 
ATOM 707 N N1    . DG C 3 9  ? 2.193   9.216   -1.873  1.00 97.57  ? 9  DG C N1    1 
ATOM 708 C C2    . DG C 3 9  ? 1.445   9.290   -3.025  1.00 100.65 ? 9  DG C C2    1 
ATOM 709 N N2    . DG C 3 9  ? 2.101   9.115   -4.185  1.00 98.57  ? 9  DG C N2    1 
ATOM 710 N N3    . DG C 3 9  ? 0.141   9.524   -3.052  1.00 103.13 ? 9  DG C N3    1 
ATOM 711 C C4    . DG C 3 9  ? -0.368  9.679   -1.803  1.00 103.60 ? 9  DG C C4    1 
ATOM 712 P P     . DG D 4 1  ? 6.254   -15.566 3.266   1.00 155.59 ? 10 DG D P     1 
ATOM 713 O OP1   . DG D 4 1  ? 7.522   -16.330 3.385   1.00 148.68 ? 10 DG D OP1   1 
ATOM 714 O OP2   . DG D 4 1  ? 5.883   -14.844 2.022   1.00 124.66 ? 10 DG D OP2   1 
ATOM 715 O "O5'" . DG D 4 1  ? 6.186   -14.461 4.411   1.00 123.31 ? 10 DG D "O5'" 1 
ATOM 716 C "C5'" . DG D 4 1  ? 5.341   -13.342 4.234   1.00 114.16 ? 10 DG D "C5'" 1 
ATOM 717 C "C4'" . DG D 4 1  ? 4.970   -12.739 5.571   1.00 125.32 ? 10 DG D "C4'" 1 
ATOM 718 O "O4'" . DG D 4 1  ? 4.681   -11.343 5.391   1.00 129.04 ? 10 DG D "O4'" 1 
ATOM 719 C "C3'" . DG D 4 1  ? 3.744   -13.353 6.243   1.00 134.63 ? 10 DG D "C3'" 1 
ATOM 720 O "O3'" . DG D 4 1  ? 4.158   -14.179 7.303   1.00 142.55 ? 10 DG D "O3'" 1 
ATOM 721 C "C2'" . DG D 4 1  ? 2.976   -12.149 6.774   1.00 132.80 ? 10 DG D "C2'" 1 
ATOM 722 C "C1'" . DG D 4 1  ? 3.381   -11.054 5.818   1.00 122.66 ? 10 DG D "C1'" 1 
ATOM 723 N N9    . DG D 4 1  ? 2.522   -10.913 4.648   1.00 116.53 ? 10 DG D N9    1 
ATOM 724 C C8    . DG D 4 1  ? 2.849   -11.147 3.338   1.00 112.26 ? 10 DG D C8    1 
ATOM 725 N N7    . DG D 4 1  ? 1.875   -10.888 2.508   1.00 117.84 ? 10 DG D N7    1 
ATOM 726 C C5    . DG D 4 1  ? 0.849   -10.437 3.322   1.00 120.82 ? 10 DG D C5    1 
ATOM 727 C C6    . DG D 4 1  ? -0.462  -10.006 2.995   1.00 125.38 ? 10 DG D C6    1 
ATOM 728 O O6    . DG D 4 1  ? -0.997  -9.931  1.878   1.00 126.48 ? 10 DG D O6    1 
ATOM 729 N N1    . DG D 4 1  ? -1.175  -9.633  4.130   1.00 130.11 ? 10 DG D N1    1 
ATOM 730 C C2    . DG D 4 1  ? -0.683  -9.673  5.415   1.00 136.80 ? 10 DG D C2    1 
ATOM 731 N N2    . DG D 4 1  ? -1.511  -9.280  6.393   1.00 142.61 ? 10 DG D N2    1 
ATOM 732 N N3    . DG D 4 1  ? 0.536   -10.077 5.727   1.00 133.26 ? 10 DG D N3    1 
ATOM 733 C C4    . DG D 4 1  ? 1.240   -10.442 4.640   1.00 123.36 ? 10 DG D C4    1 
ATOM 734 P P     . DG D 4 2  ? 3.718   -15.718 7.334   1.00 142.95 ? 11 DG D P     1 
ATOM 735 O OP1   . DG D 4 2  ? 4.422   -16.342 8.480   1.00 146.28 ? 11 DG D OP1   1 
ATOM 736 O OP2   . DG D 4 2  ? 3.878   -16.230 5.955   1.00 132.46 ? 11 DG D OP2   1 
ATOM 737 O "O5'" . DG D 4 2  ? 2.157   -15.664 7.665   1.00 136.72 ? 11 DG D "O5'" 1 
ATOM 738 C "C5'" . DG D 4 2  ? 1.723   -15.281 8.968   1.00 139.65 ? 11 DG D "C5'" 1 
ATOM 739 C "C4'" . DG D 4 2  ? 0.482   -14.424 8.873   1.00 134.65 ? 11 DG D "C4'" 1 
ATOM 740 O "O4'" . DG D 4 2  ? 0.546   -13.674 7.660   1.00 116.75 ? 11 DG D "O4'" 1 
ATOM 741 C "C3'" . DG D 4 2  ? -0.825  -15.187 8.752   1.00 146.26 ? 11 DG D "C3'" 1 
ATOM 742 O "O3'" . DG D 4 2  ? -1.329  -15.499 10.037  1.00 153.95 ? 11 DG D "O3'" 1 
ATOM 743 C "C2'" . DG D 4 2  ? -1.736  -14.185 8.037   1.00 136.40 ? 11 DG D "C2'" 1 
ATOM 744 C "C1'" . DG D 4 2  ? -0.753  -13.285 7.296   1.00 120.53 ? 11 DG D "C1'" 1 
ATOM 745 N N9    . DG D 4 2  ? -0.866  -13.361 5.853   1.00 122.75 ? 11 DG D N9    1 
ATOM 746 C C8    . DG D 4 2  ? 0.076   -13.829 4.973   1.00 128.08 ? 11 DG D C8    1 
ATOM 747 N N7    . DG D 4 2  ? -0.303  -13.758 3.725   1.00 127.06 ? 11 DG D N7    1 
ATOM 748 C C5    . DG D 4 2  ? -1.574  -13.202 3.788   1.00 125.57 ? 11 DG D C5    1 
ATOM 749 C C6    . DG D 4 2  ? -2.480  -12.883 2.752   1.00 122.96 ? 11 DG D C6    1 
ATOM 750 O O6    . DG D 4 2  ? -2.337  -13.035 1.534   1.00 119.10 ? 11 DG D O6    1 
ATOM 751 N N1    . DG D 4 2  ? -3.657  -12.335 3.249   1.00 126.77 ? 11 DG D N1    1 
ATOM 752 C C2    . DG D 4 2  ? -3.918  -12.119 4.583   1.00 133.87 ? 11 DG D C2    1 
ATOM 753 N N2    . DG D 4 2  ? -5.107  -11.582 4.881   1.00 141.25 ? 11 DG D N2    1 
ATOM 754 N N3    . DG D 4 2  ? -3.077  -12.416 5.564   1.00 130.79 ? 11 DG D N3    1 
ATOM 755 C C4    . DG D 4 2  ? -1.930  -12.950 5.093   1.00 128.57 ? 11 DG D C4    1 
ATOM 756 P P     . DT D 4 3  ? -2.582  -16.490 10.170  1.00 142.32 ? 12 DT D P     1 
ATOM 757 O OP1   . DT D 4 3  ? -2.237  -17.454 11.235  1.00 145.12 ? 12 DT D OP1   1 
ATOM 758 O OP2   . DT D 4 3  ? -2.919  -16.932 8.797   1.00 123.96 ? 12 DT D OP2   1 
ATOM 759 O "O5'" . DT D 4 3  ? -3.785  -15.573 10.700  1.00 142.84 ? 12 DT D "O5'" 1 
ATOM 760 C "C5'" . DT D 4 3  ? -5.098  -16.132 10.840  1.00 144.81 ? 12 DT D "C5'" 1 
ATOM 761 C "C4'" . DT D 4 3  ? -6.126  -15.320 10.068  1.00 149.42 ? 12 DT D "C4'" 1 
ATOM 762 O "O4'" . DT D 4 3  ? -5.554  -14.882 8.809   1.00 127.99 ? 12 DT D "O4'" 1 
ATOM 763 C "C3'" . DT D 4 3  ? -7.417  -16.074 9.709   1.00 161.51 ? 12 DT D "C3'" 1 
ATOM 764 O "O3'" . DT D 4 3  ? -8.561  -15.271 10.025  1.00 173.15 ? 12 DT D "O3'" 1 
ATOM 765 C "C2'" . DT D 4 3  ? -7.283  -16.298 8.200   1.00 153.39 ? 12 DT D "C2'" 1 
ATOM 766 C "C1'" . DT D 4 3  ? -6.507  -15.060 7.796   1.00 138.18 ? 12 DT D "C1'" 1 
ATOM 767 N N1    . DT D 4 3  ? -5.798  -15.190 6.517   1.00 138.78 ? 12 DT D N1    1 
ATOM 768 C C2    . DT D 4 3  ? -6.389  -14.713 5.372   1.00 146.80 ? 12 DT D C2    1 
ATOM 769 O O2    . DT D 4 3  ? -7.485  -14.187 5.362   1.00 151.99 ? 12 DT D O2    1 
ATOM 770 N N3    . DT D 4 3  ? -5.642  -14.875 4.234   1.00 144.32 ? 12 DT D N3    1 
ATOM 771 C C4    . DT D 4 3  ? -4.390  -15.455 4.139   1.00 140.35 ? 12 DT D C4    1 
ATOM 772 O O4    . DT D 4 3  ? -3.793  -15.560 3.075   1.00 141.96 ? 12 DT D O4    1 
ATOM 773 C C5    . DT D 4 3  ? -3.832  -15.933 5.380   1.00 138.23 ? 12 DT D C5    1 
ATOM 774 C C7    . DT D 4 3  ? -2.483  -16.584 5.398   1.00 137.52 ? 12 DT D C7    1 
ATOM 775 C C6    . DT D 4 3  ? -4.554  -15.777 6.497   1.00 136.02 ? 12 DT D C6    1 
ATOM 776 P P     . DC D 4 4  ? -10.013 -15.947 10.207  1.00 179.27 ? 13 DC D P     1 
ATOM 777 O OP1   . DC D 4 4  ? -10.516 -15.637 11.567  1.00 169.22 ? 13 DC D OP1   1 
ATOM 778 O OP2   . DC D 4 4  ? -9.910  -17.350 9.755   1.00 175.48 ? 13 DC D OP2   1 
ATOM 779 O "O5'" . DC D 4 4  ? -10.932 -15.198 9.134   1.00 171.54 ? 13 DC D "O5'" 1 
ATOM 780 C "C5'" . DC D 4 4  ? -10.615 -15.290 7.756   1.00 166.38 ? 13 DC D "C5'" 1 
ATOM 781 C "C4'" . DC D 4 4  ? -11.870 -15.257 6.907   1.00 175.08 ? 13 DC D "C4'" 1 
ATOM 782 O "O4'" . DC D 4 4  ? -11.502 -15.240 5.510   1.00 175.13 ? 13 DC D "O4'" 1 
ATOM 783 C "C3'" . DC D 4 4  ? -12.781 -16.460 7.061   1.00 183.21 ? 13 DC D "C3'" 1 
ATOM 784 O "O3'" . DC D 4 4  ? -14.127 -16.100 6.753   1.00 196.05 ? 13 DC D "O3'" 1 
ATOM 785 C "C2'" . DC D 4 4  ? -12.213 -17.451 6.044   1.00 179.03 ? 13 DC D "C2'" 1 
ATOM 786 C "C1'" . DC D 4 4  ? -11.616 -16.542 4.962   1.00 173.66 ? 13 DC D "C1'" 1 
ATOM 787 N N1    . DC D 4 4  ? -10.261 -16.985 4.507   1.00 168.07 ? 13 DC D N1    1 
ATOM 788 C C2    . DC D 4 4  ? -9.881  -16.838 3.158   1.00 165.57 ? 13 DC D C2    1 
ATOM 789 O O2    . DC D 4 4  ? -10.672 -16.332 2.350   1.00 163.03 ? 13 DC D O2    1 
ATOM 790 N N3    . DC D 4 4  ? -8.646  -17.253 2.778   1.00 160.36 ? 13 DC D N3    1 
ATOM 791 C C4    . DC D 4 4  ? -7.815  -17.794 3.677   1.00 159.70 ? 13 DC D C4    1 
ATOM 792 N N4    . DC D 4 4  ? -6.609  -18.186 3.257   1.00 156.45 ? 13 DC D N4    1 
ATOM 793 C C5    . DC D 4 4  ? -8.185  -17.953 5.050   1.00 156.65 ? 13 DC D C5    1 
ATOM 794 C C6    . DC D 4 4  ? -9.402  -17.541 5.415   1.00 162.24 ? 13 DC D C6    1 
ATOM 795 P P     . DT D 4 5  ? -15.295 -17.202 6.827   1.00 205.14 ? 14 DT D P     1 
ATOM 796 O OP1   . DT D 4 5  ? -16.548 -16.499 7.181   1.00 204.34 ? 14 DT D OP1   1 
ATOM 797 O OP2   . DT D 4 5  ? -14.815 -18.311 7.686   1.00 194.84 ? 14 DT D OP2   1 
ATOM 798 O "O5'" . DT D 4 5  ? -15.412 -17.732 5.318   1.00 186.65 ? 14 DT D "O5'" 1 
ATOM 799 C "C5'" . DT D 4 5  ? -15.773 -16.825 4.279   1.00 187.71 ? 14 DT D "C5'" 1 
ATOM 800 C "C4'" . DT D 4 5  ? -15.465 -17.398 2.902   1.00 190.87 ? 14 DT D "C4'" 1 
ATOM 801 O "O4'" . DT D 4 5  ? -14.059 -17.723 2.797   1.00 188.13 ? 14 DT D "O4'" 1 
ATOM 802 C "C3'" . DT D 4 5  ? -16.226 -18.682 2.526   1.00 195.69 ? 14 DT D "C3'" 1 
ATOM 803 O "O3'" . DT D 4 5  ? -16.928 -18.477 1.298   1.00 200.36 ? 14 DT D "O3'" 1 
ATOM 804 C "C2'" . DT D 4 5  ? -15.114 -19.735 2.369   1.00 187.71 ? 14 DT D "C2'" 1 
ATOM 805 C "C1'" . DT D 4 5  ? -13.934 -18.861 1.984   1.00 184.91 ? 14 DT D "C1'" 1 
ATOM 806 N N1    . DT D 4 5  ? -12.586 -19.474 2.223   1.00 179.28 ? 14 DT D N1    1 
ATOM 807 C C2    . DT D 4 5  ? -11.707 -19.592 1.170   1.00 175.88 ? 14 DT D C2    1 
ATOM 808 O O2    . DT D 4 5  ? -11.973 -19.238 0.034   1.00 174.82 ? 14 DT D O2    1 
ATOM 809 N N3    . DT D 4 5  ? -10.495 -20.145 1.493   1.00 172.30 ? 14 DT D N3    1 
ATOM 810 C C4    . DT D 4 5  ? -10.081 -20.579 2.739   1.00 167.51 ? 14 DT D C4    1 
ATOM 811 O O4    . DT D 4 5  ? -8.970  -21.065 2.930   1.00 164.82 ? 14 DT D O4    1 
ATOM 812 C C5    . DT D 4 5  ? -11.048 -20.419 3.800   1.00 167.20 ? 14 DT D C5    1 
ATOM 813 C C7    . DT D 4 5  ? -10.716 -20.854 5.194   1.00 162.28 ? 14 DT D C7    1 
ATOM 814 C C6    . DT D 4 5  ? -12.238 -19.879 3.495   1.00 172.32 ? 14 DT D C6    1 
ATOM 815 P P     . DG D 4 6  ? -18.481 -18.877 1.161   1.00 208.10 ? 15 DG D P     1 
ATOM 816 O OP1   . DG D 4 6  ? -19.195 -17.698 0.615   1.00 202.58 ? 15 DG D OP1   1 
ATOM 817 O OP2   . DG D 4 6  ? -18.919 -19.484 2.438   1.00 200.56 ? 15 DG D OP2   1 
ATOM 818 O "O5'" . DG D 4 6  ? -18.477 -20.037 0.060   1.00 198.47 ? 15 DG D "O5'" 1 
ATOM 819 C "C5'" . DG D 4 6  ? -18.164 -19.724 -1.288  1.00 192.85 ? 15 DG D "C5'" 1 
ATOM 820 C "C4'" . DG D 4 6  ? -17.336 -20.826 -1.927  1.00 185.94 ? 15 DG D "C4'" 1 
ATOM 821 O "O4'" . DG D 4 6  ? -16.047 -20.901 -1.292  1.00 181.22 ? 15 DG D "O4'" 1 
ATOM 822 C "C3'" . DG D 4 6  ? -17.891 -22.231 -1.775  1.00 180.61 ? 15 DG D "C3'" 1 
ATOM 823 O "O3'" . DG D 4 6  ? -18.901 -22.541 -2.794  1.00 185.23 ? 15 DG D "O3'" 1 
ATOM 824 C "C2'" . DG D 4 6  ? -16.640 -23.114 -1.894  1.00 176.53 ? 15 DG D "C2'" 1 
ATOM 825 C "C1'" . DG D 4 6  ? -15.474 -22.141 -1.640  1.00 176.01 ? 15 DG D "C1'" 1 
ATOM 826 N N9    . DG D 4 6  ? -14.586 -22.586 -0.568  1.00 175.59 ? 15 DG D N9    1 
ATOM 827 C C8    . DG D 4 6  ? -14.923 -22.791 0.745   1.00 178.12 ? 15 DG D C8    1 
ATOM 828 N N7    . DG D 4 6  ? -13.932 -23.220 1.475   1.00 179.24 ? 15 DG D N7    1 
ATOM 829 C C5    . DG D 4 6  ? -12.869 -23.317 0.588   1.00 178.52 ? 15 DG D C5    1 
ATOM 830 C C6    . DG D 4 6  ? -11.527 -23.728 0.810   1.00 174.88 ? 15 DG D C6    1 
ATOM 831 O O6    . DG D 4 6  ? -11.009 -24.100 1.873   1.00 171.07 ? 15 DG D O6    1 
ATOM 832 N N1    . DG D 4 6  ? -10.769 -23.681 -0.358  1.00 170.73 ? 15 DG D N1    1 
ATOM 833 C C2    . DG D 4 6  ? -11.245 -23.285 -1.589  1.00 167.37 ? 15 DG D C2    1 
ATOM 834 N N2    . DG D 4 6  ? -10.365 -23.305 -2.604  1.00 157.70 ? 15 DG D N2    1 
ATOM 835 N N3    . DG D 4 6  ? -12.503 -22.896 -1.810  1.00 170.12 ? 15 DG D N3    1 
ATOM 836 C C4    . DG D 4 6  ? -13.254 -22.938 -0.681  1.00 175.16 ? 15 DG D C4    1 
ATOM 837 P P     . DC D 4 7  ? -18.706 -22.220 -4.368  1.00 200.98 ? 16 DC D P     1 
ATOM 838 O OP1   . DC D 4 7  ? -18.761 -20.757 -4.594  1.00 204.82 ? 16 DC D OP1   1 
ATOM 839 O OP2   . DC D 4 7  ? -19.669 -23.081 -5.089  1.00 195.57 ? 16 DC D OP2   1 
ATOM 840 O "O5'" . DC D 4 7  ? -17.254 -22.785 -4.751  1.00 187.21 ? 16 DC D "O5'" 1 
ATOM 841 C "C5'" . DC D 4 7  ? -17.116 -24.070 -5.374  1.00 171.57 ? 16 DC D "C5'" 1 
ATOM 842 C "C4'" . DC D 4 7  ? -15.649 -24.391 -5.637  1.00 169.17 ? 16 DC D "C4'" 1 
ATOM 843 O "O4'" . DC D 4 7  ? -14.935 -24.426 -4.384  1.00 171.93 ? 16 DC D "O4'" 1 
ATOM 844 C "C3'" . DC D 4 7  ? -15.388 -25.736 -6.321  1.00 163.41 ? 16 DC D "C3'" 1 
ATOM 845 O "O3'" . DC D 4 7  ? -14.799 -25.529 -7.598  1.00 160.87 ? 16 DC D "O3'" 1 
ATOM 846 C "C2'" . DC D 4 7  ? -14.436 -26.489 -5.373  1.00 162.60 ? 16 DC D "C2'" 1 
ATOM 847 C "C1'" . DC D 4 7  ? -13.923 -25.398 -4.442  1.00 167.75 ? 16 DC D "C1'" 1 
ATOM 848 N N1    . DC D 4 7  ? -13.685 -25.873 -3.052  1.00 169.81 ? 16 DC D N1    1 
ATOM 849 C C2    . DC D 4 7  ? -12.426 -26.365 -2.669  1.00 168.28 ? 16 DC D C2    1 
ATOM 850 O O2    . DC D 4 7  ? -11.506 -26.409 -3.498  1.00 165.94 ? 16 DC D O2    1 
ATOM 851 N N3    . DC D 4 7  ? -12.253 -26.783 -1.387  1.00 171.50 ? 16 DC D N3    1 
ATOM 852 C C4    . DC D 4 7  ? -13.267 -26.720 -0.520  1.00 174.75 ? 16 DC D C4    1 
ATOM 853 N N4    . DC D 4 7  ? -13.053 -27.146 0.730   1.00 175.08 ? 16 DC D N4    1 
ATOM 854 C C5    . DC D 4 7  ? -14.546 -26.221 -0.895  1.00 178.38 ? 16 DC D C5    1 
ATOM 855 C C6    . DC D 4 7  ? -14.707 -25.815 -2.155  1.00 173.73 ? 16 DC D C6    1 
# 
loop_
_pdbx_poly_seq_scheme.asym_id 
_pdbx_poly_seq_scheme.entity_id 
_pdbx_poly_seq_scheme.seq_id 
_pdbx_poly_seq_scheme.mon_id 
_pdbx_poly_seq_scheme.ndb_seq_num 
_pdbx_poly_seq_scheme.pdb_seq_num 
_pdbx_poly_seq_scheme.auth_seq_num 
_pdbx_poly_seq_scheme.pdb_mon_id 
_pdbx_poly_seq_scheme.auth_mon_id 
_pdbx_poly_seq_scheme.pdb_strand_id 
_pdbx_poly_seq_scheme.pdb_ins_code 
_pdbx_poly_seq_scheme.hetero 
A 1 1  DG 1  1  1  DG DG A . n 
A 1 2  DA 2  2  2  DA DA A . n 
A 1 3  DG 3  3  3  DG DG A . n 
A 1 4  DC 4  4  4  DC DC A . n 
A 1 5  DA 5  5  5  DA DA A . n 
A 1 6  DG 6  6  6  DG DG A . n 
A 1 7  DA 7  7  7  DA DA A . n 
A 1 8  DC 8  8  8  DC DC A . n 
A 1 9  DC 9  9  9  DC DC A . n 
A 1 10 DA 10 10 10 DA DA A . n 
A 1 11 DG 11 11 11 DG DG A . n 
A 1 12 DA 12 12 12 DA DA A . n 
A 1 13 DC 13 13 13 DC DC A . n 
A 1 14 DG 14 14 14 DG DG A . n 
A 1 15 DC 15 15 15 DC DC A . n 
A 1 16 DC 16 16 16 DC DC A . n 
A 1 17 DA 17 17 17 DA DA A . n 
A 1 18 DC 18 18 18 DC DC A . n 
A 1 19 DT 19 19 19 DT DT A . n 
A 1 20 DC 20 20 20 DC DC A . n 
A 1 21 DA 21 21 21 DA DA A . n 
B 2 1  DC 1  1  1  DC DC B . n 
B 2 2  DG 2  2  2  DG DG B . n 
B 2 3  DT 3  3  3  DT DT B . n 
B 2 4  DC 4  4  4  DC DC B . n 
B 2 5  DT 5  5  5  DT DT B . n 
C 3 1  DT 1  1  1  DT DT C . n 
C 3 2  DC 2  2  2  DC DC C . n 
C 3 3  DT 3  3  3  DT DT C . n 
C 3 4  DG 4  4  4  DG DG C . n 
C 3 5  DA 5  5  5  DA DA C . n 
C 3 6  DG 6  6  6  DG DG C . n 
C 3 7  DT 7  7  7  DT DT C . n 
C 3 8  DG 8  8  8  DG DG C . n 
C 3 9  DG 9  9  9  DG DG C . n 
D 4 1  DG 1  10 10 DG DG D . n 
D 4 2  DG 2  11 11 DG DG D . n 
D 4 3  DT 3  12 12 DT DT D . n 
D 4 4  DC 4  13 13 DC DC D . n 
D 4 5  DT 5  14 14 DT DT D . n 
D 4 6  DG 6  15 15 DG DG D . n 
D 4 7  DC 7  16 16 DC DC D . n 
# 
_pdbx_struct_assembly.id                   1 
_pdbx_struct_assembly.details              author_defined_assembly 
_pdbx_struct_assembly.method_details       ? 
_pdbx_struct_assembly.oligomeric_details   tetrameric 
_pdbx_struct_assembly.oligomeric_count     4 
# 
_pdbx_struct_assembly_gen.assembly_id       1 
_pdbx_struct_assembly_gen.oper_expression   1 
_pdbx_struct_assembly_gen.asym_id_list      A,B,C,D 
# 
_pdbx_struct_oper_list.id                   1 
_pdbx_struct_oper_list.type                 'identity operation' 
_pdbx_struct_oper_list.name                 1_555 
_pdbx_struct_oper_list.symmetry_operation   x,y,z 
_pdbx_struct_oper_list.matrix[1][1]         1.0000000000 
_pdbx_struct_oper_list.matrix[1][2]         0.0000000000 
_pdbx_struct_oper_list.matrix[1][3]         0.0000000000 
_pdbx_struct_oper_list.vector[1]            0.0000000000 
_pdbx_struct_oper_list.matrix[2][1]         0.0000000000 
_pdbx_struct_oper_list.matrix[2][2]         1.0000000000 
_pdbx_struct_oper_list.matrix[2][3]         0.0000000000 
_pdbx_struct_oper_list.vector[2]            0.0000000000 
_pdbx_struct_oper_list.matrix[3][1]         0.0000000000 
_pdbx_struct_oper_list.matrix[3][2]         0.0000000000 
_pdbx_struct_oper_list.matrix[3][3]         1.0000000000 
_pdbx_struct_oper_list.vector[3]            0.0000000000 
# 
loop_
_pdbx_audit_revision_history.ordinal 
_pdbx_audit_revision_history.data_content_type 
_pdbx_audit_revision_history.major_revision 
_pdbx_audit_revision_history.minor_revision 
_pdbx_audit_revision_history.revision_date 
1 'Structure model' 1 0 2021-07-14 
2 'Structure model' 1 1 2022-07-06 
3 'Structure model' 1 2 2023-10-18 
# 
_pdbx_audit_revision_details.ordinal             1 
_pdbx_audit_revision_details.revision_ordinal    1 
_pdbx_audit_revision_details.data_content_type   'Structure model' 
_pdbx_audit_revision_details.provider            repository 
_pdbx_audit_revision_details.type                'Initial release' 
_pdbx_audit_revision_details.description         ? 
_pdbx_audit_revision_details.details             ? 
# 
loop_
_pdbx_audit_revision_group.ordinal 
_pdbx_audit_revision_group.revision_ordinal 
_pdbx_audit_revision_group.data_content_type 
_pdbx_audit_revision_group.group 
1 2 'Structure model' 'Database references'    
2 3 'Structure model' 'Data collection'        
3 3 'Structure model' 'Refinement description' 
# 
loop_
_pdbx_audit_revision_category.ordinal 
_pdbx_audit_revision_category.revision_ordinal 
_pdbx_audit_revision_category.data_content_type 
_pdbx_audit_revision_category.category 
1 2 'Structure model' citation                      
2 2 'Structure model' citation_author               
3 2 'Structure model' database_2                    
4 3 'Structure model' chem_comp_atom                
5 3 'Structure model' chem_comp_bond                
6 3 'Structure model' pdbx_initial_refinement_model 
# 
loop_
_pdbx_audit_revision_item.ordinal 
_pdbx_audit_revision_item.revision_ordinal 
_pdbx_audit_revision_item.data_content_type 
_pdbx_audit_revision_item.item 
1  2 'Structure model' '_citation.country'                   
2  2 'Structure model' '_citation.journal_abbrev'            
3  2 'Structure model' '_citation.journal_id_CSD'            
4  2 'Structure model' '_citation.journal_id_ISSN'           
5  2 'Structure model' '_citation.journal_volume'            
6  2 'Structure model' '_citation.page_first'                
7  2 'Structure model' '_citation.page_last'                 
8  2 'Structure model' '_citation.pdbx_database_id_DOI'      
9  2 'Structure model' '_citation.pdbx_database_id_PubMed'   
10 2 'Structure model' '_citation.title'                     
11 2 'Structure model' '_citation.year'                      
12 2 'Structure model' '_database_2.pdbx_DOI'                
13 2 'Structure model' '_database_2.pdbx_database_accession' 
# 
loop_
_software.citation_id 
_software.classification 
_software.compiler_name 
_software.compiler_version 
_software.contact_author 
_software.contact_author_email 
_software.date 
_software.description 
_software.dependencies 
_software.hardware 
_software.language 
_software.location 
_software.mods 
_software.name 
_software.os 
_software.os_version 
_software.type 
_software.version 
_software.pdbx_ordinal 
? 'data reduction'  ? ? ? ? ? ? ? ? ? ? ? HKL-2000    ? ? ? .           1 
? 'data scaling'    ? ? ? ? ? ? ? ? ? ? ? HKL-2000    ? ? ? .           2 
? refinement        ? ? ? ? ? ? ? ? ? ? ? PHENIX      ? ? ? 1.11.1_2575 3 
? 'data extraction' ? ? ? ? ? ? ? ? ? ? ? PDB_EXTRACT ? ? ? 3.25        4 
? phasing           ? ? ? ? ? ? ? ? ? ? ? PHASER      ? ? ? .           5 
# 
_pdbx_validate_rmsd_angle.id                         1 
_pdbx_validate_rmsd_angle.PDB_model_num              1 
_pdbx_validate_rmsd_angle.auth_atom_id_1             "O4'" 
_pdbx_validate_rmsd_angle.auth_asym_id_1             A 
_pdbx_validate_rmsd_angle.auth_comp_id_1             DG 
_pdbx_validate_rmsd_angle.auth_seq_id_1              1 
_pdbx_validate_rmsd_angle.PDB_ins_code_1             ? 
_pdbx_validate_rmsd_angle.label_alt_id_1             ? 
_pdbx_validate_rmsd_angle.auth_atom_id_2             "C1'" 
_pdbx_validate_rmsd_angle.auth_asym_id_2             A 
_pdbx_validate_rmsd_angle.auth_comp_id_2             DG 
_pdbx_validate_rmsd_angle.auth_seq_id_2              1 
_pdbx_validate_rmsd_angle.PDB_ins_code_2             ? 
_pdbx_validate_rmsd_angle.label_alt_id_2             ? 
_pdbx_validate_rmsd_angle.auth_atom_id_3             N9 
_pdbx_validate_rmsd_angle.auth_asym_id_3             A 
_pdbx_validate_rmsd_angle.auth_comp_id_3             DG 
_pdbx_validate_rmsd_angle.auth_seq_id_3              1 
_pdbx_validate_rmsd_angle.PDB_ins_code_3             ? 
_pdbx_validate_rmsd_angle.label_alt_id_3             ? 
_pdbx_validate_rmsd_angle.angle_value                110.96 
_pdbx_validate_rmsd_angle.angle_target_value         108.30 
_pdbx_validate_rmsd_angle.angle_deviation            2.66 
_pdbx_validate_rmsd_angle.angle_standard_deviation   0.30 
_pdbx_validate_rmsd_angle.linker_flag                N 
# 
loop_
_chem_comp_atom.comp_id 
_chem_comp_atom.atom_id 
_chem_comp_atom.type_symbol 
_chem_comp_atom.pdbx_aromatic_flag 
_chem_comp_atom.pdbx_stereo_config 
_chem_comp_atom.pdbx_ordinal 
DA OP3    O N N 1   
DA P      P N N 2   
DA OP1    O N N 3   
DA OP2    O N N 4   
DA "O5'"  O N N 5   
DA "C5'"  C N N 6   
DA "C4'"  C N R 7   
DA "O4'"  O N N 8   
DA "C3'"  C N S 9   
DA "O3'"  O N N 10  
DA "C2'"  C N N 11  
DA "C1'"  C N R 12  
DA N9     N Y N 13  
DA C8     C Y N 14  
DA N7     N Y N 15  
DA C5     C Y N 16  
DA C6     C Y N 17  
DA N6     N N N 18  
DA N1     N Y N 19  
DA C2     C Y N 20  
DA N3     N Y N 21  
DA C4     C Y N 22  
DA HOP3   H N N 23  
DA HOP2   H N N 24  
DA "H5'"  H N N 25  
DA "H5''" H N N 26  
DA "H4'"  H N N 27  
DA "H3'"  H N N 28  
DA "HO3'" H N N 29  
DA "H2'"  H N N 30  
DA "H2''" H N N 31  
DA "H1'"  H N N 32  
DA H8     H N N 33  
DA H61    H N N 34  
DA H62    H N N 35  
DA H2     H N N 36  
DC OP3    O N N 37  
DC P      P N N 38  
DC OP1    O N N 39  
DC OP2    O N N 40  
DC "O5'"  O N N 41  
DC "C5'"  C N N 42  
DC "C4'"  C N R 43  
DC "O4'"  O N N 44  
DC "C3'"  C N S 45  
DC "O3'"  O N N 46  
DC "C2'"  C N N 47  
DC "C1'"  C N R 48  
DC N1     N N N 49  
DC C2     C N N 50  
DC O2     O N N 51  
DC N3     N N N 52  
DC C4     C N N 53  
DC N4     N N N 54  
DC C5     C N N 55  
DC C6     C N N 56  
DC HOP3   H N N 57  
DC HOP2   H N N 58  
DC "H5'"  H N N 59  
DC "H5''" H N N 60  
DC "H4'"  H N N 61  
DC "H3'"  H N N 62  
DC "HO3'" H N N 63  
DC "H2'"  H N N 64  
DC "H2''" H N N 65  
DC "H1'"  H N N 66  
DC H41    H N N 67  
DC H42    H N N 68  
DC H5     H N N 69  
DC H6     H N N 70  
DG OP3    O N N 71  
DG P      P N N 72  
DG OP1    O N N 73  
DG OP2    O N N 74  
DG "O5'"  O N N 75  
DG "C5'"  C N N 76  
DG "C4'"  C N R 77  
DG "O4'"  O N N 78  
DG "C3'"  C N S 79  
DG "O3'"  O N N 80  
DG "C2'"  C N N 81  
DG "C1'"  C N R 82  
DG N9     N Y N 83  
DG C8     C Y N 84  
DG N7     N Y N 85  
DG C5     C Y N 86  
DG C6     C N N 87  
DG O6     O N N 88  
DG N1     N N N 89  
DG C2     C N N 90  
DG N2     N N N 91  
DG N3     N N N 92  
DG C4     C Y N 93  
DG HOP3   H N N 94  
DG HOP2   H N N 95  
DG "H5'"  H N N 96  
DG "H5''" H N N 97  
DG "H4'"  H N N 98  
DG "H3'"  H N N 99  
DG "HO3'" H N N 100 
DG "H2'"  H N N 101 
DG "H2''" H N N 102 
DG "H1'"  H N N 103 
DG H8     H N N 104 
DG H1     H N N 105 
DG H21    H N N 106 
DG H22    H N N 107 
DT OP3    O N N 108 
DT P      P N N 109 
DT OP1    O N N 110 
DT OP2    O N N 111 
DT "O5'"  O N N 112 
DT "C5'"  C N N 113 
DT "C4'"  C N R 114 
DT "O4'"  O N N 115 
DT "C3'"  C N S 116 
DT "O3'"  O N N 117 
DT "C2'"  C N N 118 
DT "C1'"  C N R 119 
DT N1     N N N 120 
DT C2     C N N 121 
DT O2     O N N 122 
DT N3     N N N 123 
DT C4     C N N 124 
DT O4     O N N 125 
DT C5     C N N 126 
DT C7     C N N 127 
DT C6     C N N 128 
DT HOP3   H N N 129 
DT HOP2   H N N 130 
DT "H5'"  H N N 131 
DT "H5''" H N N 132 
DT "H4'"  H N N 133 
DT "H3'"  H N N 134 
DT "HO3'" H N N 135 
DT "H2'"  H N N 136 
DT "H2''" H N N 137 
DT "H1'"  H N N 138 
DT H3     H N N 139 
DT H71    H N N 140 
DT H72    H N N 141 
DT H73    H N N 142 
DT H6     H N N 143 
# 
loop_
_chem_comp_bond.comp_id 
_chem_comp_bond.atom_id_1 
_chem_comp_bond.atom_id_2 
_chem_comp_bond.value_order 
_chem_comp_bond.pdbx_aromatic_flag 
_chem_comp_bond.pdbx_stereo_config 
_chem_comp_bond.pdbx_ordinal 
DA OP3   P      sing N N 1   
DA OP3   HOP3   sing N N 2   
DA P     OP1    doub N N 3   
DA P     OP2    sing N N 4   
DA P     "O5'"  sing N N 5   
DA OP2   HOP2   sing N N 6   
DA "O5'" "C5'"  sing N N 7   
DA "C5'" "C4'"  sing N N 8   
DA "C5'" "H5'"  sing N N 9   
DA "C5'" "H5''" sing N N 10  
DA "C4'" "O4'"  sing N N 11  
DA "C4'" "C3'"  sing N N 12  
DA "C4'" "H4'"  sing N N 13  
DA "O4'" "C1'"  sing N N 14  
DA "C3'" "O3'"  sing N N 15  
DA "C3'" "C2'"  sing N N 16  
DA "C3'" "H3'"  sing N N 17  
DA "O3'" "HO3'" sing N N 18  
DA "C2'" "C1'"  sing N N 19  
DA "C2'" "H2'"  sing N N 20  
DA "C2'" "H2''" sing N N 21  
DA "C1'" N9     sing N N 22  
DA "C1'" "H1'"  sing N N 23  
DA N9    C8     sing Y N 24  
DA N9    C4     sing Y N 25  
DA C8    N7     doub Y N 26  
DA C8    H8     sing N N 27  
DA N7    C5     sing Y N 28  
DA C5    C6     sing Y N 29  
DA C5    C4     doub Y N 30  
DA C6    N6     sing N N 31  
DA C6    N1     doub Y N 32  
DA N6    H61    sing N N 33  
DA N6    H62    sing N N 34  
DA N1    C2     sing Y N 35  
DA C2    N3     doub Y N 36  
DA C2    H2     sing N N 37  
DA N3    C4     sing Y N 38  
DC OP3   P      sing N N 39  
DC OP3   HOP3   sing N N 40  
DC P     OP1    doub N N 41  
DC P     OP2    sing N N 42  
DC P     "O5'"  sing N N 43  
DC OP2   HOP2   sing N N 44  
DC "O5'" "C5'"  sing N N 45  
DC "C5'" "C4'"  sing N N 46  
DC "C5'" "H5'"  sing N N 47  
DC "C5'" "H5''" sing N N 48  
DC "C4'" "O4'"  sing N N 49  
DC "C4'" "C3'"  sing N N 50  
DC "C4'" "H4'"  sing N N 51  
DC "O4'" "C1'"  sing N N 52  
DC "C3'" "O3'"  sing N N 53  
DC "C3'" "C2'"  sing N N 54  
DC "C3'" "H3'"  sing N N 55  
DC "O3'" "HO3'" sing N N 56  
DC "C2'" "C1'"  sing N N 57  
DC "C2'" "H2'"  sing N N 58  
DC "C2'" "H2''" sing N N 59  
DC "C1'" N1     sing N N 60  
DC "C1'" "H1'"  sing N N 61  
DC N1    C2     sing N N 62  
DC N1    C6     sing N N 63  
DC C2    O2     doub N N 64  
DC C2    N3     sing N N 65  
DC N3    C4     doub N N 66  
DC C4    N4     sing N N 67  
DC C4    C5     sing N N 68  
DC N4    H41    sing N N 69  
DC N4    H42    sing N N 70  
DC C5    C6     doub N N 71  
DC C5    H5     sing N N 72  
DC C6    H6     sing N N 73  
DG OP3   P      sing N N 74  
DG OP3   HOP3   sing N N 75  
DG P     OP1    doub N N 76  
DG P     OP2    sing N N 77  
DG P     "O5'"  sing N N 78  
DG OP2   HOP2   sing N N 79  
DG "O5'" "C5'"  sing N N 80  
DG "C5'" "C4'"  sing N N 81  
DG "C5'" "H5'"  sing N N 82  
DG "C5'" "H5''" sing N N 83  
DG "C4'" "O4'"  sing N N 84  
DG "C4'" "C3'"  sing N N 85  
DG "C4'" "H4'"  sing N N 86  
DG "O4'" "C1'"  sing N N 87  
DG "C3'" "O3'"  sing N N 88  
DG "C3'" "C2'"  sing N N 89  
DG "C3'" "H3'"  sing N N 90  
DG "O3'" "HO3'" sing N N 91  
DG "C2'" "C1'"  sing N N 92  
DG "C2'" "H2'"  sing N N 93  
DG "C2'" "H2''" sing N N 94  
DG "C1'" N9     sing N N 95  
DG "C1'" "H1'"  sing N N 96  
DG N9    C8     sing Y N 97  
DG N9    C4     sing Y N 98  
DG C8    N7     doub Y N 99  
DG C8    H8     sing N N 100 
DG N7    C5     sing Y N 101 
DG C5    C6     sing N N 102 
DG C5    C4     doub Y N 103 
DG C6    O6     doub N N 104 
DG C6    N1     sing N N 105 
DG N1    C2     sing N N 106 
DG N1    H1     sing N N 107 
DG C2    N2     sing N N 108 
DG C2    N3     doub N N 109 
DG N2    H21    sing N N 110 
DG N2    H22    sing N N 111 
DG N3    C4     sing N N 112 
DT OP3   P      sing N N 113 
DT OP3   HOP3   sing N N 114 
DT P     OP1    doub N N 115 
DT P     OP2    sing N N 116 
DT P     "O5'"  sing N N 117 
DT OP2   HOP2   sing N N 118 
DT "O5'" "C5'"  sing N N 119 
DT "C5'" "C4'"  sing N N 120 
DT "C5'" "H5'"  sing N N 121 
DT "C5'" "H5''" sing N N 122 
DT "C4'" "O4'"  sing N N 123 
DT "C4'" "C3'"  sing N N 124 
DT "C4'" "H4'"  sing N N 125 
DT "O4'" "C1'"  sing N N 126 
DT "C3'" "O3'"  sing N N 127 
DT "C3'" "C2'"  sing N N 128 
DT "C3'" "H3'"  sing N N 129 
DT "O3'" "HO3'" sing N N 130 
DT "C2'" "C1'"  sing N N 131 
DT "C2'" "H2'"  sing N N 132 
DT "C2'" "H2''" sing N N 133 
DT "C1'" N1     sing N N 134 
DT "C1'" "H1'"  sing N N 135 
DT N1    C2     sing N N 136 
DT N1    C6     sing N N 137 
DT C2    O2     doub N N 138 
DT C2    N3     sing N N 139 
DT N3    C4     sing N N 140 
DT N3    H3     sing N N 141 
DT C4    O4     doub N N 142 
DT C4    C5     sing N N 143 
DT C5    C7     sing N N 144 
DT C5    C6     doub N N 145 
DT C7    H71    sing N N 146 
DT C7    H72    sing N N 147 
DT C7    H73    sing N N 148 
DT C6    H6     sing N N 149 
# 
loop_
_ndb_struct_conf_na.entry_id 
_ndb_struct_conf_na.feature 
6WRC 'double helix'        
6WRC 'a-form double helix' 
6WRC 'b-form double helix' 
# 
loop_
_ndb_struct_na_base_pair.model_number 
_ndb_struct_na_base_pair.i_label_asym_id 
_ndb_struct_na_base_pair.i_label_comp_id 
_ndb_struct_na_base_pair.i_label_seq_id 
_ndb_struct_na_base_pair.i_symmetry 
_ndb_struct_na_base_pair.j_label_asym_id 
_ndb_struct_na_base_pair.j_label_comp_id 
_ndb_struct_na_base_pair.j_label_seq_id 
_ndb_struct_na_base_pair.j_symmetry 
_ndb_struct_na_base_pair.shear 
_ndb_struct_na_base_pair.stretch 
_ndb_struct_na_base_pair.stagger 
_ndb_struct_na_base_pair.buckle 
_ndb_struct_na_base_pair.propeller 
_ndb_struct_na_base_pair.opening 
_ndb_struct_na_base_pair.pair_number 
_ndb_struct_na_base_pair.pair_name 
_ndb_struct_na_base_pair.i_auth_asym_id 
_ndb_struct_na_base_pair.i_auth_seq_id 
_ndb_struct_na_base_pair.i_PDB_ins_code 
_ndb_struct_na_base_pair.j_auth_asym_id 
_ndb_struct_na_base_pair.j_auth_seq_id 
_ndb_struct_na_base_pair.j_PDB_ins_code 
_ndb_struct_na_base_pair.hbond_type_28 
_ndb_struct_na_base_pair.hbond_type_12 
1 A DG 3  1_555 D DC 7 1_555 -0.108 -0.192 0.435  -0.509 -8.473  -2.801 1  A_DG3:DC16_D A 3  ? D 16 ? 19 1 
1 A DC 4  1_555 D DG 6 1_555 0.179  -0.062 0.026  -1.307 -4.328  -1.079 2  A_DC4:DG15_D A 4  ? D 15 ? 19 1 
1 A DG 6  1_555 D DC 4 1_555 -0.206 -0.123 -0.534 -6.506 -5.221  -0.896 3  A_DG6:DC13_D A 6  ? D 13 ? 19 1 
1 A DA 7  1_555 D DT 3 1_555 0.166  -0.077 -0.614 -6.801 2.256   -5.142 4  A_DA7:DT12_D A 7  ? D 12 ? 20 1 
1 A DC 8  1_555 D DG 2 1_555 0.183  -0.154 0.404  0.084  -0.783  1.068  5  A_DC8:DG11_D A 8  ? D 11 ? 19 1 
1 A DC 9  1_555 D DG 1 1_555 0.187  -0.192 0.636  -2.422 -2.603  2.236  6  A_DC9:DG10_D A 9  ? D 10 ? 19 1 
1 A DA 10 1_555 B DT 5 1_555 0.065  -0.234 0.895  -0.128 -3.439  2.972  7  A_DA10:DT5_B A 10 ? B 5  ? 20 1 
1 A DG 11 1_555 B DC 4 1_555 -0.140 -0.128 0.696  2.756  -5.339  -0.918 8  A_DG11:DC4_B A 11 ? B 4  ? 19 1 
1 A DA 12 1_555 B DT 3 1_555 0.139  -0.130 0.530  4.209  -10.043 -5.236 9  A_DA12:DT3_B A 12 ? B 3  ? 20 1 
1 A DC 13 1_555 B DG 2 1_555 0.129  -0.228 0.666  1.636  -11.549 -3.229 10 A_DC13:DG2_B A 13 ? B 2  ? 19 1 
1 A DG 14 1_555 B DC 1 1_555 -0.175 -0.172 -0.208 3.054  -5.274  -0.559 11 A_DG14:DC1_B A 14 ? B 1  ? 19 1 
1 A DC 15 1_555 C DG 9 1_555 0.197  -0.141 -0.202 -5.953 0.394   1.694  12 A_DC15:DG9_C A 15 ? C 9  ? 19 1 
1 A DC 16 1_555 C DG 8 1_555 0.193  -0.233 0.729  -0.221 -1.824  -1.692 13 A_DC16:DG8_C A 16 ? C 8  ? 19 1 
1 A DA 17 1_555 C DT 7 1_555 0.130  -0.125 0.547  -0.750 -10.137 -4.234 14 A_DA17:DT7_C A 17 ? C 7  ? 20 1 
1 A DC 18 1_555 C DG 6 1_555 0.123  -0.168 0.198  -4.431 -8.736  -0.665 15 A_DC18:DG6_C A 18 ? C 6  ? 19 1 
1 A DT 19 1_555 C DA 5 1_555 -0.249 -0.072 0.063  -3.308 -10.274 -7.484 16 A_DT19:DA5_C A 19 ? C 5  ? 20 1 
1 A DC 20 1_555 C DG 4 1_555 0.154  -0.097 0.049  1.014  -8.183  -1.393 17 A_DC20:DG4_C A 20 ? C 4  ? 19 1 
1 A DA 21 1_555 C DT 3 1_555 0.079  -0.119 -0.326 -2.512 -11.678 0.196  18 A_DA21:DT3_C A 21 ? C 3  ? 20 1 
# 
loop_
_ndb_struct_na_base_pair_step.model_number 
_ndb_struct_na_base_pair_step.i_label_asym_id_1 
_ndb_struct_na_base_pair_step.i_label_comp_id_1 
_ndb_struct_na_base_pair_step.i_label_seq_id_1 
_ndb_struct_na_base_pair_step.i_symmetry_1 
_ndb_struct_na_base_pair_step.j_label_asym_id_1 
_ndb_struct_na_base_pair_step.j_label_comp_id_1 
_ndb_struct_na_base_pair_step.j_label_seq_id_1 
_ndb_struct_na_base_pair_step.j_symmetry_1 
_ndb_struct_na_base_pair_step.i_label_asym_id_2 
_ndb_struct_na_base_pair_step.i_label_comp_id_2 
_ndb_struct_na_base_pair_step.i_label_seq_id_2 
_ndb_struct_na_base_pair_step.i_symmetry_2 
_ndb_struct_na_base_pair_step.j_label_asym_id_2 
_ndb_struct_na_base_pair_step.j_label_comp_id_2 
_ndb_struct_na_base_pair_step.j_label_seq_id_2 
_ndb_struct_na_base_pair_step.j_symmetry_2 
_ndb_struct_na_base_pair_step.shift 
_ndb_struct_na_base_pair_step.slide 
_ndb_struct_na_base_pair_step.rise 
_ndb_struct_na_base_pair_step.tilt 
_ndb_struct_na_base_pair_step.roll 
_ndb_struct_na_base_pair_step.twist 
_ndb_struct_na_base_pair_step.x_displacement 
_ndb_struct_na_base_pair_step.y_displacement 
_ndb_struct_na_base_pair_step.helical_rise 
_ndb_struct_na_base_pair_step.inclination 
_ndb_struct_na_base_pair_step.tip 
_ndb_struct_na_base_pair_step.helical_twist 
_ndb_struct_na_base_pair_step.step_number 
_ndb_struct_na_base_pair_step.step_name 
_ndb_struct_na_base_pair_step.i_auth_asym_id_1 
_ndb_struct_na_base_pair_step.i_auth_seq_id_1 
_ndb_struct_na_base_pair_step.i_PDB_ins_code_1 
_ndb_struct_na_base_pair_step.j_auth_asym_id_1 
_ndb_struct_na_base_pair_step.j_auth_seq_id_1 
_ndb_struct_na_base_pair_step.j_PDB_ins_code_1 
_ndb_struct_na_base_pair_step.i_auth_asym_id_2 
_ndb_struct_na_base_pair_step.i_auth_seq_id_2 
_ndb_struct_na_base_pair_step.i_PDB_ins_code_2 
_ndb_struct_na_base_pair_step.j_auth_asym_id_2 
_ndb_struct_na_base_pair_step.j_auth_seq_id_2 
_ndb_struct_na_base_pair_step.j_PDB_ins_code_2 
1 A DG 3  1_555 D DC 7 1_555 A DC 4  1_555 D DG 6 1_555 0.010  -0.763 3.430 3.577  -1.206 30.998 -1.177 0.697  3.436 -2.245 -6.662 
31.221 1  AA_DG3DC4:DG15DC16_DD A 3  ? D 16 ? A 4  ? D 15 ? 
1 A DC 4  1_555 D DG 6 1_555 A DG 6  1_555 D DC 4 1_555 -0.300 0.715  6.926 -5.100 1.547  63.445 0.534  -0.188 6.944 1.469  4.841  
63.646 2  AA_DC4DG6:DC13DG15_DD A 4  ? D 15 ? A 6  ? D 13 ? 
1 A DG 6  1_555 D DC 4 1_555 A DA 7  1_555 D DT 3 1_555 0.117  -0.810 3.381 -2.612 4.407  42.668 -1.551 -0.424 3.273 6.030  3.574  
42.960 3  AA_DG6DA7:DT12DC13_DD A 6  ? D 13 ? A 7  ? D 12 ? 
1 A DA 7  1_555 D DT 3 1_555 A DC 8  1_555 D DG 2 1_555 0.853  -1.102 3.217 -7.822 4.159  35.524 -2.294 -2.370 2.829 6.689  12.580 
36.577 4  AA_DA7DC8:DG11DT12_DD A 7  ? D 12 ? A 8  ? D 11 ? 
1 A DC 8  1_555 D DG 2 1_555 A DC 9  1_555 D DG 1 1_555 -1.032 -1.126 3.427 -4.810 -0.610 34.108 -1.800 0.940  3.554 -1.034 8.149  
34.441 5  AA_DC8DC9:DG10DG11_DD A 8  ? D 11 ? A 9  ? D 10 ? 
1 A DC 9  1_555 D DG 1 1_555 A DA 10 1_555 B DT 5 1_555 -0.821 -1.453 2.982 -2.443 2.185  17.943 -5.691 1.354  2.871 6.930  7.750  
18.237 6  AA_DC9DA10:DT5DG10_BD A 9  ? D 10 ? A 10 ? B 5  ? 
1 A DA 10 1_555 B DT 5 1_555 A DG 11 1_555 B DC 4 1_555 -0.479 -0.174 3.281 -1.159 1.031  31.367 -0.515 0.666  3.289 1.906  2.143  
31.404 7  AA_DA10DG11:DC4DT5_BB A 10 ? B 5  ? A 11 ? B 4  ? 
1 A DG 11 1_555 B DC 4 1_555 A DA 12 1_555 B DT 3 1_555 0.202  -0.626 3.127 2.144  2.117  36.480 -1.273 -0.041 3.094 3.375  -3.418 
36.600 8  AA_DG11DA12:DT3DC4_BB A 11 ? B 4  ? A 12 ? B 3  ? 
1 A DA 12 1_555 B DT 3 1_555 A DC 13 1_555 B DG 2 1_555 1.034  -1.288 3.287 -3.379 -4.213 38.052 -1.425 -1.998 3.305 -6.422 5.150  
38.419 9  AA_DA12DC13:DG2DT3_BB A 12 ? B 3  ? A 13 ? B 2  ? 
1 A DC 13 1_555 B DG 2 1_555 A DG 14 1_555 B DC 1 1_555 -0.352 -0.657 3.069 1.577  5.241  36.358 -1.702 0.757  2.932 8.341  -2.510 
36.754 10 AA_DC13DG14:DC1DG2_BB A 13 ? B 2  ? A 14 ? B 1  ? 
1 A DG 14 1_555 B DC 1 1_555 A DC 15 1_555 C DG 9 1_555 -1.196 -0.690 3.464 0.397  -0.010 31.834 -1.256 2.258  3.449 -0.019 -0.724 
31.837 11 AA_DG14DC15:DG9DC1_CB A 14 ? B 1  ? A 15 ? C 9  ? 
1 A DC 15 1_555 C DG 9 1_555 A DC 16 1_555 C DG 8 1_555 -0.630 -0.338 3.442 -4.909 5.786  23.865 -2.603 -0.092 3.330 13.560 11.504 
25.026 12 AA_DC15DC16:DG8DG9_CC A 15 ? C 9  ? A 16 ? C 8  ? 
1 A DC 16 1_555 C DG 8 1_555 A DA 17 1_555 C DT 7 1_555 0.130  1.420  3.354 0.383  -4.598 45.301 2.241  -0.134 3.204 -5.951 -0.496 
45.523 13 AA_DC16DA17:DT7DG8_CC A 16 ? C 8  ? A 17 ? C 7  ? 
1 A DA 17 1_555 C DT 7 1_555 A DC 18 1_555 C DG 6 1_555 0.079  -0.662 3.392 -0.836 -0.486 29.879 -1.178 -0.333 3.398 -0.942 1.620  
29.894 14 AA_DA17DC18:DG6DT7_CC A 17 ? C 7  ? A 18 ? C 6  ? 
1 A DC 18 1_555 C DG 6 1_555 A DT 19 1_555 C DA 5 1_555 -0.601 -0.362 3.393 0.567  0.455  36.375 -0.646 1.045  3.379 0.729  -0.909 
36.382 15 AA_DC18DT19:DA5DG6_CC A 18 ? C 6  ? A 19 ? C 5  ? 
1 A DT 19 1_555 C DA 5 1_555 A DC 20 1_555 C DG 4 1_555 0.985  0.780  3.375 4.313  0.936  35.373 1.131  -0.951 3.486 1.533  -7.064 
35.639 16 AA_DT19DC20:DG4DA5_CC A 19 ? C 5  ? A 20 ? C 4  ? 
1 A DC 20 1_555 C DG 4 1_555 A DA 21 1_555 C DT 3 1_555 -0.141 2.005  3.487 -1.300 -2.302 37.670 3.409  0.042  3.366 -3.561 2.010  
37.759 17 AA_DC20DA21:DT3DG4_CC A 20 ? C 4  ? A 21 ? C 3  ? 
# 
loop_
_pdbx_audit_support.funding_organization 
_pdbx_audit_support.country 
_pdbx_audit_support.grant_number 
_pdbx_audit_support.ordinal 
'National Science Foundation (NSF, United States)'                                         'United States' 1360635     1 
'National Institutes of Health/National Institute of General Medical Sciences (NIH/NIGMS)' 'United States' R01GM104960 2 
'National Science Foundation (NSF, United States)'                                         'United States' NSF2004250  3 
# 
_pdbx_initial_refinement_model.id               1 
_pdbx_initial_refinement_model.entity_id_list   ? 
_pdbx_initial_refinement_model.type             'experimental model' 
_pdbx_initial_refinement_model.source_name      PDB 
_pdbx_initial_refinement_model.accession_code   5KEK 
_pdbx_initial_refinement_model.details          ? 
# 
_pdbx_struct_assembly_auth_evidence.id                     1 
_pdbx_struct_assembly_auth_evidence.assembly_id            1 
_pdbx_struct_assembly_auth_evidence.experimental_support   none 
_pdbx_struct_assembly_auth_evidence.details                ? 
# 
